data_1EYF
#
_entry.id   1EYF
#
loop_
_entity.id
_entity.type
_entity.pdbx_description
1 polymer 'ADA REGULATORY PROTEIN'
2 non-polymer 'ZINC ION'
#
_entity_poly.entity_id   1
_entity_poly.type   'polypeptide(L)'
_entity_poly.pdbx_seq_one_letter_code
;MKKATCLTDDQRWQSVLARDPNADGEFVFAVRTTGIFCRPSCRARHALRENVSFYANASEALAAGFRPCKRCQPDKANPR
QHRLDKITHACR
;
_entity_poly.pdbx_strand_id   A
#
loop_
_chem_comp.id
_chem_comp.type
_chem_comp.name
_chem_comp.formula
ZN non-polymer 'ZINC ION' 'Zn 2'
#
# COMPACT_ATOMS: atom_id res chain seq x y z
N MET A 1 23.62 8.41 10.12
CA MET A 1 22.88 8.68 11.34
C MET A 1 22.06 9.99 11.22
N LYS A 2 22.70 11.14 11.51
CA LYS A 2 22.17 12.49 11.27
C LYS A 2 22.65 13.01 9.89
N LYS A 3 22.02 12.51 8.81
CA LYS A 3 22.43 12.74 7.41
C LYS A 3 21.66 11.78 6.46
N ALA A 4 21.46 12.21 5.20
CA ALA A 4 20.75 11.45 4.15
C ALA A 4 20.54 12.31 2.89
N THR A 5 21.61 13.00 2.43
CA THR A 5 21.70 13.66 1.12
C THR A 5 20.44 14.49 0.85
N CYS A 6 19.47 13.91 0.11
CA CYS A 6 18.23 14.57 -0.33
C CYS A 6 17.01 13.65 -0.06
N LEU A 7 16.22 13.96 0.99
CA LEU A 7 15.03 13.22 1.44
C LEU A 7 13.75 13.73 0.74
N THR A 8 13.94 14.38 -0.44
CA THR A 8 12.89 14.93 -1.29
C THR A 8 11.83 13.86 -1.62
N ASP A 9 10.56 14.29 -1.80
CA ASP A 9 9.44 13.45 -2.23
C ASP A 9 9.74 12.71 -3.55
N ASP A 10 10.71 13.24 -4.33
CA ASP A 10 11.39 12.53 -5.42
C ASP A 10 11.72 11.08 -5.02
N GLN A 11 12.77 10.90 -4.18
CA GLN A 11 13.37 9.59 -3.89
C GLN A 11 12.49 8.77 -2.93
N ARG A 12 11.61 9.45 -2.17
CA ARG A 12 10.43 8.84 -1.52
C ARG A 12 9.74 7.85 -2.50
N TRP A 13 9.34 8.41 -3.67
CA TRP A 13 8.73 7.65 -4.77
C TRP A 13 9.77 6.77 -5.50
N GLN A 14 11.08 7.06 -5.37
CA GLN A 14 12.16 6.19 -5.89
C GLN A 14 12.19 4.86 -5.10
N SER A 15 12.29 4.92 -3.76
CA SER A 15 12.19 3.76 -2.85
C SER A 15 10.84 3.00 -3.02
N VAL A 16 9.77 3.75 -3.36
CA VAL A 16 8.38 3.28 -3.47
C VAL A 16 8.10 2.77 -4.89
N LEU A 17 8.82 3.28 -5.91
CA LEU A 17 8.80 2.78 -7.29
C LEU A 17 9.61 1.46 -7.42
N ALA A 18 10.76 1.41 -6.73
CA ALA A 18 11.64 0.23 -6.62
C ALA A 18 10.87 -0.97 -6.03
N ARG A 19 9.77 -0.67 -5.32
CA ARG A 19 8.84 -1.64 -4.70
C ARG A 19 9.45 -2.23 -3.40
N ASP A 20 10.29 -1.44 -2.71
CA ASP A 20 11.16 -1.87 -1.60
C ASP A 20 10.32 -2.64 -0.54
N PRO A 21 10.18 -3.98 -0.64
CA PRO A 21 9.15 -4.76 0.08
C PRO A 21 9.31 -4.69 1.61
N ASN A 22 10.51 -4.29 2.08
CA ASN A 22 10.98 -4.41 3.47
C ASN A 22 11.09 -3.04 4.15
N ALA A 23 10.36 -2.04 3.60
CA ALA A 23 10.36 -0.63 4.05
C ALA A 23 9.21 -0.34 5.03
N ASP A 24 8.57 -1.40 5.56
CA ASP A 24 7.72 -1.35 6.76
C ASP A 24 8.50 -0.83 7.98
N GLY A 25 7.98 0.20 8.66
CA GLY A 25 8.64 0.92 9.76
C GLY A 25 9.48 2.11 9.27
N GLU A 26 10.01 2.02 8.03
CA GLU A 26 10.81 3.05 7.36
C GLU A 26 9.92 4.26 6.98
N PHE A 27 8.68 3.98 6.54
CA PHE A 27 7.62 4.98 6.32
C PHE A 27 6.30 4.29 5.86
N VAL A 28 5.28 5.11 5.52
CA VAL A 28 4.11 4.75 4.70
C VAL A 28 3.92 5.79 3.59
N PHE A 29 3.02 5.52 2.61
CA PHE A 29 2.56 6.49 1.60
C PHE A 29 1.03 6.39 1.41
N ALA A 30 0.38 7.54 1.17
CA ALA A 30 -1.06 7.77 1.34
C ALA A 30 -1.70 8.38 0.06
N VAL A 31 -2.50 7.59 -0.68
CA VAL A 31 -3.17 7.99 -1.92
C VAL A 31 -4.56 8.59 -1.61
N ARG A 32 -4.62 9.93 -1.45
CA ARG A 32 -5.78 10.67 -0.94
C ARG A 32 -7.06 10.31 -1.72
N THR A 33 -6.92 9.82 -2.96
CA THR A 33 -8.00 9.68 -3.95
C THR A 33 -8.87 8.44 -3.64
N THR A 34 -8.26 7.37 -3.08
CA THR A 34 -8.93 6.18 -2.55
C THR A 34 -9.03 6.25 -1.01
N GLY A 35 -8.30 7.18 -0.36
CA GLY A 35 -8.24 7.37 1.10
C GLY A 35 -7.65 6.14 1.81
N ILE A 36 -6.77 5.38 1.13
CA ILE A 36 -5.98 4.27 1.67
C ILE A 36 -4.50 4.72 1.88
N PHE A 37 -3.78 4.01 2.76
CA PHE A 37 -2.32 4.13 2.96
C PHE A 37 -1.63 2.75 2.88
N CYS A 38 -0.32 2.74 2.58
CA CYS A 38 0.47 1.60 2.11
C CYS A 38 1.91 1.64 2.68
N ARG A 39 2.66 0.54 2.45
CA ARG A 39 4.14 0.46 2.47
C ARG A 39 4.66 0.68 1.03
N PRO A 40 5.89 1.19 0.78
CA PRO A 40 6.41 1.49 -0.56
C PRO A 40 6.12 0.43 -1.65
N SER A 41 5.89 -0.83 -1.24
CA SER A 41 5.91 -2.05 -2.06
C SER A 41 4.64 -2.24 -2.91
N CYS A 42 3.74 -1.24 -2.99
CA CYS A 42 2.34 -1.44 -3.43
C CYS A 42 2.32 -1.98 -4.89
N ARG A 43 2.24 -3.31 -5.05
CA ARG A 43 2.58 -4.06 -6.27
C ARG A 43 1.54 -3.81 -7.38
N ALA A 44 0.27 -3.57 -7.02
CA ALA A 44 -0.81 -3.15 -7.92
C ALA A 44 -0.44 -1.86 -8.68
N ARG A 45 -0.86 -1.74 -9.96
CA ARG A 45 -0.45 -0.70 -10.91
C ARG A 45 -0.48 0.69 -10.24
N HIS A 46 0.70 1.26 -9.94
CA HIS A 46 0.92 2.39 -9.02
C HIS A 46 -0.11 3.52 -9.27
N ALA A 47 -0.53 4.21 -8.20
CA ALA A 47 -1.18 5.53 -8.23
C ALA A 47 -0.15 6.66 -8.02
N LEU A 48 -0.17 7.68 -8.90
CA LEU A 48 0.91 8.64 -9.11
C LEU A 48 1.44 9.20 -7.77
N ARG A 49 2.74 9.53 -7.73
CA ARG A 49 3.39 10.34 -6.68
C ARG A 49 2.56 11.59 -6.33
N GLU A 50 1.83 12.13 -7.33
CA GLU A 50 1.17 13.44 -7.30
C GLU A 50 -0.13 13.43 -6.48
N ASN A 51 -0.69 12.23 -6.24
CA ASN A 51 -1.86 11.97 -5.39
C ASN A 51 -1.45 11.31 -4.05
N VAL A 52 -0.13 11.16 -3.81
CA VAL A 52 0.47 10.27 -2.80
C VAL A 52 1.43 11.09 -1.89
N SER A 53 1.32 10.93 -0.56
CA SER A 53 2.17 11.59 0.44
C SER A 53 2.61 10.62 1.56
N PHE A 54 3.74 10.92 2.22
CA PHE A 54 4.57 10.00 3.00
C PHE A 54 4.58 10.36 4.51
N TYR A 55 4.39 9.34 5.37
CA TYR A 55 4.40 9.35 6.84
C TYR A 55 5.60 8.54 7.40
N ALA A 56 5.69 8.51 8.74
CA ALA A 56 6.51 7.58 9.52
C ALA A 56 5.88 6.17 9.56
N ASN A 57 4.56 6.07 9.78
CA ASN A 57 3.81 4.82 9.98
C ASN A 57 2.30 5.01 9.70
N ALA A 58 1.52 3.92 9.86
CA ALA A 58 0.11 3.81 9.50
C ALA A 58 -0.81 4.46 10.56
N SER A 59 -0.30 4.69 11.78
CA SER A 59 -0.94 5.46 12.86
C SER A 59 -0.99 6.97 12.55
N GLU A 60 0.04 7.48 11.86
CA GLU A 60 0.08 8.80 11.22
C GLU A 60 -0.96 8.89 10.09
N ALA A 61 -1.00 7.83 9.26
CA ALA A 61 -1.95 7.66 8.14
C ALA A 61 -3.39 7.44 8.67
N LEU A 62 -3.52 6.86 9.87
CA LEU A 62 -4.74 6.79 10.68
C LEU A 62 -5.12 8.20 11.21
N ALA A 63 -4.09 8.99 11.59
CA ALA A 63 -4.18 10.41 11.96
C ALA A 63 -4.71 11.26 10.78
N ALA A 64 -4.49 10.80 9.54
CA ALA A 64 -5.01 11.40 8.30
C ALA A 64 -6.47 10.96 8.02
N GLY A 65 -6.94 9.93 8.75
CA GLY A 65 -8.31 9.40 8.70
C GLY A 65 -8.51 8.42 7.52
N PHE A 66 -7.47 7.61 7.22
CA PHE A 66 -7.44 6.64 6.12
C PHE A 66 -7.63 5.20 6.66
N ARG A 67 -7.73 4.21 5.75
CA ARG A 67 -7.80 2.77 6.06
C ARG A 67 -6.61 2.00 5.43
N PRO A 68 -6.14 0.89 6.04
CA PRO A 68 -5.08 0.02 5.48
C PRO A 68 -5.43 -0.67 4.15
N CYS A 69 -4.57 -0.49 3.13
CA CYS A 69 -4.68 -1.01 1.76
C CYS A 69 -4.79 -2.55 1.78
N LYS A 70 -5.64 -3.14 0.91
CA LYS A 70 -6.04 -4.55 0.92
C LYS A 70 -4.87 -5.49 0.53
N ARG A 71 -3.69 -4.93 0.21
CA ARG A 71 -2.49 -5.59 -0.33
C ARG A 71 -1.25 -5.36 0.56
N CYS A 72 -1.12 -4.14 1.11
CA CYS A 72 0.10 -3.53 1.68
C CYS A 72 0.18 -3.75 3.20
N GLN A 73 -0.88 -3.34 3.94
CA GLN A 73 -0.85 -3.08 5.39
C GLN A 73 -1.10 -4.38 6.19
N PRO A 74 -2.23 -5.12 6.00
CA PRO A 74 -2.41 -6.50 6.48
C PRO A 74 -1.73 -7.55 5.58
N ASP A 75 -1.67 -7.28 4.26
CA ASP A 75 -1.43 -8.25 3.19
C ASP A 75 -2.69 -9.10 2.91
N LYS A 76 -3.79 -8.46 2.48
CA LYS A 76 -5.13 -9.05 2.41
C LYS A 76 -5.48 -9.41 0.95
N ALA A 77 -4.53 -10.06 0.24
CA ALA A 77 -4.66 -10.48 -1.16
C ALA A 77 -5.69 -11.62 -1.31
N ASN A 78 -6.63 -11.48 -2.27
CA ASN A 78 -7.82 -12.34 -2.43
C ASN A 78 -7.90 -12.90 -3.87
N PRO A 79 -6.78 -13.23 -4.56
CA PRO A 79 -6.73 -13.48 -6.00
C PRO A 79 -7.35 -14.85 -6.38
N ARG A 80 -6.53 -15.92 -6.37
CA ARG A 80 -6.91 -17.35 -6.50
C ARG A 80 -8.38 -17.59 -6.06
N GLN A 81 -8.66 -17.49 -4.75
CA GLN A 81 -9.95 -17.63 -4.08
C GLN A 81 -11.15 -17.55 -5.06
N HIS A 82 -12.00 -18.60 -5.07
CA HIS A 82 -13.35 -18.61 -5.65
C HIS A 82 -14.00 -17.22 -5.62
N ARG A 83 -14.61 -16.80 -6.74
CA ARG A 83 -15.61 -15.71 -6.79
C ARG A 83 -17.05 -16.30 -6.77
N LEU A 84 -17.31 -17.10 -5.72
CA LEU A 84 -18.54 -17.89 -5.49
C LEU A 84 -19.81 -17.08 -5.84
N ASP A 85 -20.91 -17.77 -6.19
CA ASP A 85 -22.11 -17.22 -6.85
C ASP A 85 -22.49 -15.83 -6.30
N LYS A 86 -23.19 -15.80 -5.14
CA LYS A 86 -23.39 -14.63 -4.27
C LYS A 86 -24.51 -14.92 -3.24
N ILE A 87 -25.66 -15.44 -3.71
CA ILE A 87 -26.93 -15.51 -2.96
C ILE A 87 -26.68 -16.19 -1.60
N THR A 88 -27.28 -15.65 -0.53
CA THR A 88 -27.13 -16.13 0.86
C THR A 88 -27.97 -17.40 1.08
N HIS A 89 -27.69 -18.14 2.17
CA HIS A 89 -28.37 -19.38 2.55
C HIS A 89 -28.24 -20.46 1.46
N ALA A 90 -27.22 -21.32 1.56
CA ALA A 90 -26.95 -22.45 0.65
C ALA A 90 -26.54 -23.71 1.44
N CYS A 91 -27.51 -24.41 2.05
CA CYS A 91 -27.33 -25.57 2.92
C CYS A 91 -27.11 -26.84 2.07
N ARG A 92 -27.91 -27.01 0.99
CA ARG A 92 -27.81 -28.11 0.03
C ARG A 92 -28.31 -29.42 0.65
ZN ZN B . -1.12 -0.58 -1.36
N MET A 1 26.59 11.35 4.48
CA MET A 1 26.13 10.01 4.82
C MET A 1 24.87 10.07 5.72
N LYS A 2 24.94 10.88 6.81
CA LYS A 2 23.85 11.15 7.74
C LYS A 2 23.50 9.90 8.56
N LYS A 3 24.36 8.86 8.50
CA LYS A 3 24.09 7.50 8.99
C LYS A 3 22.65 7.07 8.64
N ALA A 4 22.37 6.90 7.33
CA ALA A 4 21.05 6.57 6.77
C ALA A 4 21.06 6.66 5.23
N THR A 5 21.46 7.83 4.68
CA THR A 5 21.87 8.04 3.29
C THR A 5 20.65 8.41 2.42
N CYS A 6 19.91 7.39 1.93
CA CYS A 6 18.95 7.48 0.83
C CYS A 6 17.50 7.53 1.37
N LEU A 7 17.23 8.39 2.38
CA LEU A 7 15.90 8.77 2.87
C LEU A 7 15.34 9.99 2.11
N THR A 8 15.86 10.20 0.87
CA THR A 8 15.41 11.19 -0.11
C THR A 8 14.10 10.74 -0.80
N ASP A 9 13.33 11.69 -1.37
CA ASP A 9 11.97 11.48 -1.89
C ASP A 9 12.00 10.68 -3.21
N ASP A 10 13.06 10.87 -4.03
CA ASP A 10 13.44 9.99 -5.15
C ASP A 10 13.30 8.50 -4.76
N GLN A 11 14.18 8.02 -3.85
CA GLN A 11 14.36 6.60 -3.52
C GLN A 11 13.17 6.10 -2.66
N ARG A 12 12.56 7.00 -1.86
CA ARG A 12 11.24 6.81 -1.25
C ARG A 12 10.26 6.16 -2.25
N TRP A 13 10.04 6.88 -3.39
CA TRP A 13 9.23 6.41 -4.49
C TRP A 13 9.90 5.25 -5.26
N GLN A 14 11.22 5.03 -5.08
CA GLN A 14 11.93 3.87 -5.66
C GLN A 14 11.54 2.57 -4.91
N SER A 15 11.70 2.56 -3.57
CA SER A 15 11.19 1.50 -2.68
C SER A 15 9.67 1.23 -2.86
N VAL A 16 8.91 2.29 -3.21
CA VAL A 16 7.45 2.29 -3.36
C VAL A 16 7.04 1.87 -4.79
N LEU A 17 7.84 2.24 -5.81
CA LEU A 17 7.67 1.82 -7.21
C LEU A 17 8.01 0.32 -7.38
N ALA A 18 9.05 -0.14 -6.65
CA ALA A 18 9.42 -1.56 -6.50
C ALA A 18 8.23 -2.37 -5.94
N ARG A 19 7.27 -1.67 -5.32
CA ARG A 19 6.05 -2.23 -4.74
C ARG A 19 6.39 -3.18 -3.58
N ASP A 20 7.55 -2.95 -2.94
CA ASP A 20 8.25 -3.88 -2.03
C ASP A 20 7.43 -4.11 -0.74
N PRO A 21 6.65 -5.21 -0.61
CA PRO A 21 5.64 -5.39 0.43
C PRO A 21 6.25 -5.40 1.85
N ASN A 22 7.58 -5.53 1.96
CA ASN A 22 8.34 -5.81 3.19
C ASN A 22 8.97 -4.51 3.75
N ALA A 23 8.40 -3.35 3.40
CA ALA A 23 8.68 -2.04 4.00
C ALA A 23 7.43 -1.48 4.72
N ASP A 24 6.60 -2.39 5.28
CA ASP A 24 5.53 -2.13 6.24
C ASP A 24 5.97 -1.09 7.30
N GLY A 25 6.39 -1.58 8.48
CA GLY A 25 7.02 -0.84 9.59
C GLY A 25 7.97 0.28 9.11
N GLU A 26 8.60 0.12 7.94
CA GLU A 26 9.69 0.96 7.42
C GLU A 26 9.20 2.40 7.19
N PHE A 27 7.96 2.53 6.69
CA PHE A 27 7.26 3.81 6.46
C PHE A 27 5.80 3.58 5.99
N VAL A 28 5.10 4.71 5.71
CA VAL A 28 3.87 4.79 4.91
C VAL A 28 4.04 5.86 3.81
N PHE A 29 3.04 6.01 2.92
CA PHE A 29 2.89 7.17 2.03
C PHE A 29 1.40 7.57 1.88
N ALA A 30 1.15 8.86 1.55
CA ALA A 30 -0.12 9.57 1.73
C ALA A 30 -0.53 10.35 0.46
N VAL A 31 -1.56 9.89 -0.27
CA VAL A 31 -2.10 10.53 -1.47
C VAL A 31 -3.20 11.54 -1.09
N ARG A 32 -2.81 12.82 -0.87
CA ARG A 32 -3.64 13.89 -0.30
C ARG A 32 -4.99 13.99 -1.05
N THR A 33 -5.04 13.53 -2.31
CA THR A 33 -6.14 13.72 -3.25
C THR A 33 -7.38 12.90 -2.82
N THR A 34 -7.17 11.66 -2.33
CA THR A 34 -8.16 10.83 -1.64
C THR A 34 -7.98 10.90 -0.10
N GLY A 35 -6.97 11.66 0.37
CA GLY A 35 -6.57 11.80 1.80
C GLY A 35 -6.59 10.40 2.46
N ILE A 36 -6.20 9.38 1.64
CA ILE A 36 -5.88 8.01 2.06
C ILE A 36 -4.35 7.89 2.31
N PHE A 37 -3.94 6.93 3.16
CA PHE A 37 -2.56 6.49 3.35
C PHE A 37 -2.42 4.96 3.17
N CYS A 38 -1.22 4.49 2.81
CA CYS A 38 -0.88 3.15 2.33
C CYS A 38 0.44 2.66 2.96
N ARG A 39 0.76 1.37 2.72
CA ARG A 39 2.09 0.76 2.80
C ARG A 39 2.79 0.89 1.42
N PRO A 40 4.13 0.82 1.30
CA PRO A 40 4.86 0.98 0.02
C PRO A 40 4.33 0.13 -1.15
N SER A 41 3.54 -0.92 -0.85
CA SER A 41 3.25 -2.06 -1.74
C SER A 41 2.00 -1.82 -2.61
N CYS A 42 1.51 -0.56 -2.75
CA CYS A 42 0.14 -0.27 -3.21
C CYS A 42 -0.05 -0.73 -4.67
N ARG A 43 -0.81 -1.83 -4.88
CA ARG A 43 -0.82 -2.64 -6.10
C ARG A 43 -1.48 -1.90 -7.27
N ALA A 44 -2.73 -1.42 -7.08
CA ALA A 44 -3.48 -0.61 -8.05
C ALA A 44 -2.58 0.51 -8.64
N ARG A 45 -2.77 0.83 -9.93
CA ARG A 45 -1.95 1.76 -10.72
C ARG A 45 -1.59 3.02 -9.90
N HIS A 46 -0.34 3.12 -9.43
CA HIS A 46 0.12 4.04 -8.38
C HIS A 46 -0.48 5.45 -8.56
N ALA A 47 -0.78 6.14 -7.45
CA ALA A 47 -1.02 7.59 -7.38
C ALA A 47 0.30 8.37 -7.29
N LEU A 48 0.50 9.37 -8.19
CA LEU A 48 1.78 10.00 -8.49
C LEU A 48 2.53 10.37 -7.19
N ARG A 49 3.87 10.24 -7.21
CA ARG A 49 4.80 10.77 -6.19
C ARG A 49 4.43 12.20 -5.78
N GLU A 50 3.86 12.98 -6.73
CA GLU A 50 3.69 14.43 -6.66
C GLU A 50 2.52 14.83 -5.74
N ASN A 51 1.57 13.89 -5.54
CA ASN A 51 0.48 13.94 -4.57
C ASN A 51 0.81 13.14 -3.28
N VAL A 52 1.86 12.29 -3.34
CA VAL A 52 2.24 11.31 -2.32
C VAL A 52 3.35 11.87 -1.43
N SER A 53 3.22 11.71 -0.10
CA SER A 53 4.26 11.99 0.91
C SER A 53 4.28 10.92 2.02
N PHE A 54 5.45 10.75 2.67
CA PHE A 54 5.84 9.56 3.46
C PHE A 54 5.99 9.87 4.96
N TYR A 55 5.51 8.94 5.81
CA TYR A 55 5.57 8.89 7.27
C TYR A 55 6.39 7.69 7.78
N ALA A 56 6.53 7.60 9.12
CA ALA A 56 6.99 6.41 9.85
C ALA A 56 5.92 5.31 9.86
N ASN A 57 4.63 5.66 10.08
CA ASN A 57 3.48 4.74 10.13
C ASN A 57 2.15 5.48 9.91
N ALA A 58 1.04 4.72 9.95
CA ALA A 58 -0.32 5.13 9.57
C ALA A 58 -1.01 5.92 10.71
N SER A 59 -0.43 5.90 11.91
CA SER A 59 -0.77 6.76 13.07
C SER A 59 -0.31 8.22 12.83
N GLU A 60 0.89 8.40 12.26
CA GLU A 60 1.40 9.68 11.73
C GLU A 60 0.48 10.17 10.57
N ALA A 61 0.06 9.21 9.71
CA ALA A 61 -0.83 9.43 8.57
C ALA A 61 -2.28 9.68 9.05
N LEU A 62 -2.65 9.08 10.21
CA LEU A 62 -3.84 9.41 11.01
C LEU A 62 -3.69 10.82 11.62
N ALA A 63 -2.47 11.17 12.05
CA ALA A 63 -2.03 12.51 12.44
C ALA A 63 -2.08 13.50 11.25
N ALA A 64 -2.13 12.95 10.01
CA ALA A 64 -2.39 13.69 8.77
C ALA A 64 -3.90 13.89 8.55
N GLY A 65 -4.75 13.18 9.33
CA GLY A 65 -6.22 13.26 9.24
C GLY A 65 -6.86 12.09 8.43
N PHE A 66 -5.99 11.32 7.75
CA PHE A 66 -6.32 10.42 6.63
C PHE A 66 -6.92 9.09 7.12
N ARG A 67 -7.48 8.31 6.17
CA ARG A 67 -8.17 7.02 6.37
C ARG A 67 -7.40 5.85 5.69
N PRO A 68 -7.46 4.61 6.22
CA PRO A 68 -6.74 3.45 5.68
C PRO A 68 -7.22 2.97 4.29
N CYS A 69 -6.31 2.90 3.31
CA CYS A 69 -6.51 2.38 1.95
C CYS A 69 -7.18 0.99 1.99
N LYS A 70 -8.00 0.67 0.97
CA LYS A 70 -8.81 -0.57 0.90
C LYS A 70 -7.96 -1.74 0.35
N ARG A 71 -6.64 -1.56 0.27
CA ARG A 71 -5.70 -2.36 -0.53
C ARG A 71 -4.43 -2.69 0.28
N CYS A 72 -3.89 -1.70 1.03
CA CYS A 72 -2.68 -1.83 1.86
C CYS A 72 -3.04 -1.97 3.34
N GLN A 73 -3.49 -0.87 4.00
CA GLN A 73 -3.50 -0.71 5.46
C GLN A 73 -4.17 -1.94 6.13
N PRO A 74 -5.41 -2.33 5.75
CA PRO A 74 -6.05 -3.60 6.16
C PRO A 74 -5.81 -4.75 5.16
N ASP A 75 -6.78 -5.03 4.27
CA ASP A 75 -6.67 -5.94 3.11
C ASP A 75 -8.03 -6.05 2.38
N LYS A 76 -8.66 -4.89 2.08
CA LYS A 76 -10.08 -4.76 1.74
C LYS A 76 -10.31 -4.90 0.23
N ALA A 77 -9.56 -5.80 -0.44
CA ALA A 77 -9.80 -6.28 -1.80
C ALA A 77 -11.22 -6.88 -1.94
N ASN A 78 -11.79 -6.82 -3.16
CA ASN A 78 -13.18 -7.20 -3.47
C ASN A 78 -13.28 -7.83 -4.87
N PRO A 79 -12.52 -8.92 -5.18
CA PRO A 79 -12.50 -9.57 -6.50
C PRO A 79 -13.85 -10.25 -6.85
N ARG A 80 -14.57 -9.69 -7.84
CA ARG A 80 -15.79 -10.25 -8.48
C ARG A 80 -15.91 -11.77 -8.30
N GLN A 81 -15.05 -12.54 -8.99
CA GLN A 81 -14.93 -14.00 -8.88
C GLN A 81 -16.26 -14.69 -9.24
N HIS A 82 -16.30 -16.04 -9.13
CA HIS A 82 -17.40 -16.89 -9.58
C HIS A 82 -18.36 -17.26 -8.42
N ARG A 83 -18.30 -16.49 -7.32
CA ARG A 83 -18.96 -16.78 -6.04
C ARG A 83 -18.71 -18.23 -5.60
N LEU A 84 -17.65 -18.46 -4.81
CA LEU A 84 -17.12 -19.77 -4.40
C LEU A 84 -15.87 -19.64 -3.48
N ASP A 85 -16.03 -19.97 -2.18
CA ASP A 85 -14.97 -19.99 -1.17
C ASP A 85 -15.24 -21.07 -0.10
N LYS A 86 -14.86 -20.79 1.16
CA LYS A 86 -15.25 -21.55 2.35
C LYS A 86 -14.68 -22.98 2.29
N ILE A 87 -15.08 -23.84 3.25
CA ILE A 87 -14.75 -25.27 3.31
C ILE A 87 -16.06 -26.09 3.40
N THR A 88 -16.98 -25.85 2.46
CA THR A 88 -18.24 -26.59 2.27
C THR A 88 -17.93 -28.08 1.97
N HIS A 89 -18.97 -28.93 1.95
CA HIS A 89 -18.92 -30.34 1.54
C HIS A 89 -18.56 -30.46 0.04
N ALA A 90 -17.62 -31.37 -0.29
CA ALA A 90 -17.19 -31.70 -1.66
C ALA A 90 -16.55 -30.47 -2.34
N CYS A 91 -16.21 -30.59 -3.64
CA CYS A 91 -15.60 -29.55 -4.47
C CYS A 91 -16.24 -29.53 -5.87
N ARG A 92 -17.58 -29.70 -5.94
CA ARG A 92 -18.34 -29.93 -7.18
C ARG A 92 -19.81 -29.54 -6.95
ZN ZN B . -2.90 1.39 -0.98
N MET A 1 22.12 23.34 5.31
CA MET A 1 21.76 24.55 6.03
C MET A 1 20.23 24.77 6.00
N LYS A 2 19.58 24.44 4.87
CA LYS A 2 18.12 24.42 4.69
C LYS A 2 17.67 23.10 4.04
N LYS A 3 18.45 22.02 4.25
CA LYS A 3 18.32 20.72 3.56
C LYS A 3 18.74 19.57 4.50
N ALA A 4 18.89 18.34 3.95
CA ALA A 4 19.49 17.18 4.60
C ALA A 4 19.45 15.94 3.69
N THR A 5 19.49 14.73 4.27
CA THR A 5 19.44 13.43 3.59
C THR A 5 18.26 13.41 2.58
N CYS A 6 18.30 12.48 1.61
CA CYS A 6 17.38 12.39 0.48
C CYS A 6 16.32 11.29 0.73
N LEU A 7 15.50 11.47 1.78
CA LEU A 7 14.33 10.64 2.12
C LEU A 7 13.06 11.19 1.43
N THR A 8 13.25 12.00 0.37
CA THR A 8 12.21 12.71 -0.38
C THR A 8 11.19 11.72 -0.98
N ASP A 9 10.01 12.23 -1.41
CA ASP A 9 8.86 11.45 -1.86
C ASP A 9 9.17 10.66 -3.15
N ASP A 10 10.10 11.18 -3.98
CA ASP A 10 10.71 10.50 -5.12
C ASP A 10 11.05 9.03 -4.77
N GLN A 11 12.11 8.82 -3.95
CA GLN A 11 12.70 7.51 -3.68
C GLN A 11 11.79 6.70 -2.74
N ARG A 12 10.94 7.38 -1.94
CA ARG A 12 9.75 6.82 -1.29
C ARG A 12 9.01 5.87 -2.25
N TRP A 13 8.59 6.42 -3.42
CA TRP A 13 7.97 5.65 -4.50
C TRP A 13 8.98 4.76 -5.24
N GLN A 14 10.31 5.03 -5.11
CA GLN A 14 11.37 4.12 -5.61
C GLN A 14 11.34 2.79 -4.85
N SER A 15 11.53 2.82 -3.52
CA SER A 15 11.51 1.65 -2.63
C SER A 15 10.12 0.96 -2.54
N VAL A 16 9.07 1.69 -2.98
CA VAL A 16 7.71 1.20 -3.17
C VAL A 16 7.52 0.59 -4.58
N LEU A 17 8.11 1.21 -5.62
CA LEU A 17 8.12 0.70 -7.01
C LEU A 17 8.95 -0.60 -7.11
N ALA A 18 10.07 -0.65 -6.36
CA ALA A 18 10.93 -1.82 -6.15
C ALA A 18 10.18 -2.95 -5.41
N ARG A 19 9.02 -2.60 -4.81
CA ARG A 19 8.12 -3.51 -4.08
C ARG A 19 8.92 -4.30 -3.00
N ASP A 20 9.93 -3.62 -2.41
CA ASP A 20 10.92 -4.17 -1.48
C ASP A 20 10.22 -4.85 -0.28
N PRO A 21 10.06 -6.19 -0.25
CA PRO A 21 9.13 -6.92 0.64
C PRO A 21 9.42 -6.66 2.14
N ASN A 22 10.69 -6.34 2.46
CA ASN A 22 11.27 -6.27 3.81
C ASN A 22 11.15 -4.84 4.39
N ALA A 23 10.39 -3.96 3.71
CA ALA A 23 10.20 -2.55 4.07
C ALA A 23 9.08 -2.37 5.13
N ASP A 24 8.52 -3.49 5.61
CA ASP A 24 7.72 -3.56 6.85
C ASP A 24 8.52 -3.01 8.05
N GLY A 25 8.06 -1.89 8.63
CA GLY A 25 8.72 -1.15 9.73
C GLY A 25 9.33 0.18 9.25
N GLU A 26 9.87 0.20 8.01
CA GLU A 26 10.60 1.34 7.41
C GLU A 26 9.64 2.50 7.09
N PHE A 27 8.43 2.16 6.60
CA PHE A 27 7.30 3.09 6.40
C PHE A 27 6.01 2.34 6.00
N VAL A 28 4.92 3.12 5.77
CA VAL A 28 3.72 2.73 5.02
C VAL A 28 3.49 3.74 3.87
N PHE A 29 2.50 3.46 2.98
CA PHE A 29 1.95 4.41 2.02
C PHE A 29 0.41 4.29 1.91
N ALA A 30 -0.27 5.39 1.56
CA ALA A 30 -1.71 5.62 1.76
C ALA A 30 -2.38 6.16 0.47
N VAL A 31 -3.20 5.33 -0.21
CA VAL A 31 -3.89 5.66 -1.47
C VAL A 31 -5.25 6.30 -1.17
N ARG A 32 -5.38 7.63 -1.38
CA ARG A 32 -6.49 8.47 -0.91
C ARG A 32 -7.84 8.01 -1.52
N THR A 33 -7.80 7.29 -2.65
CA THR A 33 -8.92 7.06 -3.57
C THR A 33 -9.53 5.65 -3.36
N THR A 34 -8.82 4.77 -2.63
CA THR A 34 -9.32 3.48 -2.13
C THR A 34 -9.67 3.57 -0.63
N GLY A 35 -9.08 4.54 0.09
CA GLY A 35 -9.14 4.68 1.55
C GLY A 35 -8.46 3.50 2.27
N ILE A 36 -7.33 3.00 1.69
CA ILE A 36 -6.49 1.92 2.23
C ILE A 36 -5.06 2.44 2.45
N PHE A 37 -4.28 1.76 3.32
CA PHE A 37 -2.83 1.89 3.48
C PHE A 37 -2.13 0.51 3.40
N CYS A 38 -0.82 0.52 3.09
CA CYS A 38 -0.01 -0.64 2.66
C CYS A 38 1.41 -0.56 3.24
N ARG A 39 2.21 -1.63 3.00
CA ARG A 39 3.68 -1.66 3.06
C ARG A 39 4.25 -1.52 1.63
N PRO A 40 5.48 -1.02 1.38
CA PRO A 40 5.99 -0.71 0.03
C PRO A 40 5.86 -1.84 -1.01
N SER A 41 5.59 -3.08 -0.56
CA SER A 41 5.68 -4.33 -1.32
C SER A 41 4.39 -4.64 -2.12
N CYS A 42 3.46 -3.68 -2.26
CA CYS A 42 2.05 -3.97 -2.65
C CYS A 42 1.99 -4.58 -4.06
N ARG A 43 2.04 -5.93 -4.15
CA ARG A 43 2.28 -6.69 -5.39
C ARG A 43 1.08 -6.55 -6.36
N ALA A 44 -0.14 -6.43 -5.82
CA ALA A 44 -1.35 -6.00 -6.53
C ALA A 44 -1.22 -4.53 -7.01
N ARG A 45 -1.39 -4.30 -8.33
CA ARG A 45 -1.14 -3.03 -9.02
C ARG A 45 -1.72 -1.84 -8.21
N HIS A 46 -0.87 -0.83 -7.91
CA HIS A 46 -1.14 0.26 -6.97
C HIS A 46 -1.50 1.56 -7.70
N ALA A 47 -2.57 2.24 -7.25
CA ALA A 47 -2.89 3.65 -7.57
C ALA A 47 -1.62 4.53 -7.50
N LEU A 48 -1.46 5.46 -8.47
CA LEU A 48 -0.20 6.14 -8.78
C LEU A 48 0.41 6.79 -7.52
N ARG A 49 1.71 7.13 -7.58
CA ARG A 49 2.42 8.08 -6.71
C ARG A 49 1.50 9.25 -6.30
N GLU A 50 0.82 9.84 -7.30
CA GLU A 50 0.16 11.15 -7.24
C GLU A 50 -1.03 11.14 -6.26
N ASN A 51 -1.55 9.95 -5.93
CA ASN A 51 -2.66 9.70 -5.00
C ASN A 51 -2.14 9.14 -3.65
N VAL A 52 -0.95 8.50 -3.67
CA VAL A 52 -0.32 7.80 -2.56
C VAL A 52 0.62 8.73 -1.77
N SER A 53 0.60 8.62 -0.42
CA SER A 53 1.50 9.32 0.50
C SER A 53 1.93 8.41 1.68
N PHE A 54 3.08 8.75 2.31
CA PHE A 54 3.87 7.86 3.17
C PHE A 54 3.86 8.30 4.66
N TYR A 55 3.81 7.31 5.57
CA TYR A 55 3.92 7.38 7.03
C TYR A 55 5.17 6.62 7.56
N ALA A 56 5.31 6.61 8.90
CA ALA A 56 6.16 5.69 9.66
C ALA A 56 5.51 4.29 9.79
N ASN A 57 4.20 4.24 10.14
CA ASN A 57 3.43 3.01 10.36
C ASN A 57 1.94 3.22 10.01
N ALA A 58 1.13 2.13 10.13
CA ALA A 58 -0.27 2.07 9.69
C ALA A 58 -1.22 2.75 10.71
N SER A 59 -0.72 3.05 11.92
CA SER A 59 -1.39 3.83 12.98
C SER A 59 -1.47 5.33 12.61
N GLU A 60 -0.40 5.87 12.01
CA GLU A 60 -0.36 7.19 11.36
C GLU A 60 -1.35 7.22 10.15
N ALA A 61 -1.33 6.11 9.36
CA ALA A 61 -2.22 5.88 8.22
C ALA A 61 -3.68 5.67 8.70
N LEU A 62 -3.85 5.10 9.92
CA LEU A 62 -5.11 5.01 10.66
C LEU A 62 -5.54 6.40 11.19
N ALA A 63 -4.54 7.20 11.62
CA ALA A 63 -4.64 8.64 11.87
C ALA A 63 -5.12 9.40 10.62
N ALA A 64 -4.85 8.81 9.43
CA ALA A 64 -5.30 9.30 8.11
C ALA A 64 -6.71 8.77 7.76
N GLY A 65 -7.25 7.83 8.57
CA GLY A 65 -8.64 7.34 8.45
C GLY A 65 -8.71 5.91 7.86
N PHE A 66 -7.62 5.48 7.19
CA PHE A 66 -7.57 4.37 6.23
C PHE A 66 -7.50 3.01 6.94
N ARG A 67 -8.03 1.95 6.28
CA ARG A 67 -8.04 0.56 6.74
C ARG A 67 -6.93 -0.27 6.06
N PRO A 68 -6.38 -1.33 6.71
CA PRO A 68 -5.39 -2.26 6.15
C PRO A 68 -5.81 -2.97 4.84
N CYS A 69 -4.95 -2.86 3.80
CA CYS A 69 -5.03 -3.53 2.49
C CYS A 69 -5.09 -5.06 2.65
N LYS A 70 -5.87 -5.76 1.81
CA LYS A 70 -6.22 -7.19 1.91
C LYS A 70 -5.01 -8.10 1.66
N ARG A 71 -3.85 -7.52 1.32
CA ARG A 71 -2.62 -8.18 0.82
C ARG A 71 -1.37 -7.80 1.65
N CYS A 72 -1.29 -6.52 2.09
CA CYS A 72 -0.11 -5.81 2.58
C CYS A 72 0.01 -5.89 4.12
N GLN A 73 -1.04 -5.42 4.82
CA GLN A 73 -1.01 -5.00 6.23
C GLN A 73 -1.22 -6.21 7.18
N PRO A 74 -2.31 -7.01 7.04
CA PRO A 74 -2.46 -8.32 7.70
C PRO A 74 -1.67 -9.44 7.00
N ASP A 75 -1.36 -9.24 5.69
CA ASP A 75 -0.91 -10.27 4.75
C ASP A 75 -2.05 -11.27 4.43
N LYS A 76 -3.21 -10.77 3.97
CA LYS A 76 -4.49 -11.50 3.95
C LYS A 76 -4.81 -11.97 2.52
N ALA A 77 -3.78 -12.36 1.74
CA ALA A 77 -3.88 -13.03 0.45
C ALA A 77 -4.26 -14.51 0.61
N ASN A 78 -4.63 -15.19 -0.50
CA ASN A 78 -5.14 -16.56 -0.54
C ASN A 78 -4.85 -17.22 -1.91
N PRO A 79 -5.23 -18.50 -2.15
CA PRO A 79 -5.32 -19.11 -3.48
C PRO A 79 -6.07 -18.21 -4.50
N ARG A 80 -5.33 -17.57 -5.41
CA ARG A 80 -5.74 -16.78 -6.58
C ARG A 80 -6.96 -17.30 -7.37
N GLN A 81 -7.08 -16.78 -8.63
CA GLN A 81 -8.24 -16.80 -9.53
C GLN A 81 -9.49 -17.42 -8.87
N HIS A 82 -10.26 -16.60 -8.12
CA HIS A 82 -11.60 -16.91 -7.63
C HIS A 82 -12.65 -15.90 -8.16
N ARG A 83 -12.20 -14.67 -8.48
CA ARG A 83 -13.03 -13.47 -8.62
C ARG A 83 -14.28 -13.54 -7.70
N LEU A 84 -14.01 -13.74 -6.39
CA LEU A 84 -14.97 -14.09 -5.33
C LEU A 84 -16.31 -13.36 -5.51
N ASP A 85 -17.37 -14.11 -5.89
CA ASP A 85 -18.69 -13.61 -6.31
C ASP A 85 -19.66 -13.54 -5.12
N LYS A 86 -20.79 -12.81 -5.29
CA LYS A 86 -21.99 -12.87 -4.44
C LYS A 86 -21.83 -11.97 -3.20
N ILE A 87 -22.74 -11.00 -3.02
CA ILE A 87 -22.98 -10.25 -1.79
C ILE A 87 -21.62 -9.73 -1.23
N THR A 88 -21.13 -8.61 -1.78
CA THR A 88 -19.80 -8.05 -1.52
C THR A 88 -19.67 -7.68 -0.02
N HIS A 89 -20.74 -7.13 0.57
CA HIS A 89 -20.82 -6.69 1.98
C HIS A 89 -22.26 -6.83 2.52
N ALA A 90 -23.11 -5.80 2.26
CA ALA A 90 -24.54 -5.78 2.58
C ALA A 90 -25.38 -5.61 1.29
N CYS A 91 -25.56 -4.35 0.85
CA CYS A 91 -26.39 -3.97 -0.31
C CYS A 91 -26.57 -2.43 -0.35
N ARG A 92 -26.41 -1.83 -1.55
CA ARG A 92 -26.62 -0.40 -1.82
C ARG A 92 -28.02 -0.16 -2.40
ZN ZN B . -1.48 -3.16 -0.67
N MET A 1 19.43 21.93 -1.20
CA MET A 1 20.69 22.11 -0.48
C MET A 1 21.64 20.92 -0.75
N LYS A 2 21.08 19.76 -1.14
CA LYS A 2 21.80 18.60 -1.67
C LYS A 2 22.71 17.98 -0.58
N LYS A 3 22.12 17.48 0.51
CA LYS A 3 22.80 16.88 1.67
C LYS A 3 22.13 15.55 2.08
N ALA A 4 21.24 15.00 1.24
CA ALA A 4 20.40 13.83 1.54
C ALA A 4 21.28 12.59 1.81
N THR A 5 21.44 11.71 0.79
CA THR A 5 21.98 10.35 0.89
C THR A 5 21.64 9.73 2.27
N CYS A 6 20.35 9.80 2.66
CA CYS A 6 19.85 9.55 4.02
C CYS A 6 18.62 8.61 3.98
N LEU A 7 17.84 8.61 5.08
CA LEU A 7 16.48 8.04 5.17
C LEU A 7 15.41 9.09 4.80
N THR A 8 15.83 10.12 4.02
CA THR A 8 15.00 11.19 3.47
C THR A 8 13.89 10.61 2.56
N ASP A 9 12.90 11.46 2.18
CA ASP A 9 11.71 11.08 1.42
C ASP A 9 12.06 10.53 0.03
N ASP A 10 13.25 10.89 -0.49
CA ASP A 10 13.91 10.26 -1.64
C ASP A 10 13.82 8.72 -1.56
N GLN A 11 14.64 8.11 -0.68
CA GLN A 11 14.86 6.66 -0.62
C GLN A 11 13.66 5.95 0.06
N ARG A 12 12.84 6.71 0.82
CA ARG A 12 11.47 6.34 1.18
C ARG A 12 10.72 5.76 -0.05
N TRP A 13 10.71 6.59 -1.14
CA TRP A 13 10.12 6.24 -2.43
C TRP A 13 11.04 5.29 -3.24
N GLN A 14 12.33 5.16 -2.87
CA GLN A 14 13.22 4.12 -3.43
C GLN A 14 12.79 2.72 -2.93
N SER A 15 12.62 2.55 -1.60
CA SER A 15 12.03 1.36 -0.97
C SER A 15 10.62 1.02 -1.52
N VAL A 16 9.82 2.08 -1.79
CA VAL A 16 8.40 2.03 -2.13
C VAL A 16 8.21 1.90 -3.65
N LEU A 17 9.17 2.40 -4.46
CA LEU A 17 9.26 2.15 -5.90
C LEU A 17 9.71 0.69 -6.18
N ALA A 18 10.74 0.23 -5.45
CA ALA A 18 11.33 -1.11 -5.54
C ALA A 18 10.28 -2.20 -5.24
N ARG A 19 9.15 -1.77 -4.63
CA ARG A 19 7.94 -2.57 -4.39
C ARG A 19 8.19 -3.61 -3.27
N ASP A 20 9.07 -3.26 -2.31
CA ASP A 20 9.72 -4.19 -1.38
C ASP A 20 8.70 -4.75 -0.36
N PRO A 21 8.09 -5.93 -0.62
CA PRO A 21 6.85 -6.39 0.06
C PRO A 21 7.04 -6.58 1.58
N ASN A 22 8.31 -6.61 2.04
CA ASN A 22 8.75 -7.09 3.37
C ASN A 22 9.14 -5.91 4.29
N ALA A 23 8.69 -4.69 3.96
CA ALA A 23 8.82 -3.47 4.79
C ALA A 23 7.48 -3.11 5.47
N ASP A 24 6.58 -4.11 5.59
CA ASP A 24 5.40 -4.09 6.49
C ASP A 24 5.85 -4.11 7.97
N GLY A 25 5.39 -3.12 8.76
CA GLY A 25 5.85 -2.84 10.13
C GLY A 25 7.01 -1.83 10.14
N GLU A 26 7.79 -1.76 9.04
CA GLU A 26 8.93 -0.86 8.86
C GLU A 26 8.47 0.59 8.61
N PHE A 27 7.35 0.77 7.88
CA PHE A 27 6.64 2.06 7.75
C PHE A 27 5.28 1.89 7.03
N VAL A 28 4.59 3.04 6.82
CA VAL A 28 3.48 3.22 5.86
C VAL A 28 3.70 4.50 5.04
N PHE A 29 2.87 4.73 4.00
CA PHE A 29 2.81 5.98 3.23
C PHE A 29 1.34 6.35 2.90
N ALA A 30 1.08 7.66 2.68
CA ALA A 30 -0.25 8.30 2.70
C ALA A 30 -0.45 9.22 1.48
N VAL A 31 -1.28 8.79 0.51
CA VAL A 31 -1.67 9.58 -0.67
C VAL A 31 -2.84 10.52 -0.32
N ARG A 32 -2.59 11.84 -0.28
CA ARG A 32 -3.50 12.87 0.23
C ARG A 32 -4.71 13.07 -0.70
N THR A 33 -4.58 12.65 -1.98
CA THR A 33 -5.51 12.97 -3.07
C THR A 33 -6.60 11.88 -3.19
N THR A 34 -6.31 10.65 -2.72
CA THR A 34 -7.26 9.52 -2.63
C THR A 34 -7.77 9.37 -1.18
N GLY A 35 -7.01 9.88 -0.19
CA GLY A 35 -7.27 9.73 1.25
C GLY A 35 -7.15 8.27 1.71
N ILE A 36 -6.21 7.51 1.12
CA ILE A 36 -5.81 6.15 1.53
C ILE A 36 -4.34 6.15 2.01
N PHE A 37 -3.97 5.14 2.82
CA PHE A 37 -2.60 4.78 3.20
C PHE A 37 -2.33 3.28 2.95
N CYS A 38 -1.07 2.93 2.61
CA CYS A 38 -0.59 1.61 2.19
C CYS A 38 0.67 1.18 2.97
N ARG A 39 1.15 -0.05 2.68
CA ARG A 39 2.54 -0.50 2.90
C ARG A 39 3.41 -0.08 1.70
N PRO A 40 4.76 0.02 1.80
CA PRO A 40 5.66 0.31 0.67
C PRO A 40 5.32 -0.39 -0.67
N SER A 41 4.64 -1.55 -0.60
CA SER A 41 4.55 -2.58 -1.64
C SER A 41 3.39 -2.34 -2.63
N CYS A 42 2.83 -1.10 -2.72
CA CYS A 42 1.52 -0.86 -3.35
C CYS A 42 1.59 -1.11 -4.88
N ARG A 43 1.28 -2.35 -5.30
CA ARG A 43 1.58 -2.92 -6.61
C ARG A 43 0.64 -2.35 -7.70
N ALA A 44 -0.51 -1.80 -7.27
CA ALA A 44 -1.37 -0.92 -8.08
C ALA A 44 -0.58 0.32 -8.56
N ARG A 45 -0.96 0.87 -9.74
CA ARG A 45 -0.27 1.95 -10.44
C ARG A 45 0.16 3.06 -9.47
N HIS A 46 1.47 3.17 -9.19
CA HIS A 46 2.07 4.09 -8.22
C HIS A 46 1.44 5.50 -8.31
N ALA A 47 0.84 5.98 -7.20
CA ALA A 47 0.50 7.40 -6.97
C ALA A 47 1.75 8.19 -6.51
N LEU A 48 2.09 9.26 -7.25
CA LEU A 48 3.39 9.95 -7.22
C LEU A 48 3.86 10.16 -5.76
N ARG A 49 5.18 10.10 -5.53
CA ARG A 49 5.85 10.51 -4.28
C ARG A 49 5.37 11.90 -3.82
N GLU A 50 5.07 12.79 -4.79
CA GLU A 50 4.81 14.22 -4.60
C GLU A 50 3.45 14.47 -3.93
N ASN A 51 2.58 13.45 -3.92
CA ASN A 51 1.27 13.42 -3.22
C ASN A 51 1.35 12.58 -1.94
N VAL A 52 2.34 11.68 -1.84
CA VAL A 52 2.49 10.65 -0.80
C VAL A 52 3.44 11.15 0.31
N SER A 53 3.15 10.81 1.58
CA SER A 53 4.03 11.04 2.74
C SER A 53 4.03 9.82 3.69
N PHE A 54 5.11 9.68 4.49
CA PHE A 54 5.52 8.44 5.16
C PHE A 54 5.40 8.52 6.70
N TYR A 55 4.75 7.50 7.30
CA TYR A 55 4.58 7.24 8.73
C TYR A 55 5.45 6.05 9.22
N ALA A 56 5.33 5.74 10.53
CA ALA A 56 5.80 4.52 11.17
C ALA A 56 4.80 3.36 11.00
N ASN A 57 3.48 3.66 11.04
CA ASN A 57 2.39 2.68 10.99
C ASN A 57 1.04 3.34 10.56
N ALA A 58 -0.02 2.51 10.50
CA ALA A 58 -1.32 2.79 9.89
C ALA A 58 -2.20 3.67 10.80
N SER A 59 -1.96 3.64 12.12
CA SER A 59 -2.61 4.50 13.14
C SER A 59 -2.16 5.96 13.05
N GLU A 60 -0.91 6.21 12.63
CA GLU A 60 -0.37 7.51 12.22
C GLU A 60 -1.08 7.99 10.93
N ALA A 61 -1.21 7.05 9.95
CA ALA A 61 -1.90 7.26 8.68
C ALA A 61 -3.42 7.47 8.90
N LEU A 62 -3.97 6.84 9.95
CA LEU A 62 -5.32 7.05 10.50
C LEU A 62 -5.41 8.40 11.24
N ALA A 63 -4.37 8.73 12.04
CA ALA A 63 -4.16 10.02 12.68
C ALA A 63 -4.13 11.17 11.65
N ALA A 64 -3.83 10.82 10.37
CA ALA A 64 -3.86 11.74 9.22
C ALA A 64 -5.28 11.90 8.64
N GLY A 65 -6.20 10.98 9.01
CA GLY A 65 -7.60 10.96 8.54
C GLY A 65 -7.92 9.75 7.65
N PHE A 66 -6.86 9.11 7.10
CA PHE A 66 -6.91 8.22 5.93
C PHE A 66 -7.38 6.80 6.33
N ARG A 67 -7.98 6.08 5.36
CA ARG A 67 -8.50 4.70 5.50
C ARG A 67 -7.57 3.67 4.80
N PRO A 68 -7.59 2.38 5.19
CA PRO A 68 -6.75 1.32 4.61
C PRO A 68 -7.06 0.95 3.14
N CYS A 69 -6.06 1.11 2.24
CA CYS A 69 -6.09 0.73 0.83
C CYS A 69 -6.60 -0.71 0.65
N LYS A 70 -7.24 -1.02 -0.49
CA LYS A 70 -7.98 -2.27 -0.76
C LYS A 70 -7.02 -3.41 -1.14
N ARG A 71 -5.69 -3.18 -1.04
CA ARG A 71 -4.61 -3.98 -1.64
C ARG A 71 -3.53 -4.30 -0.58
N CYS A 72 -3.11 -3.29 0.20
CA CYS A 72 -1.94 -3.31 1.08
C CYS A 72 -2.34 -3.47 2.57
N GLN A 73 -3.03 -2.47 3.14
CA GLN A 73 -3.21 -2.30 4.59
C GLN A 73 -3.87 -3.55 5.20
N PRO A 74 -5.01 -4.04 4.65
CA PRO A 74 -5.63 -5.34 5.00
C PRO A 74 -5.21 -6.48 4.03
N ASP A 75 -6.04 -6.78 3.01
CA ASP A 75 -5.70 -7.54 1.80
C ASP A 75 -6.98 -7.82 0.98
N LYS A 76 -7.59 -6.76 0.41
CA LYS A 76 -8.97 -6.74 -0.08
C LYS A 76 -9.00 -6.81 -1.62
N ALA A 77 -7.96 -7.43 -2.23
CA ALA A 77 -7.91 -7.81 -3.64
C ALA A 77 -9.22 -8.51 -4.09
N ASN A 78 -9.82 -8.03 -5.19
CA ASN A 78 -11.01 -8.60 -5.84
C ASN A 78 -10.76 -8.91 -7.33
N PRO A 79 -10.11 -10.05 -7.68
CA PRO A 79 -10.09 -10.61 -9.04
C PRO A 79 -11.49 -11.01 -9.54
N ARG A 80 -11.96 -10.39 -10.64
CA ARG A 80 -13.28 -10.51 -11.27
C ARG A 80 -13.99 -11.84 -10.90
N GLN A 81 -13.44 -12.97 -11.39
CA GLN A 81 -13.77 -14.36 -11.02
C GLN A 81 -14.51 -14.45 -9.66
N HIS A 82 -15.62 -15.20 -9.61
CA HIS A 82 -16.28 -15.65 -8.38
C HIS A 82 -15.28 -16.25 -7.38
N ARG A 83 -14.19 -16.85 -7.89
CA ARG A 83 -13.13 -17.52 -7.12
C ARG A 83 -13.72 -18.32 -5.94
N LEU A 84 -14.50 -19.38 -6.26
CA LEU A 84 -15.25 -20.22 -5.31
C LEU A 84 -16.05 -21.33 -6.04
N ASP A 85 -15.91 -22.59 -5.57
CA ASP A 85 -16.73 -23.74 -5.96
C ASP A 85 -18.22 -23.34 -6.09
N LYS A 86 -18.90 -23.13 -4.96
CA LYS A 86 -20.30 -22.67 -4.85
C LYS A 86 -20.83 -22.91 -3.41
N ILE A 87 -20.70 -24.15 -2.91
CA ILE A 87 -21.12 -24.63 -1.59
C ILE A 87 -22.42 -23.91 -1.18
N THR A 88 -23.58 -24.47 -1.59
CA THR A 88 -24.92 -23.87 -1.43
C THR A 88 -25.14 -23.46 0.05
N HIS A 89 -24.43 -24.12 0.99
CA HIS A 89 -24.41 -23.80 2.42
C HIS A 89 -23.87 -22.38 2.68
N ALA A 90 -24.50 -21.64 3.61
CA ALA A 90 -24.28 -20.21 3.85
C ALA A 90 -24.58 -19.86 5.34
N CYS A 91 -24.42 -20.85 6.24
CA CYS A 91 -24.86 -20.78 7.64
C CYS A 91 -26.22 -20.08 7.76
N ARG A 92 -27.11 -20.28 6.77
CA ARG A 92 -28.47 -19.72 6.71
C ARG A 92 -28.42 -18.25 6.25
ZN ZN B . -2.11 0.17 -1.66
N MET A 1 29.10 7.93 -5.26
CA MET A 1 29.14 9.35 -4.91
C MET A 1 29.34 9.53 -3.39
N LYS A 2 30.21 8.70 -2.79
CA LYS A 2 30.42 8.54 -1.34
C LYS A 2 29.10 8.76 -0.58
N LYS A 3 28.28 7.70 -0.47
CA LYS A 3 27.11 7.60 0.42
C LYS A 3 25.94 8.43 -0.13
N ALA A 4 24.72 7.87 -0.08
CA ALA A 4 23.46 8.52 -0.49
C ALA A 4 22.28 7.52 -0.52
N THR A 5 21.24 7.77 0.28
CA THR A 5 19.90 7.17 0.20
C THR A 5 20.02 5.63 0.15
N CYS A 6 19.99 4.97 1.33
CA CYS A 6 19.78 3.53 1.49
C CYS A 6 18.34 3.14 1.08
N LEU A 7 18.11 2.92 -0.23
CA LEU A 7 16.81 2.72 -0.87
C LEU A 7 16.44 1.22 -0.90
N THR A 8 17.10 0.43 -0.02
CA THR A 8 17.00 -1.04 0.08
C THR A 8 15.53 -1.49 0.13
N ASP A 9 15.22 -2.65 -0.48
CA ASP A 9 13.90 -3.31 -0.46
C ASP A 9 13.45 -3.63 0.99
N ASP A 10 14.41 -3.64 1.94
CA ASP A 10 14.17 -3.66 3.39
C ASP A 10 13.12 -2.62 3.80
N GLN A 11 13.50 -1.33 3.79
CA GLN A 11 12.73 -0.18 4.30
C GLN A 11 11.61 0.22 3.33
N ARG A 12 11.73 -0.19 2.05
CA ARG A 12 10.60 -0.33 1.12
C ARG A 12 9.40 -0.99 1.85
N TRP A 13 9.69 -2.20 2.40
CA TRP A 13 8.76 -3.03 3.18
C TRP A 13 8.77 -2.70 4.68
N GLN A 14 9.84 -2.11 5.25
CA GLN A 14 9.86 -1.68 6.67
C GLN A 14 8.99 -0.41 6.83
N SER A 15 9.17 0.59 5.95
CA SER A 15 8.18 1.65 5.70
C SER A 15 6.74 1.09 5.57
N VAL A 16 6.56 0.20 4.55
CA VAL A 16 5.27 -0.32 4.08
C VAL A 16 4.62 -1.25 5.12
N LEU A 17 5.43 -1.96 5.95
CA LEU A 17 4.96 -2.77 7.08
C LEU A 17 4.45 -1.87 8.22
N ALA A 18 5.15 -0.75 8.47
CA ALA A 18 4.73 0.34 9.37
C ALA A 18 3.36 0.91 8.93
N ARG A 19 2.99 0.66 7.65
CA ARG A 19 1.73 1.07 7.03
C ARG A 19 1.65 2.60 6.88
N ASP A 20 2.75 3.22 6.42
CA ASP A 20 3.06 4.65 6.57
C ASP A 20 2.22 5.49 5.56
N PRO A 21 1.04 6.03 5.97
CA PRO A 21 0.00 6.52 5.04
C PRO A 21 0.46 7.76 4.24
N ASN A 22 1.59 8.37 4.64
CA ASN A 22 2.11 9.66 4.19
C ASN A 22 3.37 9.48 3.33
N ALA A 23 3.58 8.27 2.77
CA ALA A 23 4.66 7.91 1.85
C ALA A 23 4.19 7.96 0.38
N ASP A 24 3.05 8.61 0.12
CA ASP A 24 2.62 9.07 -1.21
C ASP A 24 3.62 10.10 -1.80
N GLY A 25 4.16 9.81 -3.00
CA GLY A 25 5.27 10.54 -3.62
C GLY A 25 6.64 9.86 -3.38
N GLU A 26 6.81 9.25 -2.19
CA GLU A 26 8.04 8.57 -1.76
C GLU A 26 8.24 7.26 -2.55
N PHE A 27 7.13 6.57 -2.86
CA PHE A 27 7.08 5.40 -3.76
C PHE A 27 5.65 4.85 -3.92
N VAL A 28 5.52 3.76 -4.72
CA VAL A 28 4.40 2.82 -4.73
C VAL A 28 4.94 1.38 -4.64
N PHE A 29 4.04 0.37 -4.47
CA PHE A 29 4.36 -1.07 -4.51
C PHE A 29 3.28 -1.86 -5.27
N ALA A 30 3.66 -2.99 -5.89
CA ALA A 30 2.94 -3.68 -6.97
C ALA A 30 2.88 -5.20 -6.72
N VAL A 31 1.70 -5.75 -6.38
CA VAL A 31 1.45 -7.18 -6.15
C VAL A 31 1.09 -7.87 -7.48
N ARG A 32 2.07 -8.55 -8.12
CA ARG A 32 1.95 -9.17 -9.45
C ARG A 32 0.71 -10.08 -9.54
N THR A 33 0.27 -10.64 -8.41
CA THR A 33 -0.63 -11.80 -8.31
C THR A 33 -2.11 -11.36 -8.45
N THR A 34 -2.43 -10.13 -8.00
CA THR A 34 -3.75 -9.48 -8.18
C THR A 34 -3.70 -8.46 -9.35
N GLY A 35 -2.50 -8.08 -9.81
CA GLY A 35 -2.26 -7.06 -10.83
C GLY A 35 -2.79 -5.67 -10.38
N ILE A 36 -2.61 -5.34 -9.08
CA ILE A 36 -2.87 -4.03 -8.49
C ILE A 36 -1.54 -3.41 -8.00
N PHE A 37 -1.51 -2.07 -7.83
CA PHE A 37 -0.46 -1.31 -7.15
C PHE A 37 -1.08 -0.34 -6.10
N CYS A 38 -0.34 -0.07 -5.01
CA CYS A 38 -0.78 0.63 -3.80
C CYS A 38 0.21 1.77 -3.43
N ARG A 39 -0.20 2.60 -2.43
CA ARG A 39 0.67 3.43 -1.59
C ARG A 39 1.07 2.63 -0.32
N PRO A 40 2.28 2.78 0.25
CA PRO A 40 2.87 1.86 1.24
C PRO A 40 1.90 1.39 2.35
N SER A 41 0.86 2.20 2.64
CA SER A 41 -0.03 2.15 3.82
C SER A 41 -0.99 0.94 3.81
N CYS A 42 -0.91 0.03 2.81
CA CYS A 42 -2.00 -0.92 2.48
C CYS A 42 -2.35 -1.79 3.71
N ARG A 43 -3.41 -1.40 4.45
CA ARG A 43 -3.88 -2.01 5.70
C ARG A 43 -4.40 -3.45 5.45
N ALA A 44 -5.28 -3.62 4.44
CA ALA A 44 -5.86 -4.90 4.03
C ALA A 44 -4.80 -6.03 4.04
N ARG A 45 -5.24 -7.27 4.29
CA ARG A 45 -4.39 -8.44 4.60
C ARG A 45 -3.19 -8.51 3.62
N HIS A 46 -2.02 -8.03 4.06
CA HIS A 46 -0.82 -7.81 3.24
C HIS A 46 -0.56 -8.98 2.27
N ALA A 47 -0.24 -8.67 1.00
CA ALA A 47 0.42 -9.57 0.04
C ALA A 47 1.96 -9.47 0.15
N LEU A 48 2.63 -10.59 0.44
CA LEU A 48 4.01 -10.67 0.94
C LEU A 48 4.95 -9.77 0.10
N ARG A 49 6.05 -9.30 0.72
CA ARG A 49 7.21 -8.68 0.04
C ARG A 49 7.57 -9.44 -1.25
N GLU A 50 7.49 -10.79 -1.21
CA GLU A 50 8.05 -11.70 -2.21
C GLU A 50 7.27 -11.68 -3.53
N ASN A 51 5.99 -11.21 -3.46
CA ASN A 51 5.08 -11.00 -4.59
C ASN A 51 5.01 -9.51 -4.98
N VAL A 52 5.43 -8.60 -4.07
CA VAL A 52 5.34 -7.14 -4.20
C VAL A 52 6.69 -6.56 -4.69
N SER A 53 6.64 -5.53 -5.56
CA SER A 53 7.79 -4.71 -5.96
C SER A 53 7.43 -3.22 -6.07
N PHE A 54 8.45 -2.34 -5.96
CA PHE A 54 8.31 -0.91 -5.63
C PHE A 54 8.71 0.00 -6.82
N TYR A 55 7.90 1.05 -7.07
CA TYR A 55 8.11 2.15 -8.01
C TYR A 55 8.45 3.48 -7.28
N ALA A 56 8.66 4.55 -8.09
CA ALA A 56 8.67 5.96 -7.66
C ALA A 56 7.24 6.48 -7.41
N ASN A 57 6.28 6.14 -8.30
CA ASN A 57 4.89 6.60 -8.27
C ASN A 57 3.97 5.68 -9.10
N ALA A 58 2.65 5.99 -9.10
CA ALA A 58 1.56 5.14 -9.58
C ALA A 58 1.64 4.93 -11.11
N SER A 59 2.18 5.92 -11.84
CA SER A 59 2.30 5.94 -13.32
C SER A 59 3.33 4.91 -13.83
N GLU A 60 4.40 4.69 -13.05
CA GLU A 60 5.40 3.62 -13.26
C GLU A 60 4.74 2.23 -13.06
N ALA A 61 3.83 2.15 -12.06
CA ALA A 61 3.00 0.97 -11.74
C ALA A 61 1.92 0.76 -12.83
N LEU A 62 1.39 1.86 -13.38
CA LEU A 62 0.59 1.91 -14.62
C LEU A 62 1.44 1.48 -15.83
N ALA A 63 2.73 1.89 -15.82
CA ALA A 63 3.78 1.46 -16.75
C ALA A 63 4.05 -0.05 -16.66
N ALA A 64 3.71 -0.67 -15.51
CA ALA A 64 3.70 -2.12 -15.30
C ALA A 64 2.42 -2.76 -15.89
N GLY A 65 1.38 -1.93 -16.14
CA GLY A 65 0.07 -2.33 -16.64
C GLY A 65 -0.85 -2.87 -15.51
N PHE A 66 -0.74 -2.27 -14.31
CA PHE A 66 -1.56 -2.56 -13.12
C PHE A 66 -2.69 -1.52 -12.98
N ARG A 67 -3.69 -1.82 -12.12
CA ARG A 67 -4.81 -0.94 -11.77
C ARG A 67 -4.76 -0.49 -10.29
N PRO A 68 -5.34 0.67 -9.91
CA PRO A 68 -5.23 1.28 -8.58
C PRO A 68 -6.10 0.62 -7.48
N CYS A 69 -5.46 0.03 -6.45
CA CYS A 69 -6.09 -0.56 -5.26
C CYS A 69 -7.14 0.39 -4.66
N LYS A 70 -8.27 -0.14 -4.15
CA LYS A 70 -9.50 0.60 -3.82
C LYS A 70 -9.37 1.29 -2.45
N ARG A 71 -8.17 1.28 -1.85
CA ARG A 71 -7.87 1.61 -0.45
C ARG A 71 -6.72 2.63 -0.34
N CYS A 72 -5.66 2.46 -1.15
CA CYS A 72 -4.41 3.22 -1.13
C CYS A 72 -4.30 4.20 -2.31
N GLN A 73 -4.18 3.67 -3.55
CA GLN A 73 -3.75 4.41 -4.74
C GLN A 73 -4.59 5.71 -4.91
N PRO A 74 -5.93 5.66 -4.82
CA PRO A 74 -6.82 6.82 -4.67
C PRO A 74 -6.93 7.31 -3.21
N ASP A 75 -6.88 6.38 -2.25
CA ASP A 75 -7.29 6.54 -0.84
C ASP A 75 -8.83 6.47 -0.70
N LYS A 76 -9.45 5.36 -1.18
CA LYS A 76 -10.88 5.23 -1.43
C LYS A 76 -11.52 4.24 -0.43
N ALA A 77 -12.85 4.35 -0.22
CA ALA A 77 -13.66 3.42 0.59
C ALA A 77 -13.98 2.13 -0.19
N ASN A 78 -14.57 1.13 0.49
CA ASN A 78 -15.10 -0.11 -0.09
C ASN A 78 -16.57 -0.36 0.34
N PRO A 79 -17.57 -0.11 -0.53
CA PRO A 79 -19.00 -0.15 -0.18
C PRO A 79 -19.49 -1.58 0.11
N ARG A 80 -20.04 -2.29 -0.90
CA ARG A 80 -20.70 -3.61 -0.85
C ARG A 80 -20.36 -4.42 0.41
N GLN A 81 -19.38 -5.33 0.30
CA GLN A 81 -18.68 -6.04 1.39
C GLN A 81 -18.81 -5.30 2.74
N HIS A 82 -19.35 -5.99 3.77
CA HIS A 82 -19.58 -5.43 5.12
C HIS A 82 -19.63 -6.55 6.19
N ARG A 83 -18.84 -6.39 7.27
CA ARG A 83 -19.03 -7.08 8.56
C ARG A 83 -19.41 -6.06 9.67
N LEU A 84 -20.45 -5.24 9.36
CA LEU A 84 -20.81 -3.99 10.02
C LEU A 84 -20.68 -4.09 11.55
N ASP A 85 -20.28 -2.99 12.22
CA ASP A 85 -20.12 -2.88 13.68
C ASP A 85 -21.02 -1.76 14.27
N LYS A 86 -20.90 -0.54 13.71
CA LYS A 86 -21.66 0.65 14.12
C LYS A 86 -21.07 1.27 15.40
N ILE A 87 -20.98 2.61 15.47
CA ILE A 87 -20.46 3.39 16.60
C ILE A 87 -21.24 4.72 16.70
N THR A 88 -22.46 4.67 17.27
CA THR A 88 -23.37 5.82 17.43
C THR A 88 -22.78 6.83 18.44
N HIS A 89 -22.92 8.14 18.14
CA HIS A 89 -22.30 9.25 18.87
C HIS A 89 -20.79 9.36 18.55
N ALA A 90 -20.47 9.74 17.30
CA ALA A 90 -19.09 9.86 16.78
C ALA A 90 -18.19 10.60 17.79
N CYS A 91 -17.33 9.86 18.51
CA CYS A 91 -16.53 10.33 19.65
C CYS A 91 -15.31 11.14 19.15
N ARG A 92 -15.38 12.48 19.27
CA ARG A 92 -14.31 13.42 18.92
C ARG A 92 -14.25 14.56 19.94
ZN ZN B . -3.74 -1.22 -1.21
N MET A 1 25.57 7.62 -8.85
CA MET A 1 24.76 6.97 -7.82
C MET A 1 25.21 7.41 -6.42
N LYS A 2 25.63 8.68 -6.27
CA LYS A 2 26.01 9.32 -5.01
C LYS A 2 25.14 10.56 -4.74
N LYS A 3 23.85 10.50 -5.13
CA LYS A 3 22.84 11.54 -4.91
C LYS A 3 22.63 11.78 -3.41
N ALA A 4 21.71 11.02 -2.78
CA ALA A 4 21.16 11.26 -1.45
C ALA A 4 19.82 10.51 -1.24
N THR A 5 19.71 9.29 -1.83
CA THR A 5 18.46 8.54 -2.00
C THR A 5 18.76 7.04 -2.21
N CYS A 6 19.37 6.70 -3.35
CA CYS A 6 19.71 5.33 -3.78
C CYS A 6 18.44 4.45 -3.81
N LEU A 7 17.84 4.28 -5.00
CA LEU A 7 16.54 3.65 -5.24
C LEU A 7 16.68 2.12 -5.45
N THR A 8 17.80 1.56 -4.96
CA THR A 8 18.13 0.13 -4.95
C THR A 8 16.95 -0.70 -4.37
N ASP A 9 16.54 -1.76 -5.08
CA ASP A 9 15.44 -2.66 -4.71
C ASP A 9 15.67 -3.30 -3.32
N ASP A 10 16.95 -3.39 -2.89
CA ASP A 10 17.37 -3.79 -1.55
C ASP A 10 16.51 -3.11 -0.46
N GLN A 11 16.59 -1.78 -0.35
CA GLN A 11 16.04 -0.95 0.74
C GLN A 11 14.62 -0.49 0.42
N ARG A 12 14.24 -0.49 -0.87
CA ARG A 12 12.84 -0.57 -1.34
C ARG A 12 12.09 -1.65 -0.50
N TRP A 13 12.64 -2.89 -0.61
CA TRP A 13 12.13 -4.08 0.09
C TRP A 13 12.69 -4.20 1.52
N GLN A 14 13.86 -3.61 1.84
CA GLN A 14 14.45 -3.65 3.20
C GLN A 14 13.68 -2.68 4.13
N SER A 15 13.42 -1.44 3.65
CA SER A 15 12.39 -0.55 4.20
C SER A 15 11.03 -1.29 4.39
N VAL A 16 10.55 -1.91 3.29
CA VAL A 16 9.21 -2.50 3.15
C VAL A 16 9.08 -3.79 3.98
N LEU A 17 10.17 -4.56 4.13
CA LEU A 17 10.23 -5.80 4.92
C LEU A 17 10.15 -5.49 6.44
N ALA A 18 10.82 -4.39 6.86
CA ALA A 18 10.81 -3.85 8.22
C ALA A 18 9.37 -3.45 8.63
N ARG A 19 8.52 -3.17 7.64
CA ARG A 19 7.14 -2.68 7.77
C ARG A 19 7.12 -1.16 8.08
N ASP A 20 8.25 -0.48 7.80
CA ASP A 20 8.56 0.88 8.25
C ASP A 20 7.41 1.86 7.90
N PRO A 21 6.46 2.11 8.84
CA PRO A 21 5.16 2.76 8.55
C PRO A 21 5.33 4.20 8.00
N ASN A 22 6.45 4.84 8.37
CA ASN A 22 6.71 6.29 8.24
C ASN A 22 7.35 6.63 6.88
N ALA A 23 7.36 5.67 5.93
CA ALA A 23 7.59 5.89 4.50
C ALA A 23 6.25 5.96 3.72
N ASP A 24 5.13 6.19 4.43
CA ASP A 24 3.85 6.62 3.88
C ASP A 24 4.00 7.93 3.07
N GLY A 25 3.91 7.85 1.73
CA GLY A 25 4.03 8.97 0.78
C GLY A 25 5.46 9.07 0.19
N GLU A 26 6.44 8.43 0.84
CA GLU A 26 7.84 8.32 0.38
C GLU A 26 7.93 7.37 -0.84
N PHE A 27 7.04 6.36 -0.92
CA PHE A 27 6.81 5.52 -2.10
C PHE A 27 5.52 4.67 -1.97
N VAL A 28 5.26 3.85 -3.00
CA VAL A 28 4.35 2.69 -2.97
C VAL A 28 5.09 1.43 -3.48
N PHE A 29 4.47 0.24 -3.38
CA PHE A 29 4.93 -1.00 -4.03
C PHE A 29 3.75 -1.84 -4.55
N ALA A 30 3.98 -2.60 -5.64
CA ALA A 30 2.97 -3.20 -6.52
C ALA A 30 3.27 -4.69 -6.79
N VAL A 31 2.41 -5.61 -6.30
CA VAL A 31 2.56 -7.06 -6.45
C VAL A 31 1.76 -7.56 -7.66
N ARG A 32 2.45 -7.76 -8.81
CA ARG A 32 1.84 -7.97 -10.13
C ARG A 32 0.76 -9.07 -10.08
N THR A 33 0.88 -10.01 -9.14
CA THR A 33 0.18 -11.30 -9.12
C THR A 33 -1.28 -11.13 -8.66
N THR A 34 -1.54 -10.16 -7.76
CA THR A 34 -2.87 -9.63 -7.42
C THR A 34 -3.14 -8.29 -8.12
N GLY A 35 -2.12 -7.71 -8.77
CA GLY A 35 -2.12 -6.37 -9.42
C GLY A 35 -2.75 -5.35 -8.44
N ILE A 36 -2.47 -5.56 -7.13
CA ILE A 36 -2.71 -4.62 -6.03
C ILE A 36 -1.46 -3.75 -5.80
N PHE A 37 -1.62 -2.60 -5.12
CA PHE A 37 -0.53 -1.75 -4.61
C PHE A 37 -0.80 -1.31 -3.14
N CYS A 38 0.28 -0.97 -2.41
CA CYS A 38 0.34 -0.74 -0.96
C CYS A 38 1.23 0.48 -0.63
N ARG A 39 1.24 0.88 0.65
CA ARG A 39 2.29 1.68 1.30
C ARG A 39 3.33 0.72 1.95
N PRO A 40 4.61 1.12 2.18
CA PRO A 40 5.71 0.22 2.56
C PRO A 40 5.40 -0.75 3.72
N SER A 41 4.38 -0.43 4.54
CA SER A 41 4.17 -0.97 5.90
C SER A 41 3.30 -2.24 5.88
N CYS A 42 3.16 -2.94 4.74
CA CYS A 42 2.09 -3.94 4.52
C CYS A 42 2.25 -5.13 5.50
N ARG A 43 1.44 -5.13 6.58
CA ARG A 43 1.62 -5.94 7.79
C ARG A 43 1.37 -7.44 7.50
N ALA A 44 0.22 -7.76 6.87
CA ALA A 44 -0.08 -9.07 6.28
C ALA A 44 1.09 -9.58 5.42
N ARG A 45 1.50 -10.85 5.63
CA ARG A 45 2.75 -11.44 5.11
C ARG A 45 2.96 -11.08 3.63
N HIS A 46 4.11 -10.48 3.30
CA HIS A 46 4.39 -9.80 2.03
C HIS A 46 4.56 -10.82 0.87
N ALA A 47 4.10 -10.45 -0.34
CA ALA A 47 4.49 -11.05 -1.62
C ALA A 47 5.89 -10.57 -2.05
N LEU A 48 6.81 -11.51 -2.35
CA LEU A 48 8.26 -11.31 -2.43
C LEU A 48 8.60 -10.09 -3.33
N ARG A 49 9.80 -9.51 -3.14
CA ARG A 49 10.37 -8.44 -3.97
C ARG A 49 10.41 -8.85 -5.46
N GLU A 50 10.52 -10.16 -5.72
CA GLU A 50 10.71 -10.76 -7.05
C GLU A 50 9.46 -10.59 -7.93
N ASN A 51 8.30 -10.33 -7.30
CA ASN A 51 7.01 -10.01 -7.92
C ASN A 51 6.61 -8.55 -7.69
N VAL A 52 7.29 -7.85 -6.75
CA VAL A 52 6.95 -6.50 -6.26
C VAL A 52 7.83 -5.45 -6.97
N SER A 53 7.25 -4.29 -7.32
CA SER A 53 7.96 -3.12 -7.87
C SER A 53 7.44 -1.80 -7.24
N PHE A 54 8.29 -0.76 -7.26
CA PHE A 54 8.20 0.43 -6.40
C PHE A 54 8.00 1.73 -7.22
N TYR A 55 6.99 2.53 -6.84
CA TYR A 55 6.61 3.86 -7.35
C TYR A 55 6.96 4.99 -6.35
N ALA A 56 6.64 6.23 -6.77
CA ALA A 56 6.55 7.43 -5.91
C ALA A 56 5.24 7.44 -5.11
N ASN A 57 4.09 7.12 -5.75
CA ASN A 57 2.74 7.22 -5.17
C ASN A 57 1.76 6.25 -5.87
N ALA A 58 0.50 6.20 -5.37
CA ALA A 58 -0.56 5.27 -5.80
C ALA A 58 -1.20 5.71 -7.13
N SER A 59 -0.77 6.86 -7.68
CA SER A 59 -1.14 7.37 -9.02
C SER A 59 -0.28 6.74 -10.13
N GLU A 60 1.03 6.57 -9.88
CA GLU A 60 1.98 5.83 -10.73
C GLU A 60 1.56 4.35 -10.82
N ALA A 61 1.13 3.80 -9.65
CA ALA A 61 0.65 2.42 -9.51
C ALA A 61 -0.80 2.26 -10.03
N LEU A 62 -1.57 3.37 -10.01
CA LEU A 62 -2.81 3.53 -10.81
C LEU A 62 -2.48 3.58 -12.32
N ALA A 63 -1.35 4.24 -12.67
CA ALA A 63 -0.75 4.27 -14.01
C ALA A 63 -0.33 2.84 -14.46
N ALA A 64 -0.07 1.94 -13.50
CA ALA A 64 0.13 0.50 -13.71
C ALA A 64 -1.21 -0.26 -13.86
N GLY A 65 -2.31 0.38 -13.45
CA GLY A 65 -3.67 -0.15 -13.48
C GLY A 65 -3.91 -1.19 -12.36
N PHE A 66 -3.55 -0.86 -11.11
CA PHE A 66 -3.71 -1.71 -9.92
C PHE A 66 -4.76 -1.12 -8.96
N ARG A 67 -5.28 -1.95 -8.03
CA ARG A 67 -6.35 -1.61 -7.09
C ARG A 67 -5.83 -1.53 -5.63
N PRO A 68 -6.45 -0.72 -4.74
CA PRO A 68 -5.93 -0.35 -3.41
C PRO A 68 -6.13 -1.41 -2.31
N CYS A 69 -5.01 -1.99 -1.82
CA CYS A 69 -4.93 -3.06 -0.81
C CYS A 69 -5.89 -2.79 0.36
N LYS A 70 -6.34 -3.86 1.04
CA LYS A 70 -7.40 -3.89 2.06
C LYS A 70 -6.83 -3.47 3.45
N ARG A 71 -5.58 -2.98 3.46
CA ARG A 71 -4.71 -2.86 4.64
C ARG A 71 -4.00 -1.49 4.66
N CYS A 72 -3.34 -1.12 3.55
CA CYS A 72 -2.43 0.04 3.42
C CYS A 72 -3.11 1.22 2.71
N GLN A 73 -3.52 1.01 1.44
CA GLN A 73 -4.25 1.98 0.61
C GLN A 73 -5.73 2.09 1.10
N PRO A 74 -6.23 3.31 1.43
CA PRO A 74 -7.62 3.56 1.84
C PRO A 74 -8.66 2.64 1.18
N ASP A 75 -8.96 1.50 1.82
CA ASP A 75 -9.79 0.41 1.30
C ASP A 75 -10.56 -0.30 2.44
N LYS A 76 -9.85 -1.05 3.31
CA LYS A 76 -10.34 -1.55 4.60
C LYS A 76 -9.54 -0.90 5.75
N ALA A 77 -9.86 0.37 6.07
CA ALA A 77 -9.49 1.07 7.30
C ALA A 77 -10.34 0.59 8.51
N ASN A 78 -10.02 1.11 9.71
CA ASN A 78 -10.70 0.84 10.99
C ASN A 78 -12.23 0.63 10.78
N PRO A 79 -12.85 -0.40 11.41
CA PRO A 79 -14.20 -0.88 11.10
C PRO A 79 -15.28 0.21 11.34
N ARG A 80 -15.93 0.68 10.27
CA ARG A 80 -17.15 1.52 10.24
C ARG A 80 -17.96 1.41 11.55
N GLN A 81 -18.63 0.26 11.76
CA GLN A 81 -19.40 -0.08 12.97
C GLN A 81 -20.61 0.86 13.14
N HIS A 82 -21.38 1.07 12.06
CA HIS A 82 -22.59 1.92 12.00
C HIS A 82 -22.36 3.29 12.68
N ARG A 83 -22.01 4.32 11.89
CA ARG A 83 -22.13 5.74 12.27
C ARG A 83 -23.58 6.24 12.01
N LEU A 84 -24.56 5.53 12.59
CA LEU A 84 -26.01 5.67 12.37
C LEU A 84 -26.42 7.15 12.23
N ASP A 85 -26.92 7.54 11.04
CA ASP A 85 -27.32 8.91 10.69
C ASP A 85 -28.82 8.98 10.33
N LYS A 86 -29.17 8.62 9.08
CA LYS A 86 -30.45 8.90 8.42
C LYS A 86 -30.29 8.86 6.89
N ILE A 87 -31.38 9.11 6.15
CA ILE A 87 -31.53 8.82 4.71
C ILE A 87 -31.44 7.29 4.49
N THR A 88 -32.58 6.59 4.63
CA THR A 88 -32.68 5.13 4.77
C THR A 88 -32.62 4.46 3.38
N HIS A 89 -31.45 3.92 3.00
CA HIS A 89 -31.25 2.98 1.89
C HIS A 89 -31.92 3.50 0.60
N ALA A 90 -31.94 4.83 0.40
CA ALA A 90 -32.50 5.52 -0.78
C ALA A 90 -31.87 6.92 -0.94
N CYS A 91 -32.36 7.69 -1.93
CA CYS A 91 -32.04 9.11 -2.14
C CYS A 91 -33.31 9.97 -2.00
N ARG A 92 -34.48 9.40 -2.31
CA ARG A 92 -35.81 9.97 -2.06
C ARG A 92 -36.86 8.86 -1.96
ZN ZN B . -1.02 -3.77 1.78
N MET A 1 15.38 11.86 11.60
CA MET A 1 16.63 12.28 10.97
C MET A 1 17.21 11.15 10.09
N LYS A 2 17.76 11.51 8.91
CA LYS A 2 18.26 10.57 7.89
C LYS A 2 19.69 10.96 7.47
N LYS A 3 20.60 9.97 7.40
CA LYS A 3 21.93 10.07 6.78
C LYS A 3 21.94 9.40 5.39
N ALA A 4 23.13 9.24 4.79
CA ALA A 4 23.36 8.56 3.50
C ALA A 4 22.58 7.24 3.42
N THR A 5 21.36 7.27 2.86
CA THR A 5 20.51 6.10 2.57
C THR A 5 20.55 5.81 1.04
N CYS A 6 20.60 4.52 0.67
CA CYS A 6 20.36 4.01 -0.68
C CYS A 6 18.88 3.58 -0.84
N LEU A 7 18.43 3.35 -2.10
CA LEU A 7 17.07 2.98 -2.48
C LEU A 7 16.90 1.44 -2.49
N THR A 8 17.80 0.74 -1.76
CA THR A 8 17.87 -0.72 -1.66
C THR A 8 16.51 -1.32 -1.28
N ASP A 9 16.09 -2.39 -1.98
CA ASP A 9 14.77 -3.03 -1.86
C ASP A 9 14.52 -3.53 -0.43
N ASP A 10 15.58 -3.67 0.38
CA ASP A 10 15.54 -3.92 1.83
C ASP A 10 14.54 -2.97 2.52
N GLN A 11 14.97 -1.71 2.75
CA GLN A 11 14.22 -0.72 3.55
C GLN A 11 13.06 -0.12 2.73
N ARG A 12 13.10 -0.29 1.38
CA ARG A 12 11.93 -0.16 0.51
C ARG A 12 10.73 -0.93 1.14
N TRP A 13 10.99 -2.24 1.37
CA TRP A 13 10.03 -3.16 2.02
C TRP A 13 9.89 -2.85 3.52
N GLN A 14 10.85 -2.13 4.12
CA GLN A 14 10.73 -1.60 5.50
C GLN A 14 9.64 -0.51 5.56
N SER A 15 9.74 0.53 4.70
CA SER A 15 8.69 1.55 4.50
C SER A 15 7.32 0.92 4.18
N VAL A 16 7.34 -0.20 3.42
CA VAL A 16 6.18 -0.85 2.80
C VAL A 16 5.59 -1.91 3.76
N LEU A 17 6.42 -2.51 4.64
CA LEU A 17 6.00 -3.42 5.72
C LEU A 17 5.28 -2.65 6.84
N ALA A 18 5.79 -1.44 7.17
CA ALA A 18 5.17 -0.48 8.10
C ALA A 18 3.75 -0.09 7.62
N ARG A 19 3.50 -0.28 6.30
CA ARG A 19 2.26 0.07 5.60
C ARG A 19 2.17 1.58 5.34
N ASP A 20 3.31 2.28 5.44
CA ASP A 20 3.43 3.74 5.56
C ASP A 20 2.66 4.44 4.42
N PRO A 21 1.39 4.86 4.63
CA PRO A 21 0.49 5.36 3.57
C PRO A 21 1.02 6.65 2.91
N ASN A 22 1.78 7.45 3.69
CA ASN A 22 2.23 8.81 3.40
C ASN A 22 3.39 8.83 2.37
N ALA A 23 3.83 7.63 1.92
CA ALA A 23 4.80 7.45 0.83
C ALA A 23 4.11 7.41 -0.54
N ASP A 24 2.80 7.75 -0.58
CA ASP A 24 2.06 8.15 -1.78
C ASP A 24 2.90 9.08 -2.68
N GLY A 25 3.28 8.61 -3.88
CA GLY A 25 3.96 9.39 -4.93
C GLY A 25 5.49 9.43 -4.73
N GLU A 26 5.95 9.07 -3.52
CA GLU A 26 7.37 8.88 -3.17
C GLU A 26 7.93 7.62 -3.85
N PHE A 27 7.06 6.61 -4.09
CA PHE A 27 7.32 5.47 -4.98
C PHE A 27 6.03 4.67 -5.28
N VAL A 28 6.19 3.56 -6.03
CA VAL A 28 5.25 2.43 -6.14
C VAL A 28 6.01 1.10 -5.93
N PHE A 29 5.29 -0.04 -5.84
CA PHE A 29 5.86 -1.39 -5.96
C PHE A 29 4.92 -2.34 -6.74
N ALA A 30 5.49 -3.44 -7.27
CA ALA A 30 4.94 -4.31 -8.31
C ALA A 30 5.17 -5.80 -7.98
N VAL A 31 4.10 -6.59 -7.83
CA VAL A 31 4.13 -8.06 -7.66
C VAL A 31 4.02 -8.73 -9.05
N ARG A 32 5.16 -9.21 -9.60
CA ARG A 32 5.29 -9.75 -10.96
C ARG A 32 4.32 -10.92 -11.21
N THR A 33 3.89 -11.60 -10.12
CA THR A 33 3.23 -12.92 -10.14
C THR A 33 1.73 -12.77 -10.43
N THR A 34 1.14 -11.60 -10.09
CA THR A 34 -0.27 -11.25 -10.34
C THR A 34 -0.38 -10.31 -11.57
N GLY A 35 0.69 -9.55 -11.86
CA GLY A 35 0.67 -8.37 -12.75
C GLY A 35 -0.14 -7.20 -12.13
N ILE A 36 0.27 -6.76 -10.93
CA ILE A 36 -0.33 -5.66 -10.16
C ILE A 36 0.77 -4.70 -9.66
N PHE A 37 0.45 -3.41 -9.50
CA PHE A 37 1.26 -2.39 -8.80
C PHE A 37 0.40 -1.52 -7.87
N CYS A 38 0.92 -1.20 -6.67
CA CYS A 38 0.29 -0.42 -5.60
C CYS A 38 1.12 0.84 -5.24
N ARG A 39 0.61 1.62 -4.26
CA ARG A 39 1.37 2.56 -3.42
C ARG A 39 1.96 1.78 -2.22
N PRO A 40 3.06 2.19 -1.57
CA PRO A 40 3.78 1.41 -0.56
C PRO A 40 2.90 0.74 0.52
N SER A 41 1.68 1.28 0.74
CA SER A 41 0.83 1.10 1.93
C SER A 41 -0.03 -0.18 1.86
N CYS A 42 0.22 -1.11 0.91
CA CYS A 42 -0.77 -2.14 0.50
C CYS A 42 -1.24 -2.95 1.73
N ARG A 43 -2.53 -2.79 2.09
CA ARG A 43 -3.19 -3.37 3.27
C ARG A 43 -3.54 -4.86 3.03
N ALA A 44 -4.13 -5.17 1.86
CA ALA A 44 -4.42 -6.52 1.39
C ALA A 44 -3.19 -7.45 1.57
N ARG A 45 -3.44 -8.74 1.90
CA ARG A 45 -2.46 -9.70 2.39
C ARG A 45 -1.18 -9.67 1.53
N HIS A 46 -0.07 -9.13 2.10
CA HIS A 46 1.17 -8.79 1.39
C HIS A 46 1.63 -9.92 0.46
N ALA A 47 2.03 -9.57 -0.78
CA ALA A 47 2.84 -10.41 -1.68
C ALA A 47 4.35 -10.21 -1.41
N LEU A 48 5.08 -11.32 -1.19
CA LEU A 48 6.42 -11.35 -0.58
C LEU A 48 7.34 -10.28 -1.22
N ARG A 49 8.31 -9.78 -0.43
CA ARG A 49 9.47 -9.00 -0.88
C ARG A 49 10.08 -9.59 -2.17
N GLU A 50 10.00 -10.94 -2.31
CA GLU A 50 10.75 -11.76 -3.26
C GLU A 50 10.08 -11.77 -4.65
N ASN A 51 8.76 -11.46 -4.68
CA ASN A 51 7.95 -11.23 -5.89
C ASN A 51 7.89 -9.72 -6.22
N VAL A 52 8.20 -8.85 -5.25
CA VAL A 52 7.90 -7.41 -5.27
C VAL A 52 9.15 -6.62 -5.72
N SER A 53 8.94 -5.57 -6.54
CA SER A 53 9.97 -4.61 -6.98
C SER A 53 9.41 -3.16 -7.00
N PHE A 54 10.32 -2.17 -6.92
CA PHE A 54 10.03 -0.77 -6.56
C PHE A 54 10.38 0.20 -7.72
N TYR A 55 9.43 1.10 -8.04
CA TYR A 55 9.48 2.19 -9.03
C TYR A 55 9.42 3.57 -8.33
N ALA A 56 9.48 4.65 -9.16
CA ALA A 56 9.20 6.04 -8.80
C ALA A 56 7.68 6.31 -8.74
N ASN A 57 6.89 5.68 -9.64
CA ASN A 57 5.44 5.88 -9.79
C ASN A 57 4.80 4.77 -10.66
N ALA A 58 3.46 4.87 -10.84
CA ALA A 58 2.59 3.83 -11.40
C ALA A 58 2.70 3.76 -12.94
N SER A 59 2.88 4.91 -13.61
CA SER A 59 3.13 5.04 -15.05
C SER A 59 4.47 4.38 -15.46
N GLU A 60 5.33 4.12 -14.46
CA GLU A 60 6.53 3.25 -14.55
C GLU A 60 6.13 1.77 -14.51
N ALA A 61 5.27 1.39 -13.54
CA ALA A 61 4.65 0.07 -13.41
C ALA A 61 3.70 -0.21 -14.59
N LEU A 62 3.23 0.86 -15.26
CA LEU A 62 2.54 0.87 -16.56
C LEU A 62 3.51 0.45 -17.68
N ALA A 63 4.72 1.07 -17.69
CA ALA A 63 5.84 0.78 -18.57
C ALA A 63 6.31 -0.69 -18.45
N ALA A 64 6.09 -1.30 -17.27
CA ALA A 64 6.33 -2.72 -16.99
C ALA A 64 5.17 -3.61 -17.50
N GLY A 65 4.02 -2.99 -17.81
CA GLY A 65 2.81 -3.64 -18.33
C GLY A 65 2.01 -4.35 -17.22
N PHE A 66 1.75 -3.65 -16.10
CA PHE A 66 0.94 -4.12 -14.97
C PHE A 66 -0.39 -3.34 -14.88
N ARG A 67 -1.30 -3.78 -13.98
CA ARG A 67 -2.63 -3.20 -13.76
C ARG A 67 -2.77 -2.64 -12.32
N PRO A 68 -3.52 -1.54 -12.10
CA PRO A 68 -3.72 -0.91 -10.78
C PRO A 68 -4.51 -1.77 -9.75
N CYS A 69 -3.88 -2.08 -8.60
CA CYS A 69 -4.43 -2.86 -7.49
C CYS A 69 -5.82 -2.33 -7.07
N LYS A 70 -6.69 -3.20 -6.52
CA LYS A 70 -8.11 -2.94 -6.26
C LYS A 70 -8.30 -2.16 -4.93
N ARG A 71 -7.19 -1.68 -4.33
CA ARG A 71 -7.06 -1.22 -2.94
C ARG A 71 -6.30 0.11 -2.86
N CYS A 72 -5.15 0.21 -3.56
CA CYS A 72 -4.12 1.24 -3.40
C CYS A 72 -4.15 2.25 -4.58
N GLN A 73 -3.95 1.75 -5.81
CA GLN A 73 -4.03 2.53 -7.06
C GLN A 73 -5.51 2.79 -7.43
N PRO A 74 -6.04 4.03 -7.28
CA PRO A 74 -7.47 4.37 -7.26
C PRO A 74 -8.36 3.45 -8.14
N ASP A 75 -8.83 2.33 -7.55
CA ASP A 75 -9.66 1.30 -8.19
C ASP A 75 -10.90 0.98 -7.34
N LYS A 76 -10.70 0.46 -6.11
CA LYS A 76 -11.69 0.41 -5.04
C LYS A 76 -11.07 0.84 -3.69
N ALA A 77 -11.74 1.76 -2.96
CA ALA A 77 -11.48 2.09 -1.56
C ALA A 77 -12.23 1.13 -0.61
N ASN A 78 -11.91 1.20 0.70
CA ASN A 78 -12.44 0.34 1.77
C ASN A 78 -13.97 0.49 1.89
N PRO A 79 -14.78 -0.59 1.71
CA PRO A 79 -16.25 -0.55 1.78
C PRO A 79 -16.77 -0.38 3.23
N ARG A 80 -17.95 0.25 3.38
CA ARG A 80 -18.57 0.68 4.63
C ARG A 80 -17.53 0.90 5.77
N GLN A 81 -17.50 -0.03 6.74
CA GLN A 81 -16.66 0.01 7.93
C GLN A 81 -17.06 1.17 8.86
N HIS A 82 -18.06 0.94 9.73
CA HIS A 82 -18.40 1.78 10.89
C HIS A 82 -18.48 0.95 12.19
N ARG A 83 -19.13 -0.23 12.12
CA ARG A 83 -19.50 -1.07 13.26
C ARG A 83 -19.95 -0.20 14.46
N LEU A 84 -21.18 0.35 14.40
CA LEU A 84 -21.75 1.33 15.35
C LEU A 84 -23.18 1.75 14.95
N ASP A 85 -24.18 1.41 15.79
CA ASP A 85 -25.61 1.67 15.57
C ASP A 85 -25.92 3.19 15.64
N LYS A 86 -25.49 3.84 16.72
CA LYS A 86 -25.85 5.22 17.11
C LYS A 86 -25.44 5.51 18.57
N ILE A 87 -24.68 6.59 18.80
CA ILE A 87 -24.26 7.08 20.11
C ILE A 87 -25.51 7.55 20.89
N THR A 88 -25.65 7.12 22.16
CA THR A 88 -26.80 7.36 23.03
C THR A 88 -26.66 8.73 23.73
N HIS A 89 -27.71 9.16 24.45
CA HIS A 89 -27.73 10.38 25.29
C HIS A 89 -27.46 11.64 24.45
N ALA A 90 -27.86 11.63 23.17
CA ALA A 90 -27.66 12.72 22.20
C ALA A 90 -28.86 13.70 22.25
N CYS A 91 -28.93 14.64 21.28
CA CYS A 91 -30.02 15.60 21.09
C CYS A 91 -31.04 15.04 20.06
N ARG A 92 -30.54 14.52 18.92
CA ARG A 92 -31.31 13.80 17.91
C ARG A 92 -30.46 12.68 17.29
ZN ZN B . -2.50 -2.91 -3.17
N MET A 1 28.36 13.07 -7.29
CA MET A 1 28.52 14.50 -7.56
C MET A 1 27.26 15.28 -7.14
N LYS A 2 26.08 14.63 -7.20
CA LYS A 2 24.76 15.22 -6.98
C LYS A 2 23.96 14.42 -5.93
N LYS A 3 22.79 14.93 -5.52
CA LYS A 3 22.00 14.46 -4.37
C LYS A 3 21.36 13.10 -4.67
N ALA A 4 21.13 12.28 -3.63
CA ALA A 4 20.36 11.03 -3.68
C ALA A 4 21.14 9.93 -4.43
N THR A 5 20.88 8.65 -4.09
CA THR A 5 21.61 7.46 -4.57
C THR A 5 21.21 6.22 -3.75
N CYS A 6 20.98 5.08 -4.43
CA CYS A 6 20.83 3.75 -3.83
C CYS A 6 19.43 3.60 -3.19
N LEU A 7 18.37 3.99 -3.94
CA LEU A 7 16.96 3.77 -3.61
C LEU A 7 16.46 2.42 -4.17
N THR A 8 17.40 1.51 -4.48
CA THR A 8 17.19 0.22 -5.14
C THR A 8 16.04 -0.55 -4.46
N ASP A 9 15.34 -1.42 -5.22
CA ASP A 9 14.21 -2.24 -4.78
C ASP A 9 14.60 -3.14 -3.59
N ASP A 10 15.92 -3.33 -3.37
CA ASP A 10 16.51 -3.90 -2.15
C ASP A 10 15.90 -3.25 -0.88
N GLN A 11 16.38 -2.03 -0.54
CA GLN A 11 16.07 -1.35 0.73
C GLN A 11 14.63 -0.80 0.72
N ARG A 12 14.06 -0.62 -0.49
CA ARG A 12 12.61 -0.50 -0.72
C ARG A 12 11.85 -1.55 0.14
N TRP A 13 12.22 -2.84 -0.10
CA TRP A 13 11.69 -3.99 0.65
C TRP A 13 12.26 -4.04 2.08
N GLN A 14 13.39 -3.36 2.35
CA GLN A 14 13.91 -3.18 3.72
C GLN A 14 12.94 -2.33 4.57
N SER A 15 12.62 -1.10 4.10
CA SER A 15 11.63 -0.20 4.71
C SER A 15 10.21 -0.85 4.80
N VAL A 16 9.91 -1.75 3.84
CA VAL A 16 8.63 -2.42 3.65
C VAL A 16 8.59 -3.74 4.45
N LEU A 17 9.76 -4.37 4.69
CA LEU A 17 9.94 -5.49 5.62
C LEU A 17 9.94 -4.99 7.09
N ALA A 18 10.63 -3.86 7.33
CA ALA A 18 10.74 -3.17 8.61
C ALA A 18 9.35 -2.67 9.09
N ARG A 19 8.35 -2.75 8.20
CA ARG A 19 6.93 -2.52 8.48
C ARG A 19 6.69 -1.06 8.96
N ASP A 20 7.65 -0.17 8.64
CA ASP A 20 7.67 1.23 9.07
C ASP A 20 6.38 1.97 8.63
N PRO A 21 5.32 2.02 9.46
CA PRO A 21 3.95 2.37 9.03
C PRO A 21 3.81 3.82 8.50
N ASN A 22 4.86 4.64 8.72
CA ASN A 22 4.87 6.10 8.57
C ASN A 22 5.57 6.53 7.26
N ALA A 23 5.70 5.59 6.30
CA ALA A 23 6.26 5.83 4.96
C ALA A 23 5.14 5.89 3.89
N ASP A 24 3.90 6.17 4.32
CA ASP A 24 2.79 6.60 3.47
C ASP A 24 2.98 8.06 2.98
N GLY A 25 2.93 8.27 1.66
CA GLY A 25 3.37 9.49 0.97
C GLY A 25 4.82 9.38 0.44
N GLU A 26 5.65 8.56 1.10
CA GLU A 26 7.05 8.27 0.73
C GLU A 26 7.09 7.32 -0.49
N PHE A 27 6.22 6.29 -0.51
CA PHE A 27 5.96 5.42 -1.65
C PHE A 27 4.72 4.52 -1.42
N VAL A 28 4.43 3.63 -2.39
CA VAL A 28 3.57 2.44 -2.26
C VAL A 28 4.34 1.20 -2.77
N PHE A 29 3.77 -0.01 -2.58
CA PHE A 29 4.23 -1.26 -3.20
C PHE A 29 3.03 -2.11 -3.70
N ALA A 30 3.20 -2.78 -4.85
CA ALA A 30 2.13 -3.33 -5.70
C ALA A 30 2.39 -4.81 -6.07
N VAL A 31 1.50 -5.73 -5.67
CA VAL A 31 1.63 -7.18 -5.86
C VAL A 31 0.79 -7.64 -7.07
N ARG A 32 1.45 -7.91 -8.22
CA ARG A 32 0.84 -8.14 -9.52
C ARG A 32 -0.19 -9.29 -9.48
N THR A 33 -0.01 -10.23 -8.54
CA THR A 33 -0.62 -11.57 -8.54
C THR A 33 -2.06 -11.53 -7.98
N THR A 34 -2.34 -10.61 -7.03
CA THR A 34 -3.68 -10.30 -6.52
C THR A 34 -4.24 -9.02 -7.18
N GLY A 35 -3.37 -8.22 -7.82
CA GLY A 35 -3.71 -6.94 -8.48
C GLY A 35 -4.20 -5.89 -7.46
N ILE A 36 -3.57 -5.86 -6.27
CA ILE A 36 -3.73 -4.83 -5.23
C ILE A 36 -2.44 -3.99 -5.11
N PHE A 37 -2.55 -2.81 -4.45
CA PHE A 37 -1.44 -2.00 -3.96
C PHE A 37 -1.63 -1.62 -2.46
N CYS A 38 -0.52 -1.28 -1.79
CA CYS A 38 -0.36 -1.18 -0.32
C CYS A 38 0.51 0.04 0.05
N ARG A 39 0.59 0.31 1.37
CA ARG A 39 1.63 1.10 2.05
C ARG A 39 2.77 0.14 2.49
N PRO A 40 4.03 0.58 2.71
CA PRO A 40 5.14 -0.27 3.20
C PRO A 40 4.79 -1.26 4.33
N SER A 41 3.73 -0.98 5.11
CA SER A 41 3.45 -1.52 6.44
C SER A 41 2.64 -2.83 6.39
N CYS A 42 2.53 -3.51 5.23
CA CYS A 42 1.48 -4.52 4.98
C CYS A 42 1.61 -5.70 5.98
N ARG A 43 0.76 -5.70 7.01
CA ARG A 43 0.90 -6.50 8.25
C ARG A 43 0.87 -8.01 7.95
N ALA A 44 -0.14 -8.47 7.19
CA ALA A 44 -0.27 -9.85 6.70
C ALA A 44 1.03 -10.33 6.03
N ARG A 45 1.49 -11.55 6.36
CA ARG A 45 2.77 -12.13 5.94
C ARG A 45 3.01 -11.87 4.42
N HIS A 46 3.99 -11.00 4.11
CA HIS A 46 4.15 -10.33 2.81
C HIS A 46 4.22 -11.33 1.64
N ALA A 47 3.64 -10.96 0.48
CA ALA A 47 3.92 -11.54 -0.84
C ALA A 47 5.25 -11.00 -1.39
N LEU A 48 6.14 -11.90 -1.87
CA LEU A 48 7.58 -11.65 -2.07
C LEU A 48 7.84 -10.30 -2.76
N ARG A 49 8.99 -9.67 -2.45
CA ARG A 49 9.60 -8.55 -3.17
C ARG A 49 9.63 -8.80 -4.69
N GLU A 50 9.72 -10.08 -5.10
CA GLU A 50 9.95 -10.54 -6.47
C GLU A 50 8.70 -10.42 -7.35
N ASN A 51 7.51 -10.32 -6.71
CA ASN A 51 6.20 -10.07 -7.33
C ASN A 51 5.70 -8.64 -7.03
N VAL A 52 6.55 -7.81 -6.39
CA VAL A 52 6.19 -6.53 -5.76
C VAL A 52 7.01 -5.39 -6.40
N SER A 53 6.37 -4.26 -6.76
CA SER A 53 7.01 -3.06 -7.33
C SER A 53 6.47 -1.76 -6.69
N PHE A 54 7.27 -0.68 -6.76
CA PHE A 54 7.18 0.51 -5.90
C PHE A 54 6.88 1.78 -6.73
N TYR A 55 5.91 2.59 -6.24
CA TYR A 55 5.45 3.89 -6.74
C TYR A 55 5.79 5.05 -5.77
N ALA A 56 5.39 6.27 -6.16
CA ALA A 56 5.26 7.46 -5.30
C ALA A 56 4.03 7.36 -4.38
N ASN A 57 2.88 6.91 -4.93
CA ASN A 57 1.56 6.95 -4.28
C ASN A 57 0.59 5.95 -4.95
N ALA A 58 -0.65 5.86 -4.42
CA ALA A 58 -1.67 4.87 -4.79
C ALA A 58 -2.39 5.27 -6.10
N SER A 59 -2.22 6.53 -6.55
CA SER A 59 -2.66 7.04 -7.85
C SER A 59 -1.82 6.48 -9.03
N GLU A 60 -0.51 6.31 -8.81
CA GLU A 60 0.42 5.57 -9.69
C GLU A 60 -0.02 4.10 -9.78
N ALA A 61 -0.41 3.52 -8.62
CA ALA A 61 -0.88 2.14 -8.48
C ALA A 61 -2.31 1.97 -9.02
N LEU A 62 -3.12 3.05 -8.94
CA LEU A 62 -4.36 3.25 -9.71
C LEU A 62 -4.05 3.38 -11.21
N ALA A 63 -2.95 4.08 -11.55
CA ALA A 63 -2.41 4.25 -12.91
C ALA A 63 -2.02 2.89 -13.53
N ALA A 64 -1.68 1.89 -12.70
CA ALA A 64 -1.41 0.50 -13.10
C ALA A 64 -2.71 -0.30 -13.25
N GLY A 65 -3.84 0.22 -12.72
CA GLY A 65 -5.15 -0.43 -12.67
C GLY A 65 -5.23 -1.50 -11.57
N PHE A 66 -4.83 -1.14 -10.33
CA PHE A 66 -4.95 -1.96 -9.12
C PHE A 66 -6.02 -1.39 -8.17
N ARG A 67 -6.51 -2.21 -7.22
CA ARG A 67 -7.47 -1.84 -6.17
C ARG A 67 -6.77 -1.67 -4.80
N PRO A 68 -7.33 -0.90 -3.84
CA PRO A 68 -6.74 -0.60 -2.53
C PRO A 68 -6.83 -1.74 -1.49
N CYS A 69 -5.68 -2.30 -1.09
CA CYS A 69 -5.53 -3.49 -0.24
C CYS A 69 -6.51 -3.44 0.96
N LYS A 70 -6.90 -4.61 1.47
CA LYS A 70 -7.96 -4.82 2.48
C LYS A 70 -7.50 -4.28 3.87
N ARG A 71 -6.23 -3.88 4.00
CA ARG A 71 -5.51 -3.69 5.25
C ARG A 71 -4.84 -2.30 5.30
N CYS A 72 -4.18 -1.89 4.20
CA CYS A 72 -3.24 -0.76 4.14
C CYS A 72 -3.94 0.52 3.67
N GLN A 73 -4.51 0.53 2.45
CA GLN A 73 -4.87 1.75 1.70
C GLN A 73 -6.12 2.41 2.34
N PRO A 74 -7.23 1.70 2.57
CA PRO A 74 -8.41 2.19 3.31
C PRO A 74 -8.32 1.96 4.83
N ASP A 75 -7.60 0.90 5.26
CA ASP A 75 -7.67 0.30 6.59
C ASP A 75 -8.97 -0.51 6.77
N LYS A 76 -9.23 -1.49 5.88
CA LYS A 76 -10.54 -2.11 5.65
C LYS A 76 -10.62 -3.47 6.37
N ALA A 77 -9.84 -3.65 7.46
CA ALA A 77 -9.70 -4.90 8.21
C ALA A 77 -11.05 -5.33 8.84
N ASN A 78 -11.89 -6.04 8.07
CA ASN A 78 -13.23 -6.51 8.45
C ASN A 78 -14.06 -6.89 7.20
N PRO A 79 -14.09 -8.17 6.75
CA PRO A 79 -14.60 -8.58 5.43
C PRO A 79 -16.13 -8.39 5.32
N ARG A 80 -16.90 -9.50 5.31
CA ARG A 80 -18.30 -9.63 4.85
C ARG A 80 -19.11 -8.32 5.04
N GLN A 81 -19.47 -7.98 6.30
CA GLN A 81 -20.08 -6.72 6.75
C GLN A 81 -19.71 -5.53 5.84
N HIS A 82 -20.65 -4.59 5.62
CA HIS A 82 -20.47 -3.39 4.80
C HIS A 82 -20.40 -2.10 5.67
N ARG A 83 -21.31 -1.98 6.64
CA ARG A 83 -21.71 -0.73 7.32
C ARG A 83 -21.36 0.51 6.46
N LEU A 84 -21.94 0.57 5.25
CA LEU A 84 -21.75 1.59 4.22
C LEU A 84 -21.52 2.99 4.83
N ASP A 85 -20.60 3.79 4.24
CA ASP A 85 -20.35 5.20 4.58
C ASP A 85 -20.56 6.11 3.36
N LYS A 86 -21.03 7.35 3.60
CA LYS A 86 -21.48 8.34 2.59
C LYS A 86 -22.14 9.56 3.29
N ILE A 87 -23.38 9.39 3.76
CA ILE A 87 -24.19 10.43 4.40
C ILE A 87 -24.51 11.53 3.37
N THR A 88 -25.70 11.46 2.73
CA THR A 88 -26.11 12.30 1.60
C THR A 88 -26.11 13.79 2.00
N HIS A 89 -25.95 14.69 1.01
CA HIS A 89 -25.98 16.15 1.17
C HIS A 89 -27.35 16.63 1.68
N ALA A 90 -27.40 17.22 2.88
CA ALA A 90 -28.60 17.79 3.52
C ALA A 90 -28.21 18.80 4.62
N CYS A 91 -27.70 19.99 4.21
CA CYS A 91 -27.16 21.02 5.09
C CYS A 91 -28.30 21.92 5.63
N ARG A 92 -29.17 22.42 4.74
CA ARG A 92 -30.23 23.40 5.01
C ARG A 92 -31.40 22.70 5.72
ZN ZN B . -1.55 -4.40 2.18
N MET A 1 25.72 8.48 2.83
CA MET A 1 25.32 7.33 3.65
C MET A 1 24.12 6.61 3.02
N LYS A 2 23.32 7.33 2.20
CA LYS A 2 22.21 6.80 1.40
C LYS A 2 22.37 7.19 -0.08
N LYS A 3 23.45 6.71 -0.73
CA LYS A 3 23.78 6.95 -2.14
C LYS A 3 22.91 6.06 -3.06
N ALA A 4 22.73 4.79 -2.68
CA ALA A 4 21.83 3.82 -3.32
C ALA A 4 22.48 3.20 -4.59
N THR A 5 22.64 1.87 -4.60
CA THR A 5 23.26 1.10 -5.68
C THR A 5 22.33 -0.05 -6.12
N CYS A 6 21.62 0.13 -7.26
CA CYS A 6 20.76 -0.87 -7.90
C CYS A 6 19.41 -0.97 -7.16
N LEU A 7 18.30 -1.10 -7.91
CA LEU A 7 16.91 -1.02 -7.45
C LEU A 7 16.39 -2.41 -7.01
N THR A 8 17.32 -3.33 -6.73
CA THR A 8 17.09 -4.74 -6.40
C THR A 8 15.93 -4.88 -5.38
N ASP A 9 14.94 -5.73 -5.69
CA ASP A 9 13.66 -5.84 -4.97
C ASP A 9 13.87 -6.32 -3.52
N ASP A 10 15.04 -6.91 -3.23
CA ASP A 10 15.54 -7.21 -1.88
C ASP A 10 15.36 -6.00 -0.95
N GLN A 11 16.26 -4.99 -1.09
CA GLN A 11 16.37 -3.86 -0.15
C GLN A 11 15.25 -2.83 -0.42
N ARG A 12 14.65 -2.87 -1.63
CA ARG A 12 13.33 -2.29 -1.92
C ARG A 12 12.34 -2.61 -0.78
N TRP A 13 12.16 -3.95 -0.56
CA TRP A 13 11.34 -4.48 0.53
C TRP A 13 11.97 -4.25 1.90
N GLN A 14 13.30 -3.98 1.97
CA GLN A 14 13.99 -3.58 3.21
C GLN A 14 13.53 -2.18 3.66
N SER A 15 13.65 -1.17 2.78
CA SER A 15 13.10 0.18 2.98
C SER A 15 11.59 0.16 3.31
N VAL A 16 10.87 -0.83 2.72
CA VAL A 16 9.41 -0.99 2.76
C VAL A 16 9.00 -1.84 3.98
N LEU A 17 9.88 -2.75 4.45
CA LEU A 17 9.71 -3.53 5.68
C LEU A 17 9.97 -2.66 6.92
N ALA A 18 10.98 -1.77 6.82
CA ALA A 18 11.30 -0.72 7.80
C ALA A 18 10.08 0.22 7.98
N ARG A 19 9.15 0.20 7.01
CA ARG A 19 7.89 0.94 6.99
C ARG A 19 8.13 2.44 6.71
N ASP A 20 9.32 2.78 6.18
CA ASP A 20 9.90 4.12 6.13
C ASP A 20 8.90 5.12 5.50
N PRO A 21 8.00 5.77 6.28
CA PRO A 21 6.86 6.55 5.76
C PRO A 21 7.30 7.76 4.93
N ASN A 22 8.59 8.13 5.01
CA ASN A 22 9.21 9.32 4.40
C ASN A 22 9.53 9.09 2.91
N ALA A 23 9.32 7.86 2.40
CA ALA A 23 9.65 7.43 1.04
C ALA A 23 8.48 7.67 0.07
N ASP A 24 7.47 8.46 0.51
CA ASP A 24 6.47 9.13 -0.34
C ASP A 24 7.16 9.95 -1.46
N GLY A 25 6.98 9.54 -2.73
CA GLY A 25 7.54 10.18 -3.92
C GLY A 25 8.77 9.41 -4.45
N GLU A 26 9.52 8.75 -3.55
CA GLU A 26 10.77 8.03 -3.83
C GLU A 26 10.49 6.77 -4.68
N PHE A 27 9.38 6.06 -4.36
CA PHE A 27 8.82 4.96 -5.17
C PHE A 27 7.37 4.64 -4.74
N VAL A 28 6.78 3.59 -5.37
CA VAL A 28 5.61 2.85 -4.91
C VAL A 28 5.93 1.34 -4.84
N PHE A 29 5.00 0.52 -4.30
CA PHE A 29 4.98 -0.95 -4.47
C PHE A 29 3.55 -1.45 -4.75
N ALA A 30 3.44 -2.56 -5.49
CA ALA A 30 2.23 -3.02 -6.20
C ALA A 30 1.99 -4.54 -6.01
N VAL A 31 0.97 -4.91 -5.23
CA VAL A 31 0.60 -6.31 -4.94
C VAL A 31 -0.39 -6.83 -5.99
N ARG A 32 0.07 -7.72 -6.89
CA ARG A 32 -0.67 -8.22 -8.06
C ARG A 32 -1.99 -8.91 -7.64
N THR A 33 -2.10 -9.33 -6.37
CA THR A 33 -3.16 -10.21 -5.85
C THR A 33 -4.44 -9.41 -5.55
N THR A 34 -4.29 -8.17 -5.04
CA THR A 34 -5.36 -7.17 -4.88
C THR A 34 -5.33 -6.12 -6.01
N GLY A 35 -4.31 -6.18 -6.88
CA GLY A 35 -4.02 -5.21 -7.98
C GLY A 35 -4.19 -3.77 -7.44
N ILE A 36 -3.81 -3.60 -6.14
CA ILE A 36 -3.63 -2.31 -5.47
C ILE A 36 -2.13 -1.91 -5.49
N PHE A 37 -1.84 -0.61 -5.35
CA PHE A 37 -0.49 -0.05 -5.18
C PHE A 37 -0.45 0.96 -4.01
N CYS A 38 0.73 1.15 -3.40
CA CYS A 38 0.96 1.75 -2.07
C CYS A 38 2.21 2.66 -2.10
N ARG A 39 2.49 3.34 -0.98
CA ARG A 39 3.80 3.90 -0.60
C ARG A 39 4.53 2.92 0.35
N PRO A 40 5.87 2.90 0.44
CA PRO A 40 6.63 1.86 1.16
C PRO A 40 6.11 1.52 2.58
N SER A 41 5.35 2.44 3.19
CA SER A 41 5.05 2.52 4.63
C SER A 41 3.86 1.63 5.05
N CYS A 42 3.32 0.78 4.15
CA CYS A 42 1.98 0.20 4.27
C CYS A 42 1.79 -0.48 5.65
N ARG A 43 1.08 0.20 6.57
CA ARG A 43 1.00 -0.10 8.01
C ARG A 43 0.19 -1.38 8.27
N ALA A 44 -0.97 -1.52 7.59
CA ALA A 44 -1.77 -2.75 7.50
C ALA A 44 -0.88 -3.97 7.20
N ARG A 45 -1.32 -5.18 7.62
CA ARG A 45 -0.60 -6.45 7.46
C ARG A 45 -0.05 -6.60 6.02
N HIS A 46 1.28 -6.81 5.88
CA HIS A 46 2.03 -6.75 4.62
C HIS A 46 1.60 -7.87 3.65
N ALA A 47 1.37 -7.51 2.37
CA ALA A 47 1.33 -8.43 1.22
C ALA A 47 2.75 -8.70 0.68
N LEU A 48 3.19 -9.98 0.73
CA LEU A 48 4.59 -10.41 0.63
C LEU A 48 5.31 -9.67 -0.52
N ARG A 49 6.63 -9.42 -0.35
CA ARG A 49 7.57 -9.03 -1.40
C ARG A 49 7.30 -9.80 -2.71
N GLU A 50 6.93 -11.10 -2.59
CA GLU A 50 6.94 -12.10 -3.66
C GLU A 50 5.81 -11.85 -4.68
N ASN A 51 4.77 -11.08 -4.27
CA ASN A 51 3.66 -10.59 -5.08
C ASN A 51 3.83 -9.10 -5.41
N VAL A 52 4.66 -8.38 -4.63
CA VAL A 52 4.86 -6.92 -4.68
C VAL A 52 5.96 -6.58 -5.71
N SER A 53 5.77 -5.50 -6.49
CA SER A 53 6.80 -4.89 -7.35
C SER A 53 6.74 -3.34 -7.29
N PHE A 54 7.88 -2.68 -7.62
CA PHE A 54 8.19 -1.30 -7.26
C PHE A 54 8.32 -0.38 -8.50
N TYR A 55 7.72 0.82 -8.41
CA TYR A 55 7.69 1.91 -9.40
C TYR A 55 8.44 3.17 -8.89
N ALA A 56 8.47 4.22 -9.76
CA ALA A 56 8.77 5.60 -9.40
C ALA A 56 7.58 6.25 -8.65
N ASN A 57 6.33 5.99 -9.09
CA ASN A 57 5.13 6.67 -8.60
C ASN A 57 3.85 5.84 -8.87
N ALA A 58 2.68 6.36 -8.43
CA ALA A 58 1.37 5.71 -8.50
C ALA A 58 0.85 5.67 -9.96
N SER A 59 1.13 6.72 -10.74
CA SER A 59 0.79 6.86 -12.17
C SER A 59 1.50 5.78 -13.02
N GLU A 60 2.52 5.14 -12.44
CA GLU A 60 3.17 3.93 -12.96
C GLU A 60 2.30 2.68 -12.69
N ALA A 61 1.81 2.54 -11.45
CA ALA A 61 0.83 1.54 -10.99
C ALA A 61 -0.55 1.78 -11.64
N LEU A 62 -0.81 3.02 -12.10
CA LEU A 62 -1.91 3.44 -12.98
C LEU A 62 -1.75 2.80 -14.37
N ALA A 63 -0.49 2.85 -14.90
CA ALA A 63 -0.03 2.14 -16.09
C ALA A 63 -0.16 0.61 -15.95
N ALA A 64 -0.08 0.10 -14.70
CA ALA A 64 -0.28 -1.31 -14.35
C ALA A 64 -1.78 -1.67 -14.25
N GLY A 65 -2.64 -0.65 -14.19
CA GLY A 65 -4.11 -0.76 -14.12
C GLY A 65 -4.61 -1.12 -12.70
N PHE A 66 -4.04 -0.48 -11.67
CA PHE A 66 -4.29 -0.75 -10.24
C PHE A 66 -5.08 0.41 -9.60
N ARG A 67 -5.62 0.18 -8.38
CA ARG A 67 -6.36 1.16 -7.57
C ARG A 67 -5.54 1.60 -6.33
N PRO A 68 -5.71 2.84 -5.82
CA PRO A 68 -4.96 3.41 -4.68
C PRO A 68 -5.39 2.89 -3.29
N CYS A 69 -4.48 2.19 -2.59
CA CYS A 69 -4.67 1.55 -1.27
C CYS A 69 -5.32 2.54 -0.28
N LYS A 70 -6.40 2.13 0.41
CA LYS A 70 -7.33 3.01 1.15
C LYS A 70 -6.65 3.60 2.42
N ARG A 71 -5.36 3.30 2.65
CA ARG A 71 -4.54 3.71 3.80
C ARG A 71 -3.27 4.47 3.36
N CYS A 72 -2.69 4.08 2.21
CA CYS A 72 -1.36 4.47 1.69
C CYS A 72 -1.46 5.71 0.78
N GLN A 73 -2.26 5.60 -0.30
CA GLN A 73 -2.21 6.46 -1.50
C GLN A 73 -3.07 7.72 -1.31
N PRO A 74 -4.36 7.62 -0.93
CA PRO A 74 -5.20 8.74 -0.47
C PRO A 74 -4.94 9.12 1.01
N ASP A 75 -4.48 8.14 1.81
CA ASP A 75 -4.50 8.17 3.28
C ASP A 75 -5.94 8.17 3.83
N LYS A 76 -6.74 7.15 3.45
CA LYS A 76 -8.21 7.15 3.57
C LYS A 76 -8.66 6.19 4.70
N ALA A 77 -7.94 6.22 5.83
CA ALA A 77 -8.18 5.35 7.00
C ALA A 77 -9.52 5.70 7.69
N ASN A 78 -10.59 4.95 7.37
CA ASN A 78 -11.93 5.10 7.92
C ASN A 78 -11.90 5.07 9.48
N PRO A 79 -11.97 6.23 10.17
CA PRO A 79 -11.93 6.32 11.63
C PRO A 79 -12.99 5.43 12.32
N ARG A 80 -14.28 5.71 12.07
CA ARG A 80 -15.48 5.10 12.67
C ARG A 80 -15.20 3.69 13.27
N GLN A 81 -15.03 2.68 12.41
CA GLN A 81 -14.93 1.26 12.76
C GLN A 81 -15.92 0.90 13.88
N HIS A 82 -17.16 0.55 13.50
CA HIS A 82 -18.25 0.11 14.42
C HIS A 82 -19.18 -0.91 13.73
N ARG A 83 -20.29 -1.27 14.39
CA ARG A 83 -21.39 -2.06 13.84
C ARG A 83 -22.72 -1.28 13.88
N LEU A 84 -23.08 -0.61 12.77
CA LEU A 84 -24.20 0.34 12.64
C LEU A 84 -24.29 0.93 11.21
N ASP A 85 -24.33 0.03 10.20
CA ASP A 85 -24.50 0.35 8.78
C ASP A 85 -25.92 0.89 8.48
N LYS A 86 -26.90 -0.02 8.30
CA LYS A 86 -28.26 0.26 7.85
C LYS A 86 -28.25 0.87 6.43
N ILE A 87 -29.23 0.47 5.59
CA ILE A 87 -29.46 0.98 4.23
C ILE A 87 -30.80 1.75 4.20
N THR A 88 -31.18 2.28 3.03
CA THR A 88 -32.49 2.89 2.74
C THR A 88 -33.61 1.84 2.91
N HIS A 89 -34.88 2.30 2.89
CA HIS A 89 -36.09 1.46 2.85
C HIS A 89 -35.93 0.30 1.83
N ALA A 90 -36.15 -0.94 2.28
CA ALA A 90 -36.12 -2.16 1.46
C ALA A 90 -36.76 -3.34 2.22
N CYS A 91 -37.27 -4.35 1.47
CA CYS A 91 -37.98 -5.52 2.00
C CYS A 91 -37.02 -6.40 2.84
N ARG A 92 -35.74 -6.48 2.43
CA ARG A 92 -34.64 -7.11 3.16
C ARG A 92 -34.03 -6.13 4.17
ZN ZN B . -1.03 0.04 1.40
N MET A 1 18.08 18.75 -1.44
CA MET A 1 17.47 17.81 -2.36
C MET A 1 18.45 16.66 -2.70
N LYS A 2 19.40 16.92 -3.63
CA LYS A 2 20.37 15.94 -4.14
C LYS A 2 19.65 14.65 -4.60
N LYS A 3 20.39 13.52 -4.64
CA LYS A 3 19.93 12.22 -5.16
C LYS A 3 19.78 11.21 -4.01
N ALA A 4 18.73 10.37 -4.08
CA ALA A 4 18.51 9.20 -3.21
C ALA A 4 19.80 8.36 -3.07
N THR A 5 19.94 7.63 -1.95
CA THR A 5 20.93 6.57 -1.74
C THR A 5 20.32 5.42 -0.91
N CYS A 6 20.91 4.21 -1.00
CA CYS A 6 20.49 3.01 -0.28
C CYS A 6 19.05 2.62 -0.65
N LEU A 7 18.77 2.48 -1.97
CA LEU A 7 17.47 2.09 -2.54
C LEU A 7 17.36 0.55 -2.68
N THR A 8 18.20 -0.18 -1.91
CA THR A 8 18.35 -1.63 -1.94
C THR A 8 17.00 -2.32 -1.62
N ASP A 9 16.64 -3.35 -2.41
CA ASP A 9 15.34 -4.02 -2.41
C ASP A 9 15.15 -4.91 -1.17
N ASP A 10 16.27 -5.32 -0.54
CA ASP A 10 16.33 -5.91 0.80
C ASP A 10 15.47 -5.12 1.80
N GLN A 11 15.98 -3.96 2.26
CA GLN A 11 15.39 -3.19 3.36
C GLN A 11 14.15 -2.42 2.89
N ARG A 12 13.99 -2.22 1.56
CA ARG A 12 12.72 -1.90 0.92
C ARG A 12 11.58 -2.78 1.51
N TRP A 13 11.80 -4.12 1.39
CA TRP A 13 10.92 -5.14 1.98
C TRP A 13 11.00 -5.15 3.52
N GLN A 14 12.09 -4.61 4.11
CA GLN A 14 12.15 -4.33 5.56
C GLN A 14 11.07 -3.30 5.97
N SER A 15 11.11 -2.09 5.38
CA SER A 15 10.11 -1.02 5.59
C SER A 15 8.67 -1.49 5.29
N VAL A 16 8.54 -2.45 4.35
CA VAL A 16 7.28 -3.00 3.82
C VAL A 16 6.81 -4.19 4.67
N LEU A 17 7.74 -4.95 5.27
CA LEU A 17 7.49 -6.01 6.26
C LEU A 17 7.08 -5.40 7.62
N ALA A 18 7.73 -4.29 8.00
CA ALA A 18 7.39 -3.45 9.16
C ALA A 18 5.91 -2.99 9.08
N ARG A 19 5.36 -3.02 7.83
CA ARG A 19 3.96 -2.72 7.51
C ARG A 19 3.73 -1.20 7.45
N ASP A 20 4.75 -0.43 7.02
CA ASP A 20 4.85 1.03 7.22
C ASP A 20 3.67 1.75 6.54
N PRO A 21 2.84 2.51 7.28
CA PRO A 21 1.70 3.28 6.76
C PRO A 21 2.14 4.61 6.10
N ASN A 22 2.91 5.39 6.93
CA ASN A 22 3.28 6.79 6.72
C ASN A 22 4.46 6.92 5.74
N ALA A 23 4.77 5.81 5.04
CA ALA A 23 5.57 5.77 3.79
C ALA A 23 4.62 5.81 2.56
N ASP A 24 3.38 6.30 2.77
CA ASP A 24 2.39 6.65 1.74
C ASP A 24 2.94 7.68 0.70
N GLY A 25 4.06 8.33 1.04
CA GLY A 25 4.76 9.34 0.22
C GLY A 25 6.19 8.91 -0.14
N GLU A 26 6.72 7.86 0.52
CA GLU A 26 8.07 7.32 0.35
C GLU A 26 8.18 6.56 -0.99
N PHE A 27 7.23 5.64 -1.26
CA PHE A 27 7.23 4.73 -2.41
C PHE A 27 5.88 4.01 -2.59
N VAL A 28 5.80 3.17 -3.64
CA VAL A 28 4.83 2.08 -3.83
C VAL A 28 5.58 0.76 -4.10
N PHE A 29 4.87 -0.39 -4.17
CA PHE A 29 5.42 -1.66 -4.68
C PHE A 29 4.36 -2.44 -5.51
N ALA A 30 4.86 -3.37 -6.36
CA ALA A 30 4.16 -3.97 -7.51
C ALA A 30 4.39 -5.50 -7.56
N VAL A 31 3.32 -6.31 -7.43
CA VAL A 31 3.36 -7.78 -7.47
C VAL A 31 3.06 -8.28 -8.90
N ARG A 32 4.11 -8.65 -9.66
CA ARG A 32 4.04 -9.10 -11.05
C ARG A 32 2.98 -10.20 -11.24
N THR A 33 2.70 -10.97 -10.16
CA THR A 33 1.96 -12.23 -10.19
C THR A 33 0.44 -11.97 -10.20
N THR A 34 -0.02 -10.92 -9.49
CA THR A 34 -1.43 -10.59 -9.28
C THR A 34 -1.89 -9.46 -10.22
N GLY A 35 -0.93 -8.71 -10.81
CA GLY A 35 -1.16 -7.50 -11.60
C GLY A 35 -1.74 -6.35 -10.73
N ILE A 36 -1.15 -6.14 -9.53
CA ILE A 36 -1.54 -5.13 -8.54
C ILE A 36 -0.32 -4.26 -8.17
N PHE A 37 -0.57 -3.05 -7.64
CA PHE A 37 0.39 -2.21 -6.91
C PHE A 37 -0.25 -1.64 -5.62
N CYS A 38 0.55 -1.58 -4.53
CA CYS A 38 0.16 -1.22 -3.16
C CYS A 38 0.92 0.03 -2.66
N ARG A 39 0.49 0.55 -1.49
CA ARG A 39 1.26 1.39 -0.57
C ARG A 39 2.10 0.50 0.38
N PRO A 40 3.25 0.93 0.95
CA PRO A 40 4.10 0.12 1.83
C PRO A 40 3.37 -0.71 2.90
N SER A 41 2.14 -0.32 3.26
CA SER A 41 1.43 -0.70 4.49
C SER A 41 0.60 -1.98 4.32
N CYS A 42 0.91 -2.87 3.35
CA CYS A 42 -0.03 -3.90 2.87
C CYS A 42 -0.25 -4.98 3.94
N ARG A 43 -1.43 -4.95 4.61
CA ARG A 43 -1.73 -5.63 5.87
C ARG A 43 -1.88 -7.16 5.66
N ALA A 44 -2.70 -7.58 4.68
CA ALA A 44 -2.99 -8.98 4.35
C ALA A 44 -1.70 -9.81 4.25
N ARG A 45 -1.78 -11.12 4.53
CA ARG A 45 -0.64 -12.05 4.56
C ARG A 45 0.23 -11.90 3.30
N HIS A 46 1.43 -11.31 3.45
CA HIS A 46 2.26 -10.74 2.39
C HIS A 46 2.46 -11.72 1.21
N ALA A 47 2.78 -11.19 0.01
CA ALA A 47 3.37 -11.90 -1.12
C ALA A 47 4.87 -11.57 -1.25
N LEU A 48 5.73 -12.60 -1.32
CA LEU A 48 7.17 -12.54 -1.07
C LEU A 48 7.83 -11.34 -1.81
N ARG A 49 8.91 -10.79 -1.22
CA ARG A 49 9.81 -9.78 -1.80
C ARG A 49 10.20 -10.15 -3.25
N GLU A 50 10.29 -11.46 -3.55
CA GLU A 50 10.90 -12.04 -4.75
C GLU A 50 10.00 -11.88 -5.98
N ASN A 51 8.69 -11.63 -5.76
CA ASN A 51 7.67 -11.35 -6.79
C ASN A 51 7.35 -9.85 -6.88
N VAL A 52 7.84 -9.04 -5.92
CA VAL A 52 7.47 -7.63 -5.69
C VAL A 52 8.64 -6.70 -6.05
N SER A 53 8.34 -5.52 -6.63
CA SER A 53 9.29 -4.46 -6.95
C SER A 53 8.72 -3.05 -6.63
N PHE A 54 9.62 -2.07 -6.45
CA PHE A 54 9.37 -0.78 -5.78
C PHE A 54 9.50 0.42 -6.74
N TYR A 55 8.52 1.34 -6.68
CA TYR A 55 8.43 2.64 -7.36
C TYR A 55 8.54 3.82 -6.38
N ALA A 56 8.47 5.06 -6.95
CA ALA A 56 8.26 6.32 -6.24
C ALA A 56 6.77 6.53 -5.89
N ASN A 57 5.85 6.19 -6.81
CA ASN A 57 4.40 6.42 -6.69
C ASN A 57 3.60 5.47 -7.61
N ALA A 58 2.25 5.56 -7.55
CA ALA A 58 1.29 4.64 -8.17
C ALA A 58 1.03 5.00 -9.65
N SER A 59 1.55 6.16 -10.10
CA SER A 59 1.66 6.56 -11.51
C SER A 59 2.76 5.78 -12.26
N GLU A 60 3.89 5.52 -11.57
CA GLU A 60 4.95 4.57 -11.98
C GLU A 60 4.40 3.14 -12.01
N ALA A 61 3.56 2.81 -11.00
CA ALA A 61 2.83 1.54 -10.86
C ALA A 61 1.72 1.41 -11.92
N LEU A 62 1.09 2.54 -12.28
CA LEU A 62 0.23 2.72 -13.45
C LEU A 62 1.05 2.59 -14.76
N ALA A 63 2.28 3.13 -14.75
CA ALA A 63 3.28 3.06 -15.82
C ALA A 63 3.68 1.60 -16.13
N ALA A 64 3.55 0.71 -15.14
CA ALA A 64 3.69 -0.75 -15.26
C ALA A 64 2.42 -1.40 -15.82
N GLY A 65 1.28 -0.66 -15.78
CA GLY A 65 -0.06 -1.12 -16.16
C GLY A 65 -0.67 -2.08 -15.12
N PHE A 66 -0.56 -1.73 -13.81
CA PHE A 66 -1.07 -2.50 -12.67
C PHE A 66 -2.33 -1.83 -12.09
N ARG A 67 -3.06 -2.56 -11.21
CA ARG A 67 -4.39 -2.20 -10.69
C ARG A 67 -4.34 -1.95 -9.17
N PRO A 68 -5.01 -0.90 -8.63
CA PRO A 68 -4.94 -0.48 -7.23
C PRO A 68 -5.49 -1.51 -6.21
N CYS A 69 -4.61 -2.07 -5.36
CA CYS A 69 -4.92 -2.99 -4.26
C CYS A 69 -6.08 -2.45 -3.39
N LYS A 70 -6.98 -3.34 -2.94
CA LYS A 70 -8.30 -3.02 -2.39
C LYS A 70 -8.18 -2.34 -1.01
N ARG A 71 -6.96 -2.22 -0.45
CA ARG A 71 -6.65 -1.88 0.94
C ARG A 71 -5.69 -0.68 1.02
N CYS A 72 -4.65 -0.67 0.16
CA CYS A 72 -3.43 0.14 0.27
C CYS A 72 -3.49 1.36 -0.69
N GLN A 73 -3.85 1.11 -1.97
CA GLN A 73 -4.32 2.13 -2.93
C GLN A 73 -5.74 2.63 -2.52
N PRO A 74 -6.09 3.91 -2.78
CA PRO A 74 -7.44 4.46 -2.63
C PRO A 74 -8.55 3.45 -3.01
N ASP A 75 -9.06 2.69 -2.03
CA ASP A 75 -10.04 1.61 -2.20
C ASP A 75 -10.67 1.21 -0.85
N LYS A 76 -9.87 0.65 0.08
CA LYS A 76 -10.21 0.50 1.51
C LYS A 76 -9.04 1.01 2.38
N ALA A 77 -8.62 2.27 2.17
CA ALA A 77 -7.76 3.05 3.08
C ALA A 77 -8.60 3.85 4.09
N ASN A 78 -8.21 3.83 5.37
CA ASN A 78 -8.83 4.58 6.48
C ASN A 78 -10.34 4.27 6.58
N PRO A 79 -10.75 3.04 7.00
CA PRO A 79 -12.14 2.56 6.94
C PRO A 79 -13.07 3.30 7.93
N ARG A 80 -13.15 2.83 9.18
CA ARG A 80 -14.05 3.24 10.27
C ARG A 80 -14.60 4.67 10.08
N GLN A 81 -13.73 5.68 10.17
CA GLN A 81 -13.94 7.10 9.87
C GLN A 81 -15.21 7.34 9.02
N HIS A 82 -16.25 7.94 9.63
CA HIS A 82 -17.63 7.98 9.12
C HIS A 82 -17.91 9.26 8.30
N ARG A 83 -17.65 10.43 8.91
CA ARG A 83 -18.18 11.74 8.48
C ARG A 83 -19.70 11.65 8.19
N LEU A 84 -20.52 11.97 9.20
CA LEU A 84 -21.98 11.73 9.25
C LEU A 84 -22.60 12.24 10.57
N ASP A 85 -23.90 12.59 10.54
CA ASP A 85 -24.71 13.06 11.68
C ASP A 85 -24.82 11.96 12.76
N LYS A 86 -25.66 10.94 12.50
CA LYS A 86 -26.07 9.89 13.44
C LYS A 86 -27.27 9.08 12.87
N ILE A 87 -27.50 7.87 13.43
CA ILE A 87 -28.38 6.84 12.86
C ILE A 87 -29.83 7.12 13.30
N THR A 88 -30.57 7.92 12.50
CA THR A 88 -31.96 8.32 12.74
C THR A 88 -32.84 7.07 12.98
N HIS A 89 -33.37 6.47 11.90
CA HIS A 89 -34.25 5.30 11.92
C HIS A 89 -33.48 4.01 11.57
N ALA A 90 -32.19 4.12 11.18
CA ALA A 90 -31.32 3.00 10.82
C ALA A 90 -31.83 2.29 9.53
N CYS A 91 -31.34 1.08 9.26
CA CYS A 91 -31.73 0.23 8.12
C CYS A 91 -32.74 -0.84 8.56
N ARG A 92 -33.21 -1.67 7.62
CA ARG A 92 -34.29 -2.66 7.80
C ARG A 92 -33.85 -3.71 8.85
ZN ZN B . -1.97 -4.13 -0.76
N MET A 1 10.76 -17.80 23.33
CA MET A 1 10.38 -16.72 22.42
C MET A 1 9.78 -17.29 21.12
N LYS A 2 8.45 -17.15 20.95
CA LYS A 2 7.71 -17.51 19.72
C LYS A 2 6.90 -16.30 19.20
N LYS A 3 5.69 -16.09 19.74
CA LYS A 3 4.70 -15.12 19.26
C LYS A 3 4.94 -13.73 19.89
N ALA A 4 5.63 -12.84 19.15
CA ALA A 4 6.13 -11.54 19.63
C ALA A 4 7.17 -10.94 18.65
N THR A 5 8.13 -11.78 18.21
CA THR A 5 9.22 -11.42 17.27
C THR A 5 9.26 -12.42 16.10
N CYS A 6 8.48 -12.15 15.04
CA CYS A 6 8.25 -13.05 13.90
C CYS A 6 7.31 -12.39 12.87
N LEU A 7 7.31 -12.90 11.61
CA LEU A 7 6.60 -12.35 10.46
C LEU A 7 5.17 -12.93 10.35
N THR A 8 4.65 -13.44 11.49
CA THR A 8 3.30 -14.00 11.65
C THR A 8 2.24 -13.07 11.04
N ASP A 9 1.15 -13.65 10.49
CA ASP A 9 0.13 -12.97 9.68
C ASP A 9 -0.63 -11.92 10.54
N ASP A 10 -0.72 -12.14 11.86
CA ASP A 10 -1.08 -11.14 12.87
C ASP A 10 -0.45 -9.78 12.57
N GLN A 11 0.87 -9.64 12.81
CA GLN A 11 1.58 -8.36 12.82
C GLN A 11 1.81 -7.85 11.38
N ARG A 12 1.82 -8.76 10.40
CA ARG A 12 1.61 -8.46 8.97
C ARG A 12 0.50 -7.40 8.80
N TRP A 13 -0.71 -7.74 9.32
CA TRP A 13 -1.86 -6.84 9.34
C TRP A 13 -1.74 -5.75 10.42
N GLN A 14 -0.80 -5.87 11.37
CA GLN A 14 -0.43 -4.79 12.30
C GLN A 14 0.29 -3.65 11.56
N SER A 15 1.39 -3.97 10.86
CA SER A 15 2.04 -3.12 9.84
C SER A 15 0.99 -2.40 8.95
N VAL A 16 0.02 -3.19 8.42
CA VAL A 16 -0.95 -2.79 7.40
C VAL A 16 -2.17 -2.08 8.03
N LEU A 17 -2.48 -2.35 9.31
CA LEU A 17 -3.49 -1.62 10.10
C LEU A 17 -2.93 -0.25 10.56
N ALA A 18 -1.66 -0.24 11.01
CA ALA A 18 -0.92 0.93 11.48
C ALA A 18 -0.82 2.00 10.36
N ARG A 19 -1.05 1.57 9.11
CA ARG A 19 -1.09 2.39 7.89
C ARG A 19 0.35 2.78 7.45
N ASP A 20 1.35 2.04 7.96
CA ASP A 20 2.79 2.36 7.89
C ASP A 20 3.28 2.36 6.43
N PRO A 21 3.37 3.53 5.74
CA PRO A 21 3.70 3.64 4.31
C PRO A 21 5.12 3.13 3.98
N ASN A 22 5.95 2.93 5.02
CA ASN A 22 7.42 2.80 4.96
C ASN A 22 7.83 1.34 4.63
N ALA A 23 6.86 0.43 4.47
CA ALA A 23 7.07 -0.96 4.02
C ALA A 23 6.83 -1.09 2.50
N ASP A 24 6.87 0.05 1.78
CA ASP A 24 7.07 0.14 0.33
C ASP A 24 8.24 -0.76 -0.13
N GLY A 25 7.95 -1.83 -0.88
CA GLY A 25 8.92 -2.77 -1.46
C GLY A 25 9.24 -3.93 -0.49
N GLU A 26 8.94 -3.75 0.81
CA GLU A 26 9.00 -4.78 1.85
C GLU A 26 7.92 -5.86 1.63
N PHE A 27 6.77 -5.44 1.06
CA PHE A 27 5.70 -6.32 0.56
C PHE A 27 4.59 -5.54 -0.17
N VAL A 28 3.56 -6.27 -0.64
CA VAL A 28 2.23 -5.78 -0.99
C VAL A 28 1.16 -6.55 -0.18
N PHE A 29 -0.13 -6.14 -0.25
CA PHE A 29 -1.28 -6.91 0.23
C PHE A 29 -2.44 -6.89 -0.80
N ALA A 30 -3.25 -7.96 -0.82
CA ALA A 30 -4.18 -8.34 -1.89
C ALA A 30 -5.57 -8.72 -1.33
N VAL A 31 -6.61 -7.92 -1.62
CA VAL A 31 -7.99 -8.16 -1.19
C VAL A 31 -8.77 -8.92 -2.28
N ARG A 32 -8.84 -10.26 -2.16
CA ARG A 32 -9.32 -11.19 -3.20
C ARG A 32 -10.72 -10.79 -3.71
N THR A 33 -11.47 -9.99 -2.92
CA THR A 33 -12.88 -9.65 -3.15
C THR A 33 -13.02 -8.58 -4.26
N THR A 34 -12.08 -7.61 -4.31
CA THR A 34 -11.93 -6.63 -5.40
C THR A 34 -10.80 -7.03 -6.36
N GLY A 35 -10.07 -8.11 -6.04
CA GLY A 35 -8.89 -8.64 -6.79
C GLY A 35 -7.97 -7.45 -7.17
N ILE A 36 -7.92 -6.44 -6.26
CA ILE A 36 -6.96 -5.34 -6.24
C ILE A 36 -5.80 -5.66 -5.27
N PHE A 37 -4.66 -4.96 -5.43
CA PHE A 37 -3.51 -4.99 -4.51
C PHE A 37 -2.96 -3.57 -4.26
N CYS A 38 -2.41 -3.35 -3.04
CA CYS A 38 -1.91 -2.07 -2.50
C CYS A 38 -0.48 -2.22 -1.93
N ARG A 39 0.08 -1.10 -1.45
CA ARG A 39 1.17 -1.01 -0.46
C ARG A 39 0.55 -0.92 0.97
N PRO A 40 1.23 -1.31 2.06
CA PRO A 40 0.62 -1.52 3.38
C PRO A 40 -0.28 -0.37 3.90
N SER A 41 -0.07 0.85 3.35
CA SER A 41 -0.50 2.14 3.92
C SER A 41 -1.97 2.48 3.59
N CYS A 42 -2.75 1.54 3.00
CA CYS A 42 -4.00 1.83 2.29
C CYS A 42 -4.94 2.68 3.17
N ARG A 43 -5.15 3.95 2.79
CA ARG A 43 -5.78 5.00 3.60
C ARG A 43 -7.28 4.71 3.83
N ALA A 44 -7.97 4.19 2.80
CA ALA A 44 -9.34 3.67 2.87
C ALA A 44 -9.52 2.72 4.07
N ARG A 45 -10.69 2.81 4.76
CA ARG A 45 -11.15 1.86 5.78
C ARG A 45 -10.92 0.41 5.33
N HIS A 46 -9.80 -0.20 5.74
CA HIS A 46 -9.25 -1.44 5.18
C HIS A 46 -10.33 -2.53 5.04
N ALA A 47 -10.19 -3.41 4.02
CA ALA A 47 -10.85 -4.71 3.93
C ALA A 47 -10.08 -5.77 4.75
N LEU A 48 -10.80 -6.52 5.61
CA LEU A 48 -10.23 -7.31 6.72
C LEU A 48 -9.04 -8.16 6.23
N ARG A 49 -8.10 -8.46 7.16
CA ARG A 49 -7.04 -9.48 7.02
C ARG A 49 -7.61 -10.82 6.48
N GLU A 50 -8.91 -11.07 6.75
CA GLU A 50 -9.60 -12.33 6.50
C GLU A 50 -9.73 -12.62 5.00
N ASN A 51 -9.71 -11.55 4.17
CA ASN A 51 -9.71 -11.57 2.70
C ASN A 51 -8.35 -11.10 2.12
N VAL A 52 -7.45 -10.57 2.97
CA VAL A 52 -6.21 -9.89 2.60
C VAL A 52 -4.99 -10.83 2.77
N SER A 53 -4.10 -10.91 1.77
CA SER A 53 -2.86 -11.68 1.78
C SER A 53 -1.68 -10.93 1.12
N PHE A 54 -0.44 -11.31 1.47
CA PHE A 54 0.79 -10.54 1.30
C PHE A 54 1.77 -11.19 0.30
N TYR A 55 2.40 -10.34 -0.55
CA TYR A 55 3.44 -10.63 -1.54
C TYR A 55 4.78 -9.92 -1.19
N ALA A 56 5.79 -10.16 -2.06
CA ALA A 56 7.05 -9.38 -2.12
C ALA A 56 6.86 -8.04 -2.86
N ASN A 57 6.07 -8.01 -3.95
CA ASN A 57 5.74 -6.80 -4.72
C ASN A 57 4.50 -7.00 -5.62
N ALA A 58 4.16 -5.95 -6.40
CA ALA A 58 2.97 -5.87 -7.26
C ALA A 58 3.01 -6.91 -8.39
N SER A 59 4.20 -7.40 -8.76
CA SER A 59 4.43 -8.36 -9.84
C SER A 59 3.98 -9.79 -9.47
N GLU A 60 4.15 -10.17 -8.19
CA GLU A 60 3.60 -11.39 -7.59
C GLU A 60 2.06 -11.34 -7.58
N ALA A 61 1.53 -10.15 -7.20
CA ALA A 61 0.09 -9.86 -7.16
C ALA A 61 -0.48 -9.66 -8.58
N LEU A 62 0.37 -9.25 -9.54
CA LEU A 62 0.13 -9.33 -10.99
C LEU A 62 0.15 -10.80 -11.46
N ALA A 63 1.07 -11.61 -10.90
CA ALA A 63 1.06 -13.08 -10.96
C ALA A 63 -0.23 -13.67 -10.36
N ALA A 64 -0.90 -12.89 -9.49
CA ALA A 64 -2.21 -13.22 -8.90
C ALA A 64 -3.38 -12.83 -9.84
N GLY A 65 -3.09 -12.04 -10.90
CA GLY A 65 -4.08 -11.62 -11.91
C GLY A 65 -4.62 -10.18 -11.70
N PHE A 66 -4.28 -9.59 -10.54
CA PHE A 66 -4.95 -8.44 -9.93
C PHE A 66 -4.52 -7.11 -10.57
N ARG A 67 -5.25 -6.02 -10.26
CA ARG A 67 -5.06 -4.65 -10.76
C ARG A 67 -4.68 -3.67 -9.61
N PRO A 68 -3.97 -2.56 -9.90
CA PRO A 68 -3.39 -1.64 -8.90
C PRO A 68 -4.36 -0.60 -8.32
N CYS A 69 -4.64 -0.69 -7.00
CA CYS A 69 -5.58 0.15 -6.24
C CYS A 69 -5.44 1.63 -6.63
N LYS A 70 -6.53 2.41 -6.55
CA LYS A 70 -6.65 3.77 -7.11
C LYS A 70 -5.98 4.80 -6.18
N ARG A 71 -5.29 4.35 -5.12
CA ARG A 71 -4.80 5.15 -3.99
C ARG A 71 -3.30 4.87 -3.71
N CYS A 72 -2.92 3.58 -3.70
CA CYS A 72 -1.62 3.07 -3.25
C CYS A 72 -0.68 2.80 -4.44
N GLN A 73 -1.01 1.79 -5.27
CA GLN A 73 -0.09 1.15 -6.23
C GLN A 73 0.45 2.18 -7.24
N PRO A 74 -0.40 2.96 -7.93
CA PRO A 74 -0.01 4.07 -8.83
C PRO A 74 0.13 5.43 -8.12
N ASP A 75 -0.61 5.60 -7.00
CA ASP A 75 -0.88 6.90 -6.35
C ASP A 75 -1.89 7.73 -7.16
N LYS A 76 -3.10 7.19 -7.40
CA LYS A 76 -4.10 7.70 -8.35
C LYS A 76 -5.22 8.45 -7.59
N ALA A 77 -4.84 9.31 -6.62
CA ALA A 77 -5.72 10.27 -5.94
C ALA A 77 -5.79 11.61 -6.69
N ASN A 78 -7.01 12.13 -6.94
CA ASN A 78 -7.29 13.33 -7.73
C ASN A 78 -6.60 14.57 -7.11
N PRO A 79 -5.51 15.10 -7.74
CA PRO A 79 -4.64 16.14 -7.15
C PRO A 79 -5.30 17.53 -7.10
N ARG A 80 -6.44 17.70 -7.78
CA ARG A 80 -7.10 18.96 -8.18
C ARG A 80 -6.58 20.19 -7.39
N GLN A 81 -7.19 20.47 -6.22
CA GLN A 81 -6.89 21.54 -5.26
C GLN A 81 -5.49 22.16 -5.49
N HIS A 82 -5.44 23.42 -5.97
CA HIS A 82 -4.26 24.06 -6.55
C HIS A 82 -3.71 23.24 -7.75
N ARG A 83 -3.70 23.84 -8.95
CA ARG A 83 -2.88 23.41 -10.10
C ARG A 83 -1.63 24.31 -10.24
N LEU A 84 -0.82 24.35 -9.17
CA LEU A 84 0.40 25.15 -9.00
C LEU A 84 1.20 25.24 -10.32
N ASP A 85 1.79 26.41 -10.62
CA ASP A 85 2.42 26.74 -11.91
C ASP A 85 3.32 25.58 -12.41
N LYS A 86 4.47 25.37 -11.75
CA LYS A 86 5.36 24.20 -11.90
C LYS A 86 6.73 24.48 -11.25
N ILE A 87 7.72 23.59 -11.52
CA ILE A 87 9.15 23.80 -11.27
C ILE A 87 9.41 23.73 -9.74
N THR A 88 10.64 23.36 -9.34
CA THR A 88 11.12 23.33 -7.96
C THR A 88 11.50 24.75 -7.50
N HIS A 89 12.45 25.39 -8.21
CA HIS A 89 13.06 26.69 -7.86
C HIS A 89 13.65 26.67 -6.43
N ALA A 90 14.96 26.40 -6.32
CA ALA A 90 15.72 26.39 -5.05
C ALA A 90 17.16 26.90 -5.29
N CYS A 91 18.00 26.09 -5.95
CA CYS A 91 19.42 26.35 -6.23
C CYS A 91 19.95 25.38 -7.30
N ARG A 92 20.81 25.87 -8.22
CA ARG A 92 21.33 25.15 -9.38
C ARG A 92 22.86 25.26 -9.43
ZN ZN B . -5.09 0.84 -1.59
N MET A 1 10.33 -15.46 1.60
CA MET A 1 11.59 -15.05 2.22
C MET A 1 11.34 -13.98 3.31
N LYS A 2 12.31 -13.76 4.20
CA LYS A 2 12.18 -13.02 5.46
C LYS A 2 13.57 -12.61 6.00
N LYS A 3 13.69 -12.43 7.33
CA LYS A 3 14.94 -12.20 8.05
C LYS A 3 15.33 -10.70 8.00
N ALA A 4 15.52 -10.08 9.18
CA ALA A 4 15.98 -8.70 9.36
C ALA A 4 14.82 -7.69 9.22
N THR A 5 13.70 -8.11 8.59
CA THR A 5 12.60 -7.25 8.16
C THR A 5 11.39 -7.39 9.13
N CYS A 6 11.28 -8.56 9.79
CA CYS A 6 10.16 -8.95 10.66
C CYS A 6 8.81 -8.61 9.98
N LEU A 7 8.60 -9.12 8.75
CA LEU A 7 7.51 -8.77 7.84
C LEU A 7 6.27 -9.67 8.07
N THR A 8 6.22 -10.30 9.26
CA THR A 8 5.19 -11.27 9.68
C THR A 8 3.78 -10.70 9.44
N ASP A 9 2.93 -11.43 8.69
CA ASP A 9 1.67 -10.95 8.10
C ASP A 9 0.58 -10.77 9.18
N ASP A 10 0.74 -11.47 10.32
CA ASP A 10 -0.01 -11.24 11.57
C ASP A 10 -0.10 -9.73 11.89
N GLN A 11 1.01 -9.15 12.40
CA GLN A 11 1.04 -7.80 12.98
C GLN A 11 1.03 -6.73 11.85
N ARG A 12 1.44 -7.11 10.63
CA ARG A 12 1.12 -6.38 9.39
C ARG A 12 -0.36 -5.93 9.39
N TRP A 13 -1.26 -6.95 9.55
CA TRP A 13 -2.70 -6.74 9.67
C TRP A 13 -3.07 -6.10 11.03
N GLN A 14 -2.16 -6.16 12.03
CA GLN A 14 -2.27 -5.39 13.28
C GLN A 14 -2.17 -3.88 12.99
N SER A 15 -1.06 -3.43 12.35
CA SER A 15 -0.90 -2.06 11.83
C SER A 15 -2.10 -1.59 10.97
N VAL A 16 -2.66 -2.52 10.18
CA VAL A 16 -3.69 -2.29 9.15
C VAL A 16 -5.10 -2.42 9.76
N LEU A 17 -5.25 -3.18 10.86
CA LEU A 17 -6.44 -3.21 11.72
C LEU A 17 -6.51 -1.96 12.62
N ALA A 18 -5.33 -1.50 13.08
CA ALA A 18 -5.08 -0.16 13.63
C ALA A 18 -5.39 0.93 12.56
N ARG A 19 -5.48 0.50 11.29
CA ARG A 19 -5.98 1.28 10.15
C ARG A 19 -5.15 2.58 9.99
N ASP A 20 -3.83 2.48 10.29
CA ASP A 20 -2.93 3.60 10.56
C ASP A 20 -2.83 4.55 9.34
N PRO A 21 -3.50 5.72 9.35
CA PRO A 21 -3.58 6.64 8.21
C PRO A 21 -2.24 6.88 7.47
N ASN A 22 -1.26 7.46 8.21
CA ASN A 22 0.01 7.99 7.73
C ASN A 22 1.08 6.87 7.67
N ALA A 23 0.62 5.60 7.65
CA ALA A 23 1.39 4.42 7.26
C ALA A 23 1.48 4.28 5.72
N ASP A 24 0.84 5.21 4.98
CA ASP A 24 1.12 5.50 3.57
C ASP A 24 2.62 5.71 3.32
N GLY A 25 3.18 5.06 2.29
CA GLY A 25 4.60 5.10 1.92
C GLY A 25 5.44 4.09 2.72
N GLU A 26 4.96 3.69 3.92
CA GLU A 26 5.58 2.68 4.79
C GLU A 26 5.38 1.27 4.20
N PHE A 27 4.15 1.00 3.69
CA PHE A 27 3.84 -0.16 2.85
C PHE A 27 2.54 0.05 2.03
N VAL A 28 2.16 -0.99 1.24
CA VAL A 28 0.82 -1.21 0.69
C VAL A 28 0.33 -2.62 1.10
N PHE A 29 -0.93 -2.98 0.77
CA PHE A 29 -1.43 -4.36 0.80
C PHE A 29 -2.46 -4.63 -0.32
N ALA A 30 -2.63 -5.93 -0.65
CA ALA A 30 -3.23 -6.45 -1.89
C ALA A 30 -4.28 -7.54 -1.60
N VAL A 31 -5.58 -7.28 -1.86
CA VAL A 31 -6.69 -8.21 -1.62
C VAL A 31 -6.99 -9.01 -2.90
N ARG A 32 -6.42 -10.23 -3.00
CA ARG A 32 -6.28 -11.03 -4.22
C ARG A 32 -7.64 -11.23 -4.92
N THR A 33 -8.76 -11.19 -4.14
CA THR A 33 -10.08 -11.68 -4.52
C THR A 33 -10.84 -10.65 -5.37
N THR A 34 -10.53 -9.35 -5.20
CA THR A 34 -10.99 -8.24 -6.05
C THR A 34 -9.89 -7.82 -7.04
N GLY A 35 -8.61 -8.14 -6.73
CA GLY A 35 -7.42 -7.75 -7.50
C GLY A 35 -7.21 -6.23 -7.47
N ILE A 36 -7.46 -5.60 -6.31
CA ILE A 36 -7.05 -4.22 -5.97
C ILE A 36 -5.88 -4.25 -4.97
N PHE A 37 -5.14 -3.13 -4.86
CA PHE A 37 -4.18 -2.83 -3.78
C PHE A 37 -4.48 -1.46 -3.14
N CYS A 38 -4.12 -1.30 -1.85
CA CYS A 38 -4.55 -0.23 -0.93
C CYS A 38 -3.32 0.34 -0.17
N ARG A 39 -3.57 1.37 0.65
CA ARG A 39 -2.73 1.85 1.76
C ARG A 39 -3.28 1.30 3.10
N PRO A 40 -2.45 1.04 4.14
CA PRO A 40 -2.88 0.42 5.41
C PRO A 40 -4.23 0.92 5.97
N SER A 41 -4.63 2.15 5.62
CA SER A 41 -5.68 2.95 6.27
C SER A 41 -7.08 2.65 5.69
N CYS A 42 -7.28 1.48 5.03
CA CYS A 42 -8.43 1.25 4.13
C CYS A 42 -9.76 1.30 4.92
N ARG A 43 -10.38 2.50 4.98
CA ARG A 43 -11.41 2.88 5.96
C ARG A 43 -12.68 2.01 5.79
N ALA A 44 -13.19 1.88 4.55
CA ALA A 44 -14.30 1.00 4.18
C ALA A 44 -14.01 -0.47 4.60
N ARG A 45 -14.96 -1.10 5.31
CA ARG A 45 -14.80 -2.37 6.02
C ARG A 45 -14.04 -3.39 5.16
N HIS A 46 -12.70 -3.47 5.33
CA HIS A 46 -11.75 -4.08 4.39
C HIS A 46 -11.68 -5.61 4.58
N ALA A 47 -11.60 -6.36 3.46
CA ALA A 47 -11.53 -7.82 3.40
C ALA A 47 -10.39 -8.37 4.29
N LEU A 48 -10.51 -9.64 4.72
CA LEU A 48 -9.73 -10.26 5.81
C LEU A 48 -8.23 -10.30 5.45
N ARG A 49 -7.35 -10.32 6.47
CA ARG A 49 -5.91 -10.61 6.37
C ARG A 49 -5.64 -11.81 5.44
N GLU A 50 -6.57 -12.79 5.44
CA GLU A 50 -6.37 -14.15 4.92
C GLU A 50 -6.33 -14.17 3.39
N ASN A 51 -6.81 -13.09 2.74
CA ASN A 51 -6.74 -12.82 1.30
C ASN A 51 -5.75 -11.67 0.99
N VAL A 52 -5.38 -10.88 2.01
CA VAL A 52 -4.52 -9.69 1.91
C VAL A 52 -3.04 -10.09 2.05
N SER A 53 -2.15 -9.45 1.27
CA SER A 53 -0.68 -9.51 1.41
C SER A 53 -0.03 -8.14 1.17
N PHE A 54 1.18 -7.94 1.72
CA PHE A 54 1.82 -6.64 1.96
C PHE A 54 3.10 -6.45 1.11
N TYR A 55 3.20 -5.28 0.44
CA TYR A 55 4.33 -4.75 -0.33
C TYR A 55 5.02 -3.58 0.40
N ALA A 56 6.09 -3.04 -0.24
CA ALA A 56 6.71 -1.74 0.06
C ALA A 56 5.86 -0.57 -0.47
N ASN A 57 5.30 -0.69 -1.69
CA ASN A 57 4.51 0.35 -2.37
C ASN A 57 3.56 -0.26 -3.42
N ALA A 58 2.72 0.59 -4.04
CA ALA A 58 1.63 0.21 -4.95
C ALA A 58 2.18 -0.43 -6.25
N SER A 59 3.37 0.01 -6.69
CA SER A 59 4.05 -0.44 -7.91
C SER A 59 4.40 -1.94 -7.84
N GLU A 60 4.65 -2.45 -6.62
CA GLU A 60 4.79 -3.88 -6.29
C GLU A 60 3.46 -4.61 -6.51
N ALA A 61 2.35 -3.98 -6.04
CA ALA A 61 0.97 -4.44 -6.24
C ALA A 61 0.56 -4.36 -7.73
N LEU A 62 1.15 -3.41 -8.46
CA LEU A 62 1.12 -3.22 -9.92
C LEU A 62 1.88 -4.35 -10.63
N ALA A 63 3.05 -4.73 -10.06
CA ALA A 63 3.87 -5.89 -10.43
C ALA A 63 3.10 -7.21 -10.24
N ALA A 64 2.11 -7.22 -9.33
CA ALA A 64 1.15 -8.31 -9.10
C ALA A 64 -0.04 -8.23 -10.07
N GLY A 65 -0.19 -7.10 -10.78
CA GLY A 65 -1.24 -6.85 -11.78
C GLY A 65 -2.58 -6.43 -11.15
N PHE A 66 -2.53 -5.48 -10.19
CA PHE A 66 -3.68 -4.97 -9.43
C PHE A 66 -3.95 -3.48 -9.75
N ARG A 67 -5.21 -3.04 -9.62
CA ARG A 67 -5.67 -1.67 -9.85
C ARG A 67 -5.87 -0.89 -8.52
N PRO A 68 -5.77 0.46 -8.52
CA PRO A 68 -5.72 1.28 -7.30
C PRO A 68 -7.10 1.58 -6.65
N CYS A 69 -7.33 1.04 -5.43
CA CYS A 69 -8.59 1.08 -4.67
C CYS A 69 -9.24 2.48 -4.73
N LYS A 70 -10.59 2.54 -4.72
CA LYS A 70 -11.39 3.74 -4.96
C LYS A 70 -11.50 4.60 -3.68
N ARG A 71 -10.63 4.36 -2.68
CA ARG A 71 -10.60 5.03 -1.37
C ARG A 71 -9.15 5.41 -0.99
N CYS A 72 -8.22 4.43 -1.07
CA CYS A 72 -6.80 4.60 -0.73
C CYS A 72 -5.99 5.06 -1.96
N GLN A 73 -5.73 4.16 -2.92
CA GLN A 73 -4.68 4.27 -3.94
C GLN A 73 -5.21 5.05 -5.17
N PRO A 74 -4.33 5.57 -6.06
CA PRO A 74 -4.65 6.60 -7.07
C PRO A 74 -6.02 6.40 -7.75
N ASP A 75 -7.08 7.00 -7.18
CA ASP A 75 -8.48 6.83 -7.61
C ASP A 75 -9.40 7.87 -6.91
N LYS A 76 -9.66 7.71 -5.60
CA LYS A 76 -10.27 8.72 -4.73
C LYS A 76 -9.20 9.72 -4.24
N ALA A 77 -9.43 11.03 -4.48
CA ALA A 77 -8.47 12.12 -4.27
C ALA A 77 -7.87 12.07 -2.84
N ASN A 78 -6.55 12.34 -2.73
CA ASN A 78 -5.77 12.24 -1.49
C ASN A 78 -5.66 13.62 -0.79
N PRO A 79 -5.29 13.70 0.51
CA PRO A 79 -5.02 14.96 1.23
C PRO A 79 -4.17 15.94 0.41
N ARG A 80 -4.37 17.26 0.62
CA ARG A 80 -3.87 18.38 -0.20
C ARG A 80 -3.58 17.95 -1.66
N GLN A 81 -2.29 17.80 -2.00
CA GLN A 81 -1.73 17.38 -3.29
C GLN A 81 -0.25 17.79 -3.46
N HIS A 82 0.52 17.02 -4.24
CA HIS A 82 1.96 17.17 -4.46
C HIS A 82 2.27 17.72 -5.87
N ARG A 83 1.36 17.48 -6.84
CA ARG A 83 1.60 17.55 -8.28
C ARG A 83 3.06 17.13 -8.60
N LEU A 84 3.44 15.92 -8.15
CA LEU A 84 4.81 15.42 -7.98
C LEU A 84 5.78 15.97 -9.05
N ASP A 85 6.92 16.52 -8.61
CA ASP A 85 8.03 17.03 -9.45
C ASP A 85 8.66 15.89 -10.28
N LYS A 86 10.00 15.91 -10.44
CA LYS A 86 10.84 14.80 -10.91
C LYS A 86 12.27 15.30 -11.24
N ILE A 87 12.38 16.52 -11.82
CA ILE A 87 13.63 17.17 -12.25
C ILE A 87 14.55 16.11 -12.88
N THR A 88 14.29 15.78 -14.17
CA THR A 88 14.85 14.61 -14.87
C THR A 88 16.39 14.75 -14.99
N HIS A 89 17.12 13.63 -14.83
CA HIS A 89 18.59 13.55 -14.90
C HIS A 89 19.05 12.21 -15.49
N ALA A 90 19.91 12.24 -16.53
CA ALA A 90 20.41 11.09 -17.27
C ALA A 90 21.38 10.26 -16.39
N CYS A 91 21.57 8.98 -16.73
CA CYS A 91 22.39 8.01 -15.98
C CYS A 91 23.89 8.26 -16.23
N ARG A 92 24.76 7.84 -15.30
CA ARG A 92 26.20 8.14 -15.25
C ARG A 92 26.97 6.92 -14.72
ZN ZN B . -8.54 0.67 0.04
N MET A 1 12.38 -22.86 17.94
CA MET A 1 11.08 -23.35 17.49
C MET A 1 11.18 -23.92 16.06
N LYS A 2 10.66 -25.14 15.85
CA LYS A 2 10.82 -25.93 14.62
C LYS A 2 9.48 -26.05 13.87
N LYS A 3 8.60 -25.04 14.01
CA LYS A 3 7.22 -25.02 13.50
C LYS A 3 6.60 -23.62 13.67
N ALA A 4 5.27 -23.57 13.90
CA ALA A 4 4.52 -22.35 14.22
C ALA A 4 4.16 -21.55 12.95
N THR A 5 5.04 -20.62 12.53
CA THR A 5 4.84 -19.68 11.42
C THR A 5 3.40 -19.14 11.45
N CYS A 6 3.16 -18.07 12.25
CA CYS A 6 1.85 -17.46 12.48
C CYS A 6 1.67 -16.22 11.58
N LEU A 7 1.19 -16.42 10.33
CA LEU A 7 0.81 -15.39 9.37
C LEU A 7 -0.66 -14.99 9.53
N THR A 8 -1.25 -15.32 10.70
CA THR A 8 -2.67 -15.21 11.02
C THR A 8 -3.22 -13.82 10.62
N ASP A 9 -4.30 -13.80 9.81
CA ASP A 9 -4.86 -12.62 9.14
C ASP A 9 -5.30 -11.54 10.17
N ASP A 10 -5.82 -11.99 11.33
CA ASP A 10 -6.14 -11.16 12.50
C ASP A 10 -5.10 -10.03 12.67
N GLN A 11 -3.85 -10.39 13.04
CA GLN A 11 -2.80 -9.45 13.48
C GLN A 11 -2.03 -8.88 12.28
N ARG A 12 -2.07 -9.55 11.12
CA ARG A 12 -1.77 -8.95 9.80
C ARG A 12 -2.48 -7.59 9.68
N TRP A 13 -3.83 -7.64 9.90
CA TRP A 13 -4.71 -6.47 9.86
C TRP A 13 -4.64 -5.64 11.16
N GLN A 14 -4.12 -6.20 12.27
CA GLN A 14 -3.88 -5.43 13.52
C GLN A 14 -2.65 -4.52 13.35
N SER A 15 -1.56 -5.05 12.77
CA SER A 15 -0.44 -4.27 12.21
C SER A 15 -0.90 -3.16 11.24
N VAL A 16 -1.82 -3.53 10.32
CA VAL A 16 -2.22 -2.76 9.15
C VAL A 16 -3.38 -1.79 9.49
N LEU A 17 -4.18 -2.10 10.53
CA LEU A 17 -5.17 -1.20 11.13
C LEU A 17 -4.48 -0.12 11.99
N ALA A 18 -3.48 -0.56 12.79
CA ALA A 18 -2.62 0.28 13.63
C ALA A 18 -1.75 1.24 12.77
N ARG A 19 -1.75 1.01 11.45
CA ARG A 19 -0.95 1.76 10.45
C ARG A 19 0.52 1.86 10.91
N ASP A 20 0.95 0.88 11.74
CA ASP A 20 2.29 0.75 12.31
C ASP A 20 3.37 0.74 11.20
N PRO A 21 4.03 1.89 10.90
CA PRO A 21 4.89 2.06 9.71
C PRO A 21 6.11 1.12 9.71
N ASN A 22 6.39 0.48 10.87
CA ASN A 22 7.64 -0.24 11.20
C ASN A 22 7.60 -1.70 10.67
N ALA A 23 6.48 -2.14 10.07
CA ALA A 23 6.34 -3.38 9.32
C ALA A 23 6.71 -3.19 7.84
N ASP A 24 7.28 -2.02 7.49
CA ASP A 24 8.05 -1.77 6.27
C ASP A 24 9.14 -2.86 6.07
N GLY A 25 9.16 -3.50 4.89
CA GLY A 25 10.12 -4.53 4.49
C GLY A 25 9.69 -5.94 4.97
N GLU A 26 8.78 -6.00 5.96
CA GLU A 26 8.27 -7.22 6.60
C GLU A 26 7.29 -7.95 5.65
N PHE A 27 6.30 -7.19 5.13
CA PHE A 27 5.29 -7.67 4.17
C PHE A 27 4.79 -6.54 3.23
N VAL A 28 3.83 -6.88 2.36
CA VAL A 28 2.92 -5.96 1.66
C VAL A 28 1.47 -6.45 1.83
N PHE A 29 0.47 -5.64 1.39
CA PHE A 29 -0.92 -6.08 1.23
C PHE A 29 -1.54 -5.50 -0.07
N ALA A 30 -2.56 -6.20 -0.62
CA ALA A 30 -3.05 -6.10 -1.99
C ALA A 30 -4.60 -6.00 -2.02
N VAL A 31 -5.15 -4.87 -2.47
CA VAL A 31 -6.60 -4.62 -2.62
C VAL A 31 -7.05 -4.98 -4.05
N ARG A 32 -7.75 -6.12 -4.20
CA ARG A 32 -8.11 -6.74 -5.49
C ARG A 32 -9.03 -5.81 -6.31
N THR A 33 -9.70 -4.85 -5.65
CA THR A 33 -10.84 -4.08 -6.16
C THR A 33 -10.38 -2.73 -6.75
N THR A 34 -9.17 -2.27 -6.39
CA THR A 34 -8.48 -1.12 -6.98
C THR A 34 -7.41 -1.58 -8.00
N GLY A 35 -6.87 -2.79 -7.80
CA GLY A 35 -5.61 -3.27 -8.40
C GLY A 35 -4.41 -2.41 -7.95
N ILE A 36 -4.26 -2.22 -6.62
CA ILE A 36 -3.14 -1.56 -5.95
C ILE A 36 -2.50 -2.52 -4.92
N PHE A 37 -1.25 -2.24 -4.50
CA PHE A 37 -0.58 -2.83 -3.33
C PHE A 37 0.20 -1.76 -2.53
N CYS A 38 0.38 -2.01 -1.22
CA CYS A 38 0.83 -1.06 -0.20
C CYS A 38 1.90 -1.68 0.73
N ARG A 39 2.54 -0.83 1.54
CA ARG A 39 3.24 -1.19 2.79
C ARG A 39 2.22 -1.17 3.96
N PRO A 40 2.41 -1.91 5.07
CA PRO A 40 1.43 -2.06 6.17
C PRO A 40 0.72 -0.75 6.59
N SER A 41 1.37 0.40 6.36
CA SER A 41 1.10 1.69 7.01
C SER A 41 0.07 2.53 6.24
N CYS A 42 -0.82 1.92 5.42
CA CYS A 42 -1.63 2.64 4.41
C CYS A 42 -2.57 3.65 5.09
N ARG A 43 -2.13 4.91 5.21
CA ARG A 43 -2.68 5.94 6.10
C ARG A 43 -4.06 6.43 5.60
N ALA A 44 -4.16 6.75 4.29
CA ALA A 44 -5.41 7.07 3.58
C ALA A 44 -6.42 5.90 3.71
N ARG A 45 -7.70 6.24 4.02
CA ARG A 45 -8.76 5.31 4.41
C ARG A 45 -8.78 4.06 3.51
N HIS A 46 -8.63 2.87 4.11
CA HIS A 46 -8.42 1.58 3.41
C HIS A 46 -9.72 0.74 3.38
N ALA A 47 -9.93 -0.01 2.27
CA ALA A 47 -10.89 -1.10 2.16
C ALA A 47 -10.56 -2.25 3.13
N LEU A 48 -11.58 -2.94 3.65
CA LEU A 48 -11.48 -3.96 4.72
C LEU A 48 -10.52 -5.09 4.30
N ARG A 49 -10.10 -5.92 5.28
CA ARG A 49 -9.43 -7.21 5.08
C ARG A 49 -10.12 -8.03 3.98
N GLU A 50 -11.46 -7.89 3.87
CA GLU A 50 -12.35 -8.74 3.07
C GLU A 50 -11.98 -8.70 1.57
N ASN A 51 -11.23 -7.66 1.17
CA ASN A 51 -10.75 -7.41 -0.20
C ASN A 51 -9.21 -7.31 -0.25
N VAL A 52 -8.55 -7.14 0.92
CA VAL A 52 -7.10 -7.01 1.08
C VAL A 52 -6.48 -8.38 1.43
N SER A 53 -5.31 -8.71 0.83
CA SER A 53 -4.51 -9.91 1.11
C SER A 53 -2.99 -9.61 1.13
N PHE A 54 -2.22 -10.46 1.84
CA PHE A 54 -0.87 -10.18 2.32
C PHE A 54 0.20 -11.03 1.58
N TYR A 55 1.31 -10.37 1.18
CA TYR A 55 2.54 -10.91 0.59
C TYR A 55 3.76 -10.71 1.52
N ALA A 56 4.94 -11.17 1.02
CA ALA A 56 6.28 -10.85 1.52
C ALA A 56 6.72 -9.44 1.06
N ASN A 57 6.44 -9.06 -0.20
CA ASN A 57 6.90 -7.81 -0.85
C ASN A 57 6.03 -7.46 -2.07
N ALA A 58 6.33 -6.32 -2.72
CA ALA A 58 5.55 -5.73 -3.82
C ALA A 58 5.83 -6.45 -5.16
N SER A 59 6.90 -7.27 -5.21
CA SER A 59 7.23 -8.17 -6.32
C SER A 59 6.27 -9.38 -6.40
N GLU A 60 5.83 -9.89 -5.24
CA GLU A 60 4.75 -10.88 -5.09
C GLU A 60 3.41 -10.26 -5.53
N ALA A 61 3.17 -8.98 -5.13
CA ALA A 61 2.01 -8.18 -5.49
C ALA A 61 2.07 -7.75 -6.98
N LEU A 62 3.29 -7.59 -7.52
CA LEU A 62 3.58 -7.49 -8.96
C LEU A 62 3.29 -8.82 -9.68
N ALA A 63 3.63 -9.94 -9.01
CA ALA A 63 3.34 -11.32 -9.41
C ALA A 63 1.82 -11.60 -9.48
N ALA A 64 1.02 -10.89 -8.66
CA ALA A 64 -0.45 -10.91 -8.68
C ALA A 64 -1.01 -9.94 -9.75
N GLY A 65 -0.13 -9.13 -10.37
CA GLY A 65 -0.44 -8.25 -11.50
C GLY A 65 -1.19 -6.98 -11.06
N PHE A 66 -0.73 -6.32 -9.99
CA PHE A 66 -1.20 -5.02 -9.50
C PHE A 66 -0.25 -3.89 -9.91
N ARG A 67 -0.54 -2.64 -9.49
CA ARG A 67 0.35 -1.48 -9.54
C ARG A 67 0.60 -0.89 -8.12
N PRO A 68 1.65 -0.08 -7.90
CA PRO A 68 1.94 0.57 -6.61
C PRO A 68 0.94 1.67 -6.18
N CYS A 69 0.70 1.78 -4.86
CA CYS A 69 -0.20 2.74 -4.21
C CYS A 69 0.36 4.17 -4.30
N LYS A 70 -0.51 5.21 -4.31
CA LYS A 70 -0.16 6.61 -4.58
C LYS A 70 0.51 7.25 -3.34
N ARG A 71 0.74 6.48 -2.27
CA ARG A 71 1.13 6.93 -0.92
C ARG A 71 2.23 6.03 -0.33
N CYS A 72 2.02 4.70 -0.39
CA CYS A 72 2.73 3.67 0.39
C CYS A 72 3.95 3.13 -0.40
N GLN A 73 3.81 2.97 -1.74
CA GLN A 73 4.94 2.87 -2.68
C GLN A 73 5.84 4.12 -2.52
N PRO A 74 7.08 4.01 -2.01
CA PRO A 74 7.91 5.10 -1.46
C PRO A 74 7.59 6.51 -2.01
N ASP A 75 6.53 7.15 -1.46
CA ASP A 75 6.13 8.55 -1.69
C ASP A 75 5.64 8.75 -3.15
N LYS A 76 4.53 8.09 -3.54
CA LYS A 76 3.95 8.14 -4.90
C LYS A 76 2.92 9.28 -4.99
N ALA A 77 3.05 10.31 -4.14
CA ALA A 77 2.04 11.35 -3.90
C ALA A 77 1.83 12.24 -5.14
N ASN A 78 0.73 13.02 -5.16
CA ASN A 78 0.40 14.00 -6.21
C ASN A 78 0.42 15.45 -5.63
N PRO A 79 1.03 16.44 -6.31
CA PRO A 79 0.93 17.87 -5.98
C PRO A 79 -0.48 18.45 -6.27
N ARG A 80 -1.33 18.55 -5.23
CA ARG A 80 -2.63 19.23 -5.20
C ARG A 80 -2.77 20.30 -6.31
N GLN A 81 -2.02 21.41 -6.18
CA GLN A 81 -1.85 22.45 -7.20
C GLN A 81 -3.20 22.83 -7.83
N HIS A 82 -4.26 22.91 -7.00
CA HIS A 82 -5.62 23.31 -7.39
C HIS A 82 -6.34 22.17 -8.16
N ARG A 83 -7.51 21.75 -7.67
CA ARG A 83 -8.50 20.93 -8.41
C ARG A 83 -9.02 21.66 -9.66
N LEU A 84 -8.48 21.33 -10.84
CA LEU A 84 -8.71 21.99 -12.13
C LEU A 84 -7.90 21.33 -13.29
N ASP A 85 -8.60 20.85 -14.33
CA ASP A 85 -8.08 20.21 -15.54
C ASP A 85 -6.75 19.47 -15.29
N LYS A 86 -5.61 20.18 -15.39
CA LYS A 86 -4.24 19.62 -15.42
C LYS A 86 -3.25 20.66 -15.94
N ILE A 87 -1.98 20.57 -15.50
CA ILE A 87 -0.91 21.56 -15.74
C ILE A 87 -0.33 21.34 -17.15
N THR A 88 -0.90 22.02 -18.16
CA THR A 88 -0.51 21.94 -19.58
C THR A 88 0.83 22.70 -19.80
N HIS A 89 1.46 22.48 -20.96
CA HIS A 89 2.75 23.06 -21.35
C HIS A 89 3.92 22.44 -20.55
N ALA A 90 5.16 22.72 -20.96
CA ALA A 90 6.40 22.12 -20.43
C ALA A 90 7.36 23.22 -19.91
N CYS A 91 8.42 22.82 -19.20
CA CYS A 91 9.37 23.70 -18.49
C CYS A 91 10.46 24.20 -19.45
N ARG A 92 10.61 25.53 -19.57
CA ARG A 92 11.57 26.21 -20.46
C ARG A 92 11.66 27.70 -20.09
ZN ZN B . -1.70 2.41 0.28
N MET A 1 3.90 -19.77 16.81
CA MET A 1 4.82 -18.64 16.83
C MET A 1 6.28 -19.14 16.96
N LYS A 2 6.59 -20.31 16.37
CA LYS A 2 7.93 -20.93 16.36
C LYS A 2 8.97 -19.96 15.77
N LYS A 3 8.53 -19.02 14.90
CA LYS A 3 9.37 -18.07 14.16
C LYS A 3 9.64 -16.82 15.02
N ALA A 4 10.76 -16.12 14.74
CA ALA A 4 11.19 -14.88 15.41
C ALA A 4 10.02 -13.87 15.52
N THR A 5 9.58 -13.57 16.75
CA THR A 5 8.59 -12.52 17.07
C THR A 5 7.19 -12.93 16.57
N CYS A 6 6.14 -12.25 17.05
CA CYS A 6 4.73 -12.62 16.91
C CYS A 6 4.12 -11.92 15.67
N LEU A 7 4.48 -12.39 14.46
CA LEU A 7 4.22 -11.75 13.16
C LEU A 7 2.88 -12.23 12.57
N THR A 8 1.98 -12.73 13.46
CA THR A 8 0.62 -13.18 13.15
C THR A 8 -0.13 -12.12 12.31
N ASP A 9 -1.30 -12.50 11.74
CA ASP A 9 -2.10 -11.69 10.81
C ASP A 9 -2.71 -10.47 11.51
N ASP A 10 -2.90 -10.55 12.85
CA ASP A 10 -3.10 -9.40 13.75
C ASP A 10 -2.19 -8.22 13.35
N GLN A 11 -0.86 -8.38 13.54
CA GLN A 11 0.12 -7.29 13.48
C GLN A 11 0.54 -7.00 12.03
N ARG A 12 0.31 -7.96 11.10
CA ARG A 12 0.24 -7.71 9.65
C ARG A 12 -0.62 -6.45 9.38
N TRP A 13 -1.88 -6.52 9.88
CA TRP A 13 -2.84 -5.41 9.78
C TRP A 13 -2.48 -4.25 10.73
N GLN A 14 -1.66 -4.50 11.77
CA GLN A 14 -1.11 -3.43 12.64
C GLN A 14 -0.12 -2.55 11.86
N SER A 15 0.90 -3.17 11.22
CA SER A 15 1.88 -2.51 10.33
C SER A 15 1.19 -1.84 9.11
N VAL A 16 0.03 -2.38 8.70
CA VAL A 16 -0.77 -1.96 7.54
C VAL A 16 -1.79 -0.88 7.96
N LEU A 17 -2.34 -0.95 9.19
CA LEU A 17 -3.25 0.05 9.76
C LEU A 17 -2.50 1.38 10.03
N ALA A 18 -1.25 1.27 10.50
CA ALA A 18 -0.31 2.39 10.68
C ALA A 18 -0.03 3.10 9.33
N ARG A 19 -0.25 2.37 8.22
CA ARG A 19 0.01 2.81 6.85
C ARG A 19 1.53 2.84 6.56
N ASP A 20 2.30 2.08 7.39
CA ASP A 20 3.76 2.17 7.53
C ASP A 20 4.44 2.30 6.14
N PRO A 21 4.67 3.53 5.63
CA PRO A 21 4.98 3.79 4.21
C PRO A 21 6.20 2.99 3.70
N ASN A 22 7.06 2.52 4.63
CA ASN A 22 8.41 2.01 4.38
C ASN A 22 8.44 0.47 4.37
N ALA A 23 7.25 -0.18 4.34
CA ALA A 23 7.07 -1.63 4.43
C ALA A 23 6.87 -2.25 3.03
N ASP A 24 7.20 -1.51 1.95
CA ASP A 24 7.39 -2.03 0.59
C ASP A 24 8.68 -2.87 0.48
N GLY A 25 8.58 -4.07 -0.13
CA GLY A 25 9.61 -5.12 -0.13
C GLY A 25 9.49 -6.06 1.09
N GLU A 26 9.02 -5.52 2.23
CA GLU A 26 8.78 -6.25 3.49
C GLU A 26 7.57 -7.19 3.35
N PHE A 27 6.55 -6.76 2.58
CA PHE A 27 5.42 -7.60 2.14
C PHE A 27 4.52 -6.86 1.13
N VAL A 28 3.43 -7.54 0.69
CA VAL A 28 2.23 -6.96 0.08
C VAL A 28 0.97 -7.53 0.77
N PHE A 29 -0.22 -7.01 0.44
CA PHE A 29 -1.52 -7.58 0.85
C PHE A 29 -2.58 -7.43 -0.26
N ALA A 30 -3.62 -8.30 -0.20
CA ALA A 30 -4.55 -8.63 -1.31
C ALA A 30 -6.01 -8.58 -0.84
N VAL A 31 -6.78 -7.56 -1.28
CA VAL A 31 -8.20 -7.36 -0.96
C VAL A 31 -9.08 -8.08 -2.00
N ARG A 32 -9.52 -9.32 -1.69
CA ARG A 32 -10.12 -10.28 -2.63
C ARG A 32 -11.34 -9.67 -3.36
N THR A 33 -12.05 -8.73 -2.70
CA THR A 33 -13.41 -8.29 -3.06
C THR A 33 -13.36 -7.24 -4.19
N THR A 34 -12.19 -6.60 -4.41
CA THR A 34 -11.88 -5.76 -5.57
C THR A 34 -11.04 -6.54 -6.61
N GLY A 35 -10.22 -7.49 -6.15
CA GLY A 35 -9.11 -8.10 -6.89
C GLY A 35 -7.99 -7.08 -7.17
N ILE A 36 -7.47 -6.44 -6.11
CA ILE A 36 -6.27 -5.58 -6.12
C ILE A 36 -5.28 -6.07 -5.04
N PHE A 37 -3.99 -5.69 -5.18
CA PHE A 37 -2.95 -5.80 -4.14
C PHE A 37 -2.14 -4.49 -4.04
N CYS A 38 -1.74 -4.11 -2.80
CA CYS A 38 -0.96 -2.92 -2.45
C CYS A 38 0.32 -3.28 -1.64
N ARG A 39 1.04 -2.23 -1.21
CA ARG A 39 1.98 -2.20 -0.08
C ARG A 39 1.21 -1.82 1.21
N PRO A 40 1.64 -2.18 2.44
CA PRO A 40 0.94 -1.88 3.70
C PRO A 40 0.32 -0.47 3.82
N SER A 41 0.85 0.50 3.06
CA SER A 41 0.69 1.95 3.25
C SER A 41 -0.59 2.52 2.62
N CYS A 42 -1.64 1.69 2.36
CA CYS A 42 -2.77 2.04 1.48
C CYS A 42 -3.70 3.07 2.17
N ARG A 43 -3.54 4.36 1.82
CA ARG A 43 -4.06 5.52 2.55
C ARG A 43 -5.56 5.74 2.28
N ALA A 44 -6.06 5.25 1.13
CA ALA A 44 -7.49 5.09 0.82
C ALA A 44 -8.25 4.46 2.00
N ARG A 45 -9.56 4.77 2.13
CA ARG A 45 -10.49 4.18 3.09
C ARG A 45 -10.35 2.64 3.11
N HIS A 46 -9.66 2.10 4.13
CA HIS A 46 -9.14 0.72 4.18
C HIS A 46 -10.20 -0.31 3.72
N ALA A 47 -9.77 -1.39 3.05
CA ALA A 47 -10.51 -2.64 2.87
C ALA A 47 -10.15 -3.67 3.97
N LEU A 48 -11.16 -4.13 4.73
CA LEU A 48 -11.01 -4.78 6.03
C LEU A 48 -9.89 -5.84 6.02
N ARG A 49 -9.23 -6.04 7.18
CA ARG A 49 -8.39 -7.18 7.53
C ARG A 49 -8.97 -8.51 6.98
N GLU A 50 -10.28 -8.74 7.26
CA GLU A 50 -10.99 -10.00 7.05
C GLU A 50 -11.17 -10.34 5.56
N ASN A 51 -11.01 -9.33 4.68
CA ASN A 51 -11.03 -9.46 3.22
C ASN A 51 -9.60 -9.50 2.64
N VAL A 52 -8.62 -8.94 3.40
CA VAL A 52 -7.21 -8.80 3.04
C VAL A 52 -6.40 -10.03 3.49
N SER A 53 -5.40 -10.44 2.69
CA SER A 53 -4.35 -11.41 3.03
C SER A 53 -2.97 -10.97 2.48
N PHE A 54 -1.88 -11.47 3.12
CA PHE A 54 -0.52 -10.91 3.04
C PHE A 54 0.46 -11.87 2.33
N TYR A 55 1.28 -11.31 1.41
CA TYR A 55 2.34 -11.93 0.62
C TYR A 55 3.75 -11.41 1.03
N ALA A 56 4.79 -11.94 0.35
CA ALA A 56 6.16 -11.41 0.31
C ALA A 56 6.28 -10.24 -0.68
N ASN A 57 5.63 -10.35 -1.87
CA ASN A 57 5.74 -9.42 -2.99
C ASN A 57 4.47 -9.45 -3.87
N ALA A 58 4.49 -8.64 -4.95
CA ALA A 58 3.34 -8.37 -5.83
C ALA A 58 3.11 -9.51 -6.84
N SER A 59 4.20 -10.09 -7.40
CA SER A 59 4.21 -11.28 -8.26
C SER A 59 3.59 -12.51 -7.55
N GLU A 60 3.42 -12.39 -6.21
CA GLU A 60 2.61 -13.29 -5.36
C GLU A 60 1.11 -12.99 -5.55
N ALA A 61 0.73 -11.71 -5.38
CA ALA A 61 -0.61 -11.17 -5.63
C ALA A 61 -0.98 -11.26 -7.13
N LEU A 62 0.04 -11.42 -7.98
CA LEU A 62 -0.05 -11.80 -9.41
C LEU A 62 -0.48 -13.27 -9.55
N ALA A 63 0.16 -14.16 -8.76
CA ALA A 63 -0.18 -15.58 -8.60
C ALA A 63 -1.63 -15.75 -8.08
N ALA A 64 -2.17 -14.72 -7.40
CA ALA A 64 -3.57 -14.61 -6.98
C ALA A 64 -4.47 -14.11 -8.13
N GLY A 65 -3.86 -13.53 -9.18
CA GLY A 65 -4.52 -12.99 -10.37
C GLY A 65 -5.16 -11.61 -10.11
N PHE A 66 -4.49 -10.76 -9.31
CA PHE A 66 -4.93 -9.40 -8.94
C PHE A 66 -4.17 -8.33 -9.75
N ARG A 67 -4.65 -7.07 -9.72
CA ARG A 67 -4.07 -5.92 -10.42
C ARG A 67 -3.39 -4.94 -9.41
N PRO A 68 -2.25 -4.30 -9.77
CA PRO A 68 -1.61 -3.23 -8.99
C PRO A 68 -2.47 -1.98 -8.72
N CYS A 69 -2.80 -1.73 -7.44
CA CYS A 69 -3.54 -0.56 -6.94
C CYS A 69 -2.94 0.74 -7.50
N LYS A 70 -3.77 1.79 -7.65
CA LYS A 70 -3.47 3.03 -8.39
C LYS A 70 -2.66 4.01 -7.52
N ARG A 71 -2.22 3.57 -6.33
CA ARG A 71 -1.70 4.40 -5.22
C ARG A 71 -0.38 3.83 -4.67
N CYS A 72 -0.35 2.52 -4.41
CA CYS A 72 0.68 1.82 -3.62
C CYS A 72 1.64 1.02 -4.52
N GLN A 73 1.09 0.14 -5.37
CA GLN A 73 1.77 -0.46 -6.53
C GLN A 73 2.04 0.61 -7.61
N PRO A 74 3.32 0.95 -7.93
CA PRO A 74 3.72 2.15 -8.67
C PRO A 74 2.78 2.51 -9.85
N ASP A 75 1.76 3.35 -9.57
CA ASP A 75 0.82 3.91 -10.55
C ASP A 75 0.61 5.43 -10.31
N LYS A 76 0.11 5.81 -9.13
CA LYS A 76 0.01 7.19 -8.65
C LYS A 76 0.62 7.32 -7.23
N ALA A 77 1.73 6.60 -6.97
CA ALA A 77 2.63 6.80 -5.83
C ALA A 77 3.75 7.81 -6.16
N ASN A 78 3.78 8.95 -5.45
CA ASN A 78 4.77 10.03 -5.60
C ASN A 78 4.51 10.82 -6.91
N PRO A 79 4.23 12.15 -6.86
CA PRO A 79 3.97 12.99 -8.04
C PRO A 79 5.24 13.26 -8.87
N ARG A 80 5.12 13.17 -10.21
CA ARG A 80 6.09 13.60 -11.23
C ARG A 80 7.13 14.61 -10.69
N GLN A 81 6.84 15.91 -10.84
CA GLN A 81 7.68 17.07 -10.47
C GLN A 81 7.26 18.35 -11.22
N HIS A 82 7.17 18.28 -12.56
CA HIS A 82 6.58 19.28 -13.45
C HIS A 82 7.01 20.71 -13.05
N ARG A 83 8.17 21.17 -13.55
CA ARG A 83 8.61 22.57 -13.53
C ARG A 83 7.56 23.50 -14.16
N LEU A 84 6.94 24.37 -13.34
CA LEU A 84 5.78 25.22 -13.68
C LEU A 84 5.34 26.09 -12.47
N ASP A 85 5.07 27.38 -12.73
CA ASP A 85 4.90 28.43 -11.71
C ASP A 85 3.96 29.55 -12.22
N LYS A 86 4.26 30.82 -11.89
CA LYS A 86 3.72 32.04 -12.52
C LYS A 86 2.43 32.50 -11.80
N ILE A 87 1.88 31.66 -10.90
CA ILE A 87 0.86 32.02 -9.90
C ILE A 87 1.45 31.86 -8.49
N THR A 88 0.73 32.34 -7.45
CA THR A 88 1.12 32.28 -6.03
C THR A 88 1.06 30.82 -5.54
N HIS A 89 0.09 30.04 -6.03
CA HIS A 89 -0.09 28.62 -5.74
C HIS A 89 -0.85 28.39 -4.41
N ALA A 90 -1.64 29.41 -3.98
CA ALA A 90 -2.48 29.37 -2.77
C ALA A 90 -3.70 28.45 -2.98
N CYS A 91 -3.97 27.55 -2.01
CA CYS A 91 -5.14 26.68 -1.95
C CYS A 91 -5.39 26.20 -0.51
N ARG A 92 -6.67 26.04 -0.11
CA ARG A 92 -7.11 25.47 1.16
C ARG A 92 -7.68 24.05 0.94
ZN ZN B . -3.48 0.78 -2.41
N MET A 1 7.41 -20.27 11.37
CA MET A 1 8.37 -19.71 12.30
C MET A 1 7.68 -19.30 13.62
N LYS A 2 8.15 -19.83 14.76
CA LYS A 2 7.62 -19.59 16.11
C LYS A 2 8.34 -18.40 16.78
N LYS A 3 9.33 -18.71 17.64
CA LYS A 3 10.02 -17.75 18.52
C LYS A 3 9.01 -16.72 19.08
N ALA A 4 7.89 -17.20 19.63
CA ALA A 4 6.89 -16.41 20.37
C ALA A 4 6.56 -15.09 19.64
N THR A 5 5.69 -15.15 18.61
CA THR A 5 5.31 -14.03 17.74
C THR A 5 3.94 -14.31 17.10
N CYS A 6 2.99 -13.37 17.24
CA CYS A 6 1.59 -13.49 16.81
C CYS A 6 1.35 -12.71 15.51
N LEU A 7 1.91 -13.20 14.38
CA LEU A 7 1.96 -12.52 13.08
C LEU A 7 0.71 -12.87 12.23
N THR A 8 -0.39 -13.23 12.92
CA THR A 8 -1.74 -13.43 12.38
C THR A 8 -2.24 -12.13 11.69
N ASP A 9 -3.32 -12.24 10.89
CA ASP A 9 -3.84 -11.18 10.00
C ASP A 9 -4.36 -9.98 10.82
N ASP A 10 -4.60 -10.17 12.13
CA ASP A 10 -4.79 -9.11 13.13
C ASP A 10 -3.71 -8.02 13.01
N GLN A 11 -2.51 -8.30 13.57
CA GLN A 11 -1.43 -7.32 13.73
C GLN A 11 -0.73 -7.05 12.38
N ARG A 12 -0.90 -7.97 11.40
CA ARG A 12 -0.70 -7.72 9.97
C ARG A 12 -1.30 -6.34 9.58
N TRP A 13 -2.63 -6.23 9.82
CA TRP A 13 -3.40 -5.01 9.61
C TRP A 13 -3.06 -3.92 10.65
N GLN A 14 -2.44 -4.30 11.79
CA GLN A 14 -1.85 -3.34 12.75
C GLN A 14 -0.67 -2.60 12.10
N SER A 15 0.35 -3.34 11.60
CA SER A 15 1.47 -2.81 10.82
C SER A 15 0.99 -1.94 9.63
N VAL A 16 -0.14 -2.35 9.01
CA VAL A 16 -0.70 -1.82 7.76
C VAL A 16 -1.67 -0.65 8.07
N LEU A 17 -2.33 -0.66 9.25
CA LEU A 17 -3.16 0.44 9.75
C LEU A 17 -2.29 1.63 10.19
N ALA A 18 -1.14 1.32 10.84
CA ALA A 18 -0.07 2.27 11.17
C ALA A 18 0.45 2.97 9.89
N ARG A 19 0.22 2.32 8.72
CA ARG A 19 0.66 2.78 7.40
C ARG A 19 2.20 2.83 7.32
N ASP A 20 2.86 1.80 7.89
CA ASP A 20 4.27 1.78 8.28
C ASP A 20 5.17 1.62 7.03
N PRO A 21 5.71 2.72 6.44
CA PRO A 21 6.28 2.73 5.08
C PRO A 21 7.47 1.76 4.92
N ASN A 22 8.05 1.32 6.05
CA ASN A 22 9.36 0.65 6.14
C ASN A 22 9.22 -0.89 6.26
N ALA A 23 8.01 -1.42 5.99
CA ALA A 23 7.75 -2.84 5.70
C ALA A 23 7.48 -3.06 4.20
N ASP A 24 7.98 -2.14 3.35
CA ASP A 24 8.13 -2.31 1.90
C ASP A 24 9.19 -3.38 1.57
N GLY A 25 8.76 -4.64 1.38
CA GLY A 25 9.61 -5.82 1.19
C GLY A 25 9.39 -6.88 2.29
N GLU A 26 8.81 -6.47 3.43
CA GLU A 26 8.44 -7.34 4.57
C GLU A 26 7.25 -8.25 4.20
N PHE A 27 6.25 -7.68 3.48
CA PHE A 27 5.11 -8.39 2.92
C PHE A 27 4.39 -7.55 1.84
N VAL A 28 3.27 -8.08 1.29
CA VAL A 28 2.23 -7.35 0.56
C VAL A 28 0.85 -7.72 1.12
N PHE A 29 -0.22 -7.02 0.66
CA PHE A 29 -1.62 -7.34 0.96
C PHE A 29 -2.53 -7.09 -0.26
N ALA A 30 -3.70 -7.78 -0.30
CA ALA A 30 -4.55 -7.99 -1.47
C ALA A 30 -6.04 -7.74 -1.14
N VAL A 31 -6.61 -6.61 -1.60
CA VAL A 31 -8.01 -6.24 -1.45
C VAL A 31 -8.87 -6.90 -2.54
N ARG A 32 -9.54 -8.03 -2.21
CA ARG A 32 -10.16 -8.97 -3.14
C ARG A 32 -11.23 -8.28 -4.01
N THR A 33 -11.75 -7.12 -3.55
CA THR A 33 -12.98 -6.48 -4.05
C THR A 33 -12.70 -5.59 -5.27
N THR A 34 -11.44 -5.10 -5.40
CA THR A 34 -10.94 -4.32 -6.53
C THR A 34 -10.11 -5.21 -7.48
N GLY A 35 -9.55 -6.32 -6.96
CA GLY A 35 -8.46 -7.10 -7.56
C GLY A 35 -7.16 -6.27 -7.67
N ILE A 36 -6.75 -5.66 -6.54
CA ILE A 36 -5.50 -4.90 -6.38
C ILE A 36 -4.67 -5.47 -5.21
N PHE A 37 -3.33 -5.29 -5.25
CA PHE A 37 -2.41 -5.54 -4.13
C PHE A 37 -1.40 -4.38 -3.98
N CYS A 38 -1.05 -4.05 -2.72
CA CYS A 38 -0.14 -2.98 -2.30
C CYS A 38 1.00 -3.52 -1.42
N ARG A 39 1.87 -2.60 -0.92
CA ARG A 39 2.72 -2.77 0.27
C ARG A 39 2.03 -2.15 1.50
N PRO A 40 2.44 -2.46 2.75
CA PRO A 40 1.71 -2.11 3.99
C PRO A 40 1.24 -0.64 4.08
N SER A 41 1.89 0.26 3.33
CA SER A 41 1.91 1.71 3.54
C SER A 41 0.79 2.44 2.79
N CYS A 42 -0.31 1.77 2.38
CA CYS A 42 -1.24 2.27 1.35
C CYS A 42 -2.01 3.51 1.89
N ARG A 43 -1.54 4.71 1.51
CA ARG A 43 -1.89 6.00 2.13
C ARG A 43 -3.38 6.33 1.95
N ALA A 44 -3.94 6.03 0.75
CA ALA A 44 -5.38 5.98 0.47
C ALA A 44 -6.16 5.32 1.64
N ARG A 45 -7.34 5.89 1.99
CA ARG A 45 -8.24 5.36 3.02
C ARG A 45 -8.69 3.93 2.69
N HIS A 46 -7.84 2.93 3.01
CA HIS A 46 -7.93 1.56 2.49
C HIS A 46 -9.15 0.81 3.08
N ALA A 47 -9.86 0.05 2.23
CA ALA A 47 -10.89 -0.92 2.62
C ALA A 47 -10.39 -1.86 3.73
N LEU A 48 -11.32 -2.40 4.55
CA LEU A 48 -11.05 -3.04 5.84
C LEU A 48 -10.12 -4.27 5.67
N ARG A 49 -9.47 -4.69 6.77
CA ARG A 49 -8.78 -5.98 6.92
C ARG A 49 -9.64 -7.14 6.39
N GLU A 50 -10.97 -7.05 6.56
CA GLU A 50 -11.93 -8.14 6.35
C GLU A 50 -12.07 -8.49 4.86
N ASN A 51 -11.62 -7.59 3.97
CA ASN A 51 -11.57 -7.76 2.51
C ASN A 51 -10.13 -8.03 2.02
N VAL A 52 -9.12 -7.66 2.83
CA VAL A 52 -7.69 -7.70 2.50
C VAL A 52 -7.06 -9.00 3.06
N SER A 53 -6.09 -9.58 2.34
CA SER A 53 -5.25 -10.70 2.78
C SER A 53 -3.77 -10.52 2.36
N PHE A 54 -2.85 -11.18 3.09
CA PHE A 54 -1.41 -10.87 3.14
C PHE A 54 -0.55 -11.97 2.48
N TYR A 55 0.41 -11.55 1.63
CA TYR A 55 1.48 -12.32 0.98
C TYR A 55 2.86 -11.98 1.59
N ALA A 56 3.91 -12.68 1.08
CA ALA A 56 5.33 -12.36 1.29
C ALA A 56 5.80 -11.24 0.34
N ASN A 57 5.30 -11.22 -0.91
CA ASN A 57 5.68 -10.28 -1.97
C ASN A 57 4.61 -10.23 -3.08
N ALA A 58 4.86 -9.38 -4.11
CA ALA A 58 3.92 -9.04 -5.19
C ALA A 58 3.69 -10.22 -6.14
N SER A 59 4.72 -11.07 -6.34
CA SER A 59 4.70 -12.25 -7.22
C SER A 59 3.73 -13.33 -6.71
N GLU A 60 3.57 -13.42 -5.38
CA GLU A 60 2.56 -14.22 -4.67
C GLU A 60 1.15 -13.66 -4.94
N ALA A 61 1.03 -12.32 -4.79
CA ALA A 61 -0.19 -11.55 -5.09
C ALA A 61 -0.52 -11.58 -6.59
N LEU A 62 0.51 -11.78 -7.44
CA LEU A 62 0.43 -12.10 -8.88
C LEU A 62 -0.15 -13.52 -9.08
N ALA A 63 0.26 -14.47 -8.21
CA ALA A 63 -0.23 -15.85 -8.14
C ALA A 63 -1.73 -15.90 -7.78
N ALA A 64 -2.23 -14.89 -7.04
CA ALA A 64 -3.65 -14.65 -6.78
C ALA A 64 -4.36 -13.94 -7.95
N GLY A 65 -3.56 -13.43 -8.92
CA GLY A 65 -4.02 -12.85 -10.19
C GLY A 65 -4.57 -11.42 -10.00
N PHE A 66 -3.86 -10.58 -9.21
CA PHE A 66 -4.20 -9.18 -8.93
C PHE A 66 -3.28 -8.21 -9.71
N ARG A 67 -3.58 -6.90 -9.68
CA ARG A 67 -2.89 -5.83 -10.42
C ARG A 67 -2.27 -4.79 -9.46
N PRO A 68 -1.11 -4.18 -9.79
CA PRO A 68 -0.28 -3.37 -8.89
C PRO A 68 -0.78 -1.93 -8.67
N CYS A 69 -1.30 -1.63 -7.46
CA CYS A 69 -1.89 -0.34 -7.05
C CYS A 69 -1.04 0.84 -7.56
N LYS A 70 -1.66 2.01 -7.82
CA LYS A 70 -1.08 3.14 -8.54
C LYS A 70 -0.16 3.97 -7.63
N ARG A 71 0.08 3.50 -6.39
CA ARG A 71 0.65 4.27 -5.26
C ARG A 71 1.83 3.48 -4.62
N CYS A 72 1.61 2.17 -4.36
CA CYS A 72 2.44 1.32 -3.51
C CYS A 72 3.33 0.38 -4.35
N GLN A 73 2.70 -0.55 -5.10
CA GLN A 73 3.35 -1.72 -5.71
C GLN A 73 4.47 -1.27 -6.68
N PRO A 74 4.20 -0.37 -7.65
CA PRO A 74 5.22 0.26 -8.52
C PRO A 74 5.83 1.55 -7.92
N ASP A 75 5.01 2.31 -7.17
CA ASP A 75 5.25 3.71 -6.78
C ASP A 75 4.98 4.66 -7.96
N LYS A 76 3.73 4.67 -8.47
CA LYS A 76 3.31 5.38 -9.69
C LYS A 76 2.32 6.51 -9.32
N ALA A 77 2.46 7.09 -8.11
CA ALA A 77 1.82 8.34 -7.68
C ALA A 77 2.65 9.56 -8.11
N ASN A 78 1.99 10.72 -8.34
CA ASN A 78 2.56 11.95 -8.90
C ASN A 78 3.37 12.73 -7.82
N PRO A 79 4.69 12.92 -7.98
CA PRO A 79 5.51 13.80 -7.12
C PRO A 79 4.85 15.17 -6.88
N ARG A 80 4.51 15.89 -7.97
CA ARG A 80 3.59 17.03 -8.04
C ARG A 80 2.72 17.17 -6.78
N GLN A 81 1.55 16.48 -6.78
CA GLN A 81 0.55 16.45 -5.71
C GLN A 81 -0.22 17.78 -5.62
N HIS A 82 -0.78 18.23 -6.76
CA HIS A 82 -1.80 19.28 -6.88
C HIS A 82 -2.18 19.55 -8.34
N ARG A 83 -3.49 19.54 -8.66
CA ARG A 83 -4.06 20.15 -9.87
C ARG A 83 -4.37 21.65 -9.64
N LEU A 84 -3.32 22.39 -9.22
CA LEU A 84 -3.37 23.71 -8.60
C LEU A 84 -4.48 24.60 -9.19
N ASP A 85 -5.50 24.95 -8.36
CA ASP A 85 -6.67 25.74 -8.75
C ASP A 85 -6.28 27.21 -9.05
N LYS A 86 -5.89 27.96 -8.00
CA LYS A 86 -5.30 29.31 -8.09
C LYS A 86 -4.34 29.40 -9.29
N ILE A 87 -4.11 30.63 -9.81
CA ILE A 87 -3.10 30.96 -10.82
C ILE A 87 -1.71 30.56 -10.28
N THR A 88 -0.99 29.70 -11.02
CA THR A 88 0.29 29.10 -10.63
C THR A 88 1.41 30.16 -10.61
N HIS A 89 2.00 30.44 -11.80
CA HIS A 89 2.90 31.57 -12.06
C HIS A 89 4.30 31.35 -11.45
N ALA A 90 5.36 31.53 -12.26
CA ALA A 90 6.76 31.54 -11.85
C ALA A 90 7.13 30.21 -11.16
N CYS A 91 7.71 29.26 -11.93
CA CYS A 91 8.31 28.00 -11.44
C CYS A 91 9.58 28.32 -10.63
N ARG A 92 9.42 28.62 -9.32
CA ARG A 92 10.48 29.07 -8.41
C ARG A 92 11.19 27.86 -7.79
ZN ZN B . -1.90 1.08 -2.55
N MET A 1 26.70 -5.04 13.13
CA MET A 1 25.71 -5.97 12.62
C MET A 1 26.31 -6.87 11.51
N LYS A 2 26.77 -8.07 11.89
CA LYS A 2 27.38 -9.07 11.00
C LYS A 2 26.72 -10.44 11.19
N LYS A 3 25.42 -10.45 11.58
CA LYS A 3 24.65 -11.65 11.95
C LYS A 3 23.15 -11.31 12.04
N ALA A 4 22.28 -12.27 11.67
CA ALA A 4 20.82 -12.19 11.80
C ALA A 4 20.20 -11.37 10.63
N THR A 5 18.94 -11.69 10.28
CA THR A 5 18.21 -11.12 9.13
C THR A 5 16.69 -11.27 9.35
N CYS A 6 16.24 -12.45 9.80
CA CYS A 6 14.88 -12.80 10.21
C CYS A 6 13.83 -12.05 9.34
N LEU A 7 13.43 -12.64 8.20
CA LEU A 7 12.40 -12.16 7.28
C LEU A 7 11.01 -12.72 7.67
N THR A 8 10.87 -13.13 8.95
CA THR A 8 9.66 -13.71 9.54
C THR A 8 8.44 -12.79 9.31
N ASP A 9 7.23 -13.27 9.67
CA ASP A 9 5.94 -12.65 9.32
C ASP A 9 5.62 -11.47 10.27
N ASP A 10 6.13 -11.51 11.51
CA ASP A 10 6.25 -10.37 12.42
C ASP A 10 6.70 -9.10 11.68
N GLN A 11 7.98 -9.04 11.28
CA GLN A 11 8.64 -7.82 10.78
C GLN A 11 8.22 -7.53 9.34
N ARG A 12 7.79 -8.57 8.59
CA ARG A 12 6.98 -8.46 7.37
C ARG A 12 5.90 -7.36 7.53
N TRP A 13 5.00 -7.57 8.53
CA TRP A 13 3.98 -6.60 8.91
C TRP A 13 4.57 -5.37 9.63
N GLN A 14 5.83 -5.44 10.10
CA GLN A 14 6.59 -4.26 10.59
C GLN A 14 6.85 -3.29 9.41
N SER A 15 7.62 -3.73 8.40
CA SER A 15 7.97 -2.96 7.20
C SER A 15 6.72 -2.55 6.37
N VAL A 16 5.58 -3.22 6.65
CA VAL A 16 4.24 -2.87 6.16
C VAL A 16 3.54 -1.87 7.10
N LEU A 17 3.59 -2.06 8.42
CA LEU A 17 2.99 -1.18 9.43
C LEU A 17 3.65 0.21 9.40
N ALA A 18 4.98 0.25 9.21
CA ALA A 18 5.81 1.44 9.07
C ALA A 18 5.33 2.31 7.87
N ARG A 19 4.64 1.65 6.92
CA ARG A 19 4.05 2.25 5.71
C ARG A 19 5.14 2.49 4.63
N ASP A 20 6.24 1.71 4.71
CA ASP A 20 7.52 1.96 4.04
C ASP A 20 7.31 2.21 2.53
N PRO A 21 7.19 3.49 2.08
CA PRO A 21 6.67 3.88 0.75
C PRO A 21 7.49 3.25 -0.41
N ASN A 22 8.76 2.90 -0.12
CA ASN A 22 9.83 2.59 -1.08
C ASN A 22 10.10 1.07 -1.13
N ALA A 23 9.12 0.27 -0.68
CA ALA A 23 9.16 -1.20 -0.64
C ALA A 23 8.26 -1.80 -1.75
N ASP A 24 8.06 -1.03 -2.84
CA ASP A 24 7.44 -1.47 -4.10
C ASP A 24 8.31 -2.52 -4.85
N GLY A 25 9.53 -2.80 -4.35
CA GLY A 25 10.51 -3.71 -4.95
C GLY A 25 10.76 -4.95 -4.05
N GLU A 26 10.73 -4.75 -2.72
CA GLU A 26 11.10 -5.74 -1.69
C GLU A 26 10.04 -6.86 -1.61
N PHE A 27 8.75 -6.51 -1.73
CA PHE A 27 7.61 -7.44 -1.73
C PHE A 27 6.28 -6.73 -2.09
N VAL A 28 5.17 -7.48 -2.05
CA VAL A 28 3.79 -7.00 -1.96
C VAL A 28 3.09 -7.68 -0.76
N PHE A 29 1.85 -7.25 -0.41
CA PHE A 29 0.97 -7.92 0.55
C PHE A 29 -0.50 -7.96 0.05
N ALA A 30 -1.25 -8.99 0.48
CA ALA A 30 -2.53 -9.44 -0.10
C ALA A 30 -3.61 -9.62 0.98
N VAL A 31 -4.71 -8.86 0.92
CA VAL A 31 -5.83 -8.91 1.87
C VAL A 31 -6.97 -9.79 1.30
N ARG A 32 -7.00 -11.07 1.71
CA ARG A 32 -7.83 -12.13 1.12
C ARG A 32 -9.34 -11.77 1.20
N THR A 33 -9.71 -10.81 2.06
CA THR A 33 -11.09 -10.49 2.43
C THR A 33 -11.73 -9.52 1.42
N THR A 34 -10.91 -8.65 0.79
CA THR A 34 -11.30 -7.69 -0.25
C THR A 34 -10.93 -8.23 -1.65
N GLY A 35 -9.95 -9.15 -1.72
CA GLY A 35 -9.35 -9.66 -2.97
C GLY A 35 -8.59 -8.54 -3.73
N ILE A 36 -7.89 -7.66 -2.99
CA ILE A 36 -6.90 -6.71 -3.50
C ILE A 36 -5.48 -7.13 -3.03
N PHE A 37 -4.44 -6.60 -3.71
CA PHE A 37 -3.04 -6.58 -3.27
C PHE A 37 -2.42 -5.17 -3.42
N CYS A 38 -1.47 -4.82 -2.53
CA CYS A 38 -0.88 -3.49 -2.35
C CYS A 38 0.67 -3.58 -2.33
N ARG A 39 1.33 -2.40 -2.33
CA ARG A 39 2.70 -2.18 -1.85
C ARG A 39 2.66 -1.84 -0.34
N PRO A 40 3.72 -2.05 0.47
CA PRO A 40 3.67 -1.98 1.94
C PRO A 40 3.12 -0.67 2.54
N SER A 41 2.95 0.39 1.72
CA SER A 41 2.70 1.77 2.13
C SER A 41 1.20 2.08 2.34
N CYS A 42 0.31 1.06 2.40
CA CYS A 42 -1.14 1.23 2.19
C CYS A 42 -1.73 2.15 3.28
N ARG A 43 -1.79 3.46 3.00
CA ARG A 43 -1.95 4.55 3.98
C ARG A 43 -3.31 4.45 4.70
N ALA A 44 -4.43 4.34 3.95
CA ALA A 44 -5.76 3.96 4.45
C ALA A 44 -5.68 2.72 5.36
N ARG A 45 -6.12 2.87 6.62
CA ARG A 45 -5.83 1.97 7.75
C ARG A 45 -5.92 0.48 7.34
N HIS A 46 -4.78 -0.10 6.91
CA HIS A 46 -4.71 -1.40 6.23
C HIS A 46 -5.15 -2.54 7.18
N ALA A 47 -6.03 -3.43 6.68
CA ALA A 47 -6.50 -4.64 7.37
C ALA A 47 -5.35 -5.37 8.09
N LEU A 48 -5.66 -6.08 9.20
CA LEU A 48 -4.71 -6.73 10.09
C LEU A 48 -3.77 -7.67 9.31
N ARG A 49 -2.57 -7.94 9.87
CA ARG A 49 -1.63 -9.00 9.45
C ARG A 49 -2.34 -10.36 9.34
N GLU A 50 -3.42 -10.55 10.13
CA GLU A 50 -4.16 -11.82 10.29
C GLU A 50 -4.94 -12.20 9.02
N ASN A 51 -5.17 -11.22 8.11
CA ASN A 51 -5.88 -11.37 6.83
C ASN A 51 -4.95 -11.04 5.64
N VAL A 52 -3.63 -10.92 5.91
CA VAL A 52 -2.63 -10.28 5.04
C VAL A 52 -1.42 -11.22 4.86
N SER A 53 -0.99 -11.48 3.61
CA SER A 53 0.16 -12.33 3.27
C SER A 53 0.98 -11.74 2.09
N PHE A 54 2.28 -12.12 2.02
CA PHE A 54 3.33 -11.42 1.28
C PHE A 54 3.84 -12.23 0.05
N TYR A 55 4.00 -11.53 -1.08
CA TYR A 55 4.61 -11.95 -2.34
C TYR A 55 5.99 -11.28 -2.58
N ALA A 56 6.62 -11.61 -3.73
CA ALA A 56 7.73 -10.88 -4.35
C ALA A 56 7.22 -9.68 -5.18
N ASN A 57 6.09 -9.86 -5.90
CA ASN A 57 5.55 -8.89 -6.87
C ASN A 57 4.04 -9.12 -7.11
N ALA A 58 3.43 -8.27 -7.96
CA ALA A 58 1.98 -8.12 -8.15
C ALA A 58 1.41 -9.21 -9.08
N SER A 59 2.27 -9.85 -9.89
CA SER A 59 1.96 -11.03 -10.72
C SER A 59 1.76 -12.30 -9.87
N GLU A 60 2.53 -12.42 -8.77
CA GLU A 60 2.35 -13.42 -7.69
C GLU A 60 1.03 -13.15 -6.95
N ALA A 61 0.74 -11.85 -6.71
CA ALA A 61 -0.52 -11.35 -6.12
C ALA A 61 -1.71 -11.56 -7.08
N LEU A 62 -1.44 -11.45 -8.40
CA LEU A 62 -2.35 -11.83 -9.51
C LEU A 62 -2.52 -13.37 -9.56
N ALA A 63 -1.41 -14.10 -9.31
CA ALA A 63 -1.34 -15.55 -9.18
C ALA A 63 -2.22 -16.07 -8.01
N ALA A 64 -2.46 -15.20 -7.00
CA ALA A 64 -3.41 -15.41 -5.90
C ALA A 64 -4.85 -15.04 -6.32
N GLY A 65 -5.00 -14.38 -7.49
CA GLY A 65 -6.29 -14.03 -8.11
C GLY A 65 -6.85 -12.71 -7.56
N PHE A 66 -5.97 -11.76 -7.21
CA PHE A 66 -6.29 -10.45 -6.62
C PHE A 66 -6.15 -9.33 -7.67
N ARG A 67 -6.63 -8.12 -7.34
CA ARG A 67 -6.70 -6.95 -8.24
C ARG A 67 -5.98 -5.72 -7.62
N PRO A 68 -5.38 -4.82 -8.43
CA PRO A 68 -4.45 -3.77 -7.98
C PRO A 68 -5.11 -2.58 -7.23
N CYS A 69 -4.89 -2.47 -5.91
CA CYS A 69 -5.49 -1.50 -4.99
C CYS A 69 -5.51 -0.09 -5.63
N LYS A 70 -6.46 0.77 -5.21
CA LYS A 70 -6.80 2.05 -5.85
C LYS A 70 -5.78 3.15 -5.45
N ARG A 71 -4.72 2.78 -4.72
CA ARG A 71 -3.84 3.67 -3.94
C ARG A 71 -2.35 3.31 -4.15
N CYS A 72 -2.01 2.00 -4.01
CA CYS A 72 -0.64 1.48 -3.92
C CYS A 72 -0.16 0.94 -5.28
N GLN A 73 -0.92 -0.02 -5.87
CA GLN A 73 -0.74 -0.51 -7.24
C GLN A 73 -1.27 0.53 -8.25
N PRO A 74 -0.52 0.86 -9.34
CA PRO A 74 -0.82 1.96 -10.26
C PRO A 74 -2.31 2.01 -10.68
N ASP A 75 -3.12 2.80 -9.96
CA ASP A 75 -4.57 2.96 -10.17
C ASP A 75 -5.02 4.41 -9.91
N LYS A 76 -5.08 4.83 -8.63
CA LYS A 76 -5.26 6.23 -8.23
C LYS A 76 -4.20 6.62 -7.17
N ALA A 77 -2.93 6.75 -7.60
CA ALA A 77 -1.81 7.32 -6.85
C ALA A 77 -1.87 8.86 -6.83
N ASN A 78 -0.96 9.50 -6.07
CA ASN A 78 -0.66 10.94 -6.12
C ASN A 78 -1.63 11.75 -5.22
N PRO A 79 -1.17 12.82 -4.52
CA PRO A 79 -1.92 13.48 -3.43
C PRO A 79 -3.14 14.27 -3.95
N ARG A 80 -4.13 14.50 -3.07
CA ARG A 80 -5.46 15.07 -3.35
C ARG A 80 -5.89 14.83 -4.81
N GLN A 81 -5.84 15.91 -5.64
CA GLN A 81 -6.31 15.93 -7.03
C GLN A 81 -7.72 15.30 -7.17
N HIS A 82 -8.73 15.91 -6.50
CA HIS A 82 -10.13 15.48 -6.51
C HIS A 82 -10.92 16.15 -7.65
N ARG A 83 -10.47 17.35 -8.08
CA ARG A 83 -11.18 18.25 -9.00
C ARG A 83 -12.41 18.90 -8.32
N LEU A 84 -12.18 19.97 -7.54
CA LEU A 84 -13.18 20.70 -6.74
C LEU A 84 -12.55 21.88 -5.96
N ASP A 85 -12.84 23.12 -6.40
CA ASP A 85 -12.20 24.36 -5.92
C ASP A 85 -13.20 25.21 -5.10
N LYS A 86 -14.30 25.65 -5.74
CA LYS A 86 -15.46 26.30 -5.11
C LYS A 86 -15.12 27.79 -4.79
N ILE A 87 -14.39 28.45 -5.69
CA ILE A 87 -14.14 29.90 -5.69
C ILE A 87 -14.25 30.44 -7.13
N THR A 88 -15.48 30.52 -7.67
CA THR A 88 -15.80 31.03 -9.01
C THR A 88 -15.30 32.49 -9.16
N HIS A 89 -15.19 32.98 -10.40
CA HIS A 89 -14.57 34.26 -10.77
C HIS A 89 -15.61 35.41 -10.77
N ALA A 90 -15.78 36.09 -9.63
CA ALA A 90 -16.62 37.29 -9.45
C ALA A 90 -16.19 38.08 -8.21
N CYS A 91 -16.54 37.57 -7.01
CA CYS A 91 -16.21 38.15 -5.70
C CYS A 91 -14.72 37.91 -5.38
N ARG A 92 -14.12 38.79 -4.55
CA ARG A 92 -12.71 38.74 -4.13
C ARG A 92 -12.61 38.85 -2.59
ZN ZN B . -3.41 -0.27 -0.91
N MET A 1 25.33 -17.27 13.00
CA MET A 1 25.76 -17.25 11.60
C MET A 1 25.42 -15.87 10.96
N LYS A 2 25.54 -14.79 11.74
CA LYS A 2 25.34 -13.40 11.30
C LYS A 2 24.00 -13.27 10.54
N LYS A 3 22.88 -13.66 11.18
CA LYS A 3 21.52 -13.54 10.66
C LYS A 3 20.91 -12.17 11.02
N ALA A 4 21.34 -11.59 12.15
CA ALA A 4 21.03 -10.22 12.59
C ALA A 4 19.50 -9.95 12.53
N THR A 5 19.02 -9.42 11.40
CA THR A 5 17.69 -8.82 11.25
C THR A 5 16.69 -9.86 10.69
N CYS A 6 15.49 -9.95 11.29
CA CYS A 6 14.45 -10.94 10.98
C CYS A 6 13.38 -10.33 10.05
N LEU A 7 13.33 -10.82 8.79
CA LEU A 7 12.41 -10.37 7.72
C LEU A 7 11.09 -11.18 7.76
N THR A 8 10.77 -11.74 8.94
CA THR A 8 9.52 -12.45 9.26
C THR A 8 8.30 -11.57 8.92
N ASP A 9 7.08 -12.14 9.02
CA ASP A 9 5.80 -11.49 8.71
C ASP A 9 5.54 -10.29 9.64
N ASP A 10 6.11 -10.33 10.86
CA ASP A 10 6.29 -9.16 11.75
C ASP A 10 6.73 -7.92 10.96
N GLN A 11 8.01 -7.89 10.54
CA GLN A 11 8.68 -6.69 10.00
C GLN A 11 8.19 -6.39 8.57
N ARG A 12 7.67 -7.41 7.87
CA ARG A 12 6.79 -7.26 6.68
C ARG A 12 5.77 -6.11 6.91
N TRP A 13 4.94 -6.29 7.97
CA TRP A 13 3.97 -5.28 8.43
C TRP A 13 4.68 -4.06 9.06
N GLN A 14 5.96 -4.19 9.48
CA GLN A 14 6.76 -3.04 9.93
C GLN A 14 7.03 -2.07 8.76
N SER A 15 7.69 -2.56 7.69
CA SER A 15 7.94 -1.82 6.44
C SER A 15 6.63 -1.29 5.79
N VAL A 16 5.51 -2.00 6.05
CA VAL A 16 4.17 -1.73 5.51
C VAL A 16 3.40 -0.78 6.44
N LEU A 17 3.66 -0.82 7.78
CA LEU A 17 3.10 0.10 8.77
C LEU A 17 3.77 1.49 8.65
N ALA A 18 5.10 1.51 8.43
CA ALA A 18 5.92 2.71 8.20
C ALA A 18 5.43 3.49 6.96
N ARG A 19 4.69 2.80 6.07
CA ARG A 19 4.29 3.26 4.74
C ARG A 19 5.54 3.56 3.86
N ASP A 20 6.69 2.97 4.23
CA ASP A 20 7.99 3.16 3.58
C ASP A 20 7.87 2.92 2.06
N PRO A 21 7.60 3.95 1.23
CA PRO A 21 7.20 3.81 -0.19
C PRO A 21 8.30 3.18 -1.06
N ASN A 22 9.53 3.08 -0.51
CA ASN A 22 10.78 2.73 -1.22
C ASN A 22 11.07 1.23 -1.14
N ALA A 23 10.08 0.41 -0.72
CA ALA A 23 10.04 -1.06 -0.86
C ALA A 23 9.21 -1.48 -2.10
N ASP A 24 8.94 -0.54 -3.01
CA ASP A 24 8.48 -0.79 -4.39
C ASP A 24 9.46 -1.73 -5.13
N GLY A 25 8.97 -2.89 -5.61
CA GLY A 25 9.74 -3.94 -6.29
C GLY A 25 10.34 -4.95 -5.28
N GLU A 26 10.51 -4.53 -4.02
CA GLU A 26 11.01 -5.36 -2.91
C GLU A 26 9.96 -6.40 -2.48
N PHE A 27 8.66 -6.04 -2.57
CA PHE A 27 7.52 -6.96 -2.40
C PHE A 27 6.18 -6.30 -2.81
N VAL A 28 5.08 -7.08 -2.63
CA VAL A 28 3.69 -6.62 -2.55
C VAL A 28 2.99 -7.32 -1.35
N PHE A 29 1.77 -6.89 -0.98
CA PHE A 29 0.92 -7.56 0.01
C PHE A 29 -0.57 -7.56 -0.42
N ALA A 30 -1.35 -8.51 0.15
CA ALA A 30 -2.66 -8.95 -0.34
C ALA A 30 -3.68 -9.06 0.81
N VAL A 31 -4.76 -8.25 0.76
CA VAL A 31 -5.90 -8.27 1.69
C VAL A 31 -7.01 -9.19 1.14
N ARG A 32 -7.21 -10.37 1.76
CA ARG A 32 -8.14 -11.42 1.35
C ARG A 32 -9.59 -10.87 1.26
N THR A 33 -9.90 -9.83 2.05
CA THR A 33 -11.26 -9.36 2.36
C THR A 33 -11.79 -8.42 1.26
N THR A 34 -10.88 -7.68 0.59
CA THR A 34 -11.19 -6.72 -0.49
C THR A 34 -10.90 -7.34 -1.87
N GLY A 35 -10.00 -8.34 -1.93
CA GLY A 35 -9.38 -8.86 -3.15
C GLY A 35 -8.53 -7.80 -3.87
N ILE A 36 -7.68 -7.08 -3.10
CA ILE A 36 -6.74 -6.06 -3.56
C ILE A 36 -5.29 -6.47 -3.19
N PHE A 37 -4.30 -5.95 -3.94
CA PHE A 37 -2.87 -5.94 -3.57
C PHE A 37 -2.25 -4.55 -3.82
N CYS A 38 -1.32 -4.11 -2.94
CA CYS A 38 -0.54 -2.87 -3.08
C CYS A 38 0.99 -3.12 -3.02
N ARG A 39 1.75 -2.00 -3.07
CA ARG A 39 3.12 -1.85 -2.57
C ARG A 39 3.08 -1.51 -1.06
N PRO A 40 4.09 -1.83 -0.22
CA PRO A 40 4.04 -1.68 1.25
C PRO A 40 3.40 -0.38 1.78
N SER A 41 3.42 0.70 0.98
CA SER A 41 3.25 2.11 1.38
C SER A 41 1.77 2.51 1.59
N CYS A 42 0.83 1.54 1.64
CA CYS A 42 -0.62 1.81 1.49
C CYS A 42 -1.11 2.76 2.61
N ARG A 43 -1.10 4.07 2.34
CA ARG A 43 -1.15 5.15 3.34
C ARG A 43 -2.53 5.23 4.03
N ALA A 44 -3.62 5.20 3.25
CA ALA A 44 -5.00 5.01 3.72
C ALA A 44 -5.07 3.91 4.81
N ARG A 45 -5.62 4.24 5.98
CA ARG A 45 -5.60 3.43 7.22
C ARG A 45 -5.87 1.94 6.90
N HIS A 46 -4.83 1.09 6.98
CA HIS A 46 -4.80 -0.25 6.37
C HIS A 46 -5.86 -1.18 7.01
N ALA A 47 -6.07 -2.36 6.40
CA ALA A 47 -6.71 -3.54 7.01
C ALA A 47 -5.64 -4.46 7.65
N LEU A 48 -5.95 -5.03 8.83
CA LEU A 48 -4.98 -5.63 9.76
C LEU A 48 -3.99 -6.55 9.03
N ARG A 49 -2.76 -6.67 9.57
CA ARG A 49 -1.75 -7.69 9.23
C ARG A 49 -2.38 -9.10 9.12
N GLU A 50 -3.45 -9.34 9.90
CA GLU A 50 -4.05 -10.65 10.16
C GLU A 50 -4.91 -11.14 8.98
N ASN A 51 -5.33 -10.20 8.11
CA ASN A 51 -6.01 -10.44 6.82
C ASN A 51 -5.03 -10.24 5.64
N VAL A 52 -3.82 -9.74 5.89
CA VAL A 52 -2.81 -9.33 4.90
C VAL A 52 -1.69 -10.39 4.80
N SER A 53 -1.27 -10.73 3.57
CA SER A 53 -0.12 -11.61 3.28
C SER A 53 0.76 -11.06 2.13
N PHE A 54 2.03 -11.48 2.09
CA PHE A 54 3.14 -10.81 1.37
C PHE A 54 3.72 -11.70 0.25
N TYR A 55 3.93 -11.10 -0.94
CA TYR A 55 4.49 -11.64 -2.17
C TYR A 55 5.80 -10.92 -2.58
N ALA A 56 6.36 -11.35 -3.74
CA ALA A 56 7.50 -10.73 -4.43
C ALA A 56 7.05 -9.57 -5.34
N ASN A 57 5.84 -9.69 -5.93
CA ASN A 57 5.23 -8.72 -6.86
C ASN A 57 3.71 -8.97 -6.98
N ALA A 58 3.02 -8.12 -7.78
CA ALA A 58 1.57 -8.05 -7.90
C ALA A 58 1.02 -9.03 -8.96
N SER A 59 1.92 -9.62 -9.77
CA SER A 59 1.66 -10.81 -10.60
C SER A 59 1.50 -12.09 -9.76
N GLU A 60 2.28 -12.20 -8.67
CA GLU A 60 2.08 -13.17 -7.56
C GLU A 60 0.75 -12.89 -6.83
N ALA A 61 0.49 -11.58 -6.59
CA ALA A 61 -0.75 -11.07 -5.99
C ALA A 61 -1.96 -11.31 -6.92
N LEU A 62 -1.70 -11.25 -8.25
CA LEU A 62 -2.60 -11.69 -9.33
C LEU A 62 -2.72 -13.22 -9.36
N ALA A 63 -1.59 -13.92 -9.12
CA ALA A 63 -1.51 -15.37 -8.86
C ALA A 63 -2.32 -15.76 -7.61
N ALA A 64 -2.67 -14.77 -6.76
CA ALA A 64 -3.58 -14.89 -5.62
C ALA A 64 -5.06 -14.81 -6.05
N GLY A 65 -5.31 -14.22 -7.24
CA GLY A 65 -6.65 -13.89 -7.74
C GLY A 65 -6.93 -12.37 -7.77
N PHE A 66 -6.14 -11.60 -7.00
CA PHE A 66 -6.44 -10.24 -6.55
C PHE A 66 -6.15 -9.20 -7.65
N ARG A 67 -6.54 -7.93 -7.42
CA ARG A 67 -6.55 -6.82 -8.40
C ARG A 67 -5.78 -5.59 -7.86
N PRO A 68 -5.18 -4.73 -8.72
CA PRO A 68 -4.42 -3.54 -8.31
C PRO A 68 -5.23 -2.48 -7.54
N CYS A 69 -4.72 -2.06 -6.36
CA CYS A 69 -5.26 -1.00 -5.49
C CYS A 69 -5.32 0.34 -6.24
N LYS A 70 -6.30 1.21 -5.91
CA LYS A 70 -6.61 2.45 -6.62
C LYS A 70 -5.62 3.58 -6.23
N ARG A 71 -4.59 3.25 -5.42
CA ARG A 71 -3.75 4.19 -4.65
C ARG A 71 -2.26 3.89 -4.88
N CYS A 72 -1.87 2.61 -4.80
CA CYS A 72 -0.48 2.13 -4.65
C CYS A 72 0.05 1.53 -5.97
N GLN A 73 -0.68 0.57 -6.56
CA GLN A 73 -0.46 0.05 -7.93
C GLN A 73 -0.93 1.10 -8.97
N PRO A 74 -0.08 1.47 -9.96
CA PRO A 74 -0.33 2.53 -10.96
C PRO A 74 -1.81 2.67 -11.38
N ASP A 75 -2.58 3.51 -10.67
CA ASP A 75 -4.04 3.63 -10.75
C ASP A 75 -4.51 5.06 -10.43
N LYS A 76 -4.58 5.42 -9.13
CA LYS A 76 -5.03 6.73 -8.63
C LYS A 76 -4.29 7.10 -7.34
N ALA A 77 -2.95 7.27 -7.42
CA ALA A 77 -2.12 7.92 -6.40
C ALA A 77 -2.17 9.46 -6.53
N ASN A 78 -2.62 10.15 -5.45
CA ASN A 78 -2.80 11.61 -5.39
C ASN A 78 -3.03 12.07 -3.94
N PRO A 79 -2.42 13.21 -3.49
CA PRO A 79 -2.69 13.84 -2.19
C PRO A 79 -3.96 14.72 -2.19
N ARG A 80 -5.07 14.19 -2.72
CA ARG A 80 -6.44 14.73 -2.67
C ARG A 80 -6.64 15.73 -1.51
N GLN A 81 -6.69 15.22 -0.27
CA GLN A 81 -6.84 16.00 0.97
C GLN A 81 -7.99 17.02 0.85
N HIS A 82 -7.66 18.27 0.47
CA HIS A 82 -8.58 19.41 0.39
C HIS A 82 -9.77 19.11 -0.54
N ARG A 83 -10.92 19.76 -0.32
CA ARG A 83 -12.01 19.93 -1.30
C ARG A 83 -11.72 21.12 -2.24
N LEU A 84 -10.60 21.02 -2.99
CA LEU A 84 -9.99 22.05 -3.85
C LEU A 84 -11.03 22.77 -4.74
N ASP A 85 -10.61 23.91 -5.33
CA ASP A 85 -11.48 24.85 -6.07
C ASP A 85 -10.83 25.25 -7.41
N LYS A 86 -9.69 25.97 -7.36
CA LYS A 86 -8.91 26.42 -8.51
C LYS A 86 -9.72 27.42 -9.35
N ILE A 87 -10.65 28.15 -8.72
CA ILE A 87 -11.52 29.17 -9.33
C ILE A 87 -11.69 30.34 -8.35
N THR A 88 -11.44 31.58 -8.84
CA THR A 88 -11.43 32.82 -8.04
C THR A 88 -12.86 33.41 -7.97
N HIS A 89 -13.44 33.78 -9.12
CA HIS A 89 -14.68 34.53 -9.26
C HIS A 89 -15.89 33.59 -9.46
N ALA A 90 -16.13 32.69 -8.49
CA ALA A 90 -17.32 31.83 -8.40
C ALA A 90 -17.19 30.58 -9.30
N CYS A 91 -17.25 29.38 -8.70
CA CYS A 91 -17.22 28.08 -9.39
C CYS A 91 -18.64 27.61 -9.74
N ARG A 92 -19.65 28.07 -8.96
CA ARG A 92 -21.08 27.84 -9.19
C ARG A 92 -21.91 28.95 -8.53
ZN ZN B . -3.18 0.46 -1.50
N MET A 1 29.86 -10.28 6.13
CA MET A 1 28.89 -11.29 5.73
C MET A 1 27.85 -11.54 6.83
N LYS A 2 26.88 -12.43 6.57
CA LYS A 2 25.75 -12.78 7.46
C LYS A 2 24.67 -11.69 7.40
N LYS A 3 24.95 -10.50 7.96
CA LYS A 3 24.15 -9.28 7.85
C LYS A 3 22.87 -9.38 8.71
N ALA A 4 23.02 -9.28 10.05
CA ALA A 4 21.94 -9.35 11.04
C ALA A 4 20.70 -8.54 10.58
N THR A 5 19.71 -9.23 10.00
CA THR A 5 18.39 -8.68 9.63
C THR A 5 17.31 -9.77 9.76
N CYS A 6 16.12 -9.41 10.29
CA CYS A 6 14.94 -10.28 10.43
C CYS A 6 13.85 -9.86 9.42
N LEU A 7 13.71 -10.63 8.31
CA LEU A 7 12.66 -10.51 7.28
C LEU A 7 11.42 -11.34 7.64
N THR A 8 11.25 -11.62 8.96
CA THR A 8 10.11 -12.31 9.56
C THR A 8 8.79 -11.58 9.22
N ASP A 9 7.69 -12.34 9.04
CA ASP A 9 6.34 -11.85 8.76
C ASP A 9 5.86 -10.89 9.87
N ASP A 10 6.42 -11.03 11.10
CA ASP A 10 6.37 -10.03 12.18
C ASP A 10 6.63 -8.61 11.64
N GLN A 11 7.92 -8.28 11.37
CA GLN A 11 8.38 -6.92 11.08
C GLN A 11 7.97 -6.49 9.67
N ARG A 12 7.69 -7.46 8.77
CA ARG A 12 6.91 -7.27 7.54
C ARG A 12 5.70 -6.36 7.81
N TRP A 13 4.83 -6.85 8.74
CA TRP A 13 3.66 -6.10 9.24
C TRP A 13 4.09 -4.86 10.06
N GLN A 14 5.33 -4.85 10.59
CA GLN A 14 5.95 -3.64 11.17
C GLN A 14 6.05 -2.52 10.11
N SER A 15 6.87 -2.74 9.05
CA SER A 15 7.09 -1.78 7.96
C SER A 15 5.78 -1.44 7.19
N VAL A 16 4.76 -2.30 7.35
CA VAL A 16 3.41 -2.15 6.79
C VAL A 16 2.50 -1.38 7.77
N LEU A 17 2.65 -1.62 9.09
CA LEU A 17 1.95 -0.89 10.17
C LEU A 17 2.46 0.57 10.24
N ALA A 18 3.77 0.76 10.02
CA ALA A 18 4.44 2.06 9.84
C ALA A 18 3.92 2.78 8.58
N ARG A 19 3.25 2.03 7.68
CA ARG A 19 2.64 2.52 6.43
C ARG A 19 3.69 3.24 5.56
N ASP A 20 4.96 2.77 5.65
CA ASP A 20 6.15 3.40 5.06
C ASP A 20 5.94 3.68 3.56
N PRO A 21 5.49 4.90 3.16
CA PRO A 21 4.92 5.19 1.83
C PRO A 21 5.89 4.88 0.67
N ASN A 22 7.19 4.71 0.98
CA ASN A 22 8.31 4.69 0.03
C ASN A 22 8.72 3.24 -0.34
N ALA A 23 7.90 2.26 0.07
CA ALA A 23 8.18 0.81 -0.03
C ALA A 23 7.32 0.16 -1.13
N ASP A 24 6.88 0.95 -2.13
CA ASP A 24 6.27 0.50 -3.39
C ASP A 24 7.29 -0.17 -4.33
N GLY A 25 8.54 -0.35 -3.86
CA GLY A 25 9.57 -1.18 -4.49
C GLY A 25 10.04 -2.32 -3.56
N GLU A 26 9.88 -2.14 -2.23
CA GLU A 26 10.45 -2.97 -1.16
C GLU A 26 9.72 -4.33 -1.06
N PHE A 27 8.37 -4.31 -1.17
CA PHE A 27 7.52 -5.50 -1.24
C PHE A 27 6.05 -5.13 -1.59
N VAL A 28 5.16 -6.14 -1.62
CA VAL A 28 3.70 -5.99 -1.55
C VAL A 28 3.15 -6.88 -0.41
N PHE A 29 1.85 -6.74 -0.06
CA PHE A 29 1.13 -7.63 0.87
C PHE A 29 -0.30 -7.92 0.36
N ALA A 30 -0.84 -9.10 0.73
CA ALA A 30 -2.00 -9.76 0.11
C ALA A 30 -3.02 -10.22 1.16
N VAL A 31 -4.20 -9.59 1.22
CA VAL A 31 -5.30 -9.94 2.13
C VAL A 31 -6.20 -11.02 1.48
N ARG A 32 -6.05 -12.28 1.92
CA ARG A 32 -6.66 -13.48 1.30
C ARG A 32 -8.20 -13.36 1.27
N THR A 33 -8.78 -12.48 2.10
CA THR A 33 -10.20 -12.48 2.47
C THR A 33 -10.97 -11.38 1.71
N THR A 34 -10.25 -10.44 1.06
CA THR A 34 -10.78 -9.49 0.06
C THR A 34 -10.48 -9.97 -1.38
N GLY A 35 -9.40 -10.76 -1.54
CA GLY A 35 -8.74 -11.01 -2.83
C GLY A 35 -8.13 -9.73 -3.44
N ILE A 36 -7.42 -8.94 -2.61
CA ILE A 36 -6.69 -7.72 -2.99
C ILE A 36 -5.21 -7.83 -2.57
N PHE A 37 -4.32 -7.05 -3.21
CA PHE A 37 -2.94 -6.79 -2.77
C PHE A 37 -2.61 -5.27 -2.82
N CYS A 38 -1.59 -4.84 -2.04
CA CYS A 38 -1.25 -3.46 -1.70
C CYS A 38 0.28 -3.26 -1.66
N ARG A 39 0.72 -2.00 -1.53
CA ARG A 39 2.02 -1.56 -1.02
C ARG A 39 1.95 -1.37 0.51
N PRO A 40 3.04 -1.51 1.30
CA PRO A 40 3.03 -1.38 2.77
C PRO A 40 2.17 -0.23 3.34
N SER A 41 1.91 0.82 2.53
CA SER A 41 1.45 2.15 2.95
C SER A 41 -0.09 2.25 3.10
N CYS A 42 -0.82 1.11 3.21
CA CYS A 42 -2.29 1.08 3.03
C CYS A 42 -3.00 1.85 4.16
N ARG A 43 -3.14 3.18 3.99
CA ARG A 43 -3.40 4.17 5.05
C ARG A 43 -4.73 3.87 5.78
N ALA A 44 -5.83 3.67 5.03
CA ALA A 44 -7.13 3.19 5.54
C ALA A 44 -6.95 1.87 6.32
N ARG A 45 -7.46 1.83 7.57
CA ARG A 45 -7.13 0.83 8.60
C ARG A 45 -7.10 -0.60 8.00
N HIS A 46 -5.95 -1.28 8.12
CA HIS A 46 -5.57 -2.44 7.30
C HIS A 46 -6.40 -3.69 7.70
N ALA A 47 -6.46 -4.70 6.82
CA ALA A 47 -6.83 -6.09 7.13
C ALA A 47 -5.67 -6.82 7.85
N LEU A 48 -5.97 -7.51 8.97
CA LEU A 48 -5.00 -7.94 9.98
C LEU A 48 -3.76 -8.61 9.33
N ARG A 49 -2.60 -8.55 10.01
CA ARG A 49 -1.42 -9.38 9.79
C ARG A 49 -1.80 -10.85 9.47
N GLU A 50 -2.64 -11.44 10.34
CA GLU A 50 -2.97 -12.87 10.39
C GLU A 50 -3.65 -13.35 9.09
N ASN A 51 -4.18 -12.41 8.29
CA ASN A 51 -4.88 -12.65 7.02
C ASN A 51 -4.04 -12.16 5.82
N VAL A 52 -3.09 -11.25 6.08
CA VAL A 52 -2.15 -10.65 5.11
C VAL A 52 -0.88 -11.51 4.98
N SER A 53 -0.34 -11.61 3.76
CA SER A 53 0.97 -12.22 3.45
C SER A 53 1.73 -11.41 2.37
N PHE A 54 3.07 -11.55 2.35
CA PHE A 54 4.03 -10.63 1.71
C PHE A 54 4.73 -11.25 0.49
N TYR A 55 4.71 -10.54 -0.65
CA TYR A 55 5.45 -10.75 -1.89
C TYR A 55 6.64 -9.77 -2.03
N ALA A 56 7.39 -9.92 -3.16
CA ALA A 56 8.35 -8.95 -3.69
C ALA A 56 7.66 -7.79 -4.42
N ASN A 57 6.65 -8.09 -5.26
CA ASN A 57 5.93 -7.11 -6.10
C ASN A 57 4.47 -7.54 -6.32
N ALA A 58 3.70 -6.71 -7.06
CA ALA A 58 2.26 -6.88 -7.33
C ALA A 58 1.98 -8.18 -8.13
N SER A 59 2.82 -8.47 -9.14
CA SER A 59 2.64 -9.53 -10.13
C SER A 59 2.69 -10.93 -9.48
N GLU A 60 3.40 -11.05 -8.35
CA GLU A 60 3.41 -12.22 -7.45
C GLU A 60 2.02 -12.36 -6.78
N ALA A 61 1.47 -11.22 -6.30
CA ALA A 61 0.14 -11.10 -5.69
C ALA A 61 -0.96 -11.35 -6.74
N LEU A 62 -0.70 -10.99 -8.01
CA LEU A 62 -1.49 -11.32 -9.20
C LEU A 62 -1.34 -12.82 -9.55
N ALA A 63 -0.11 -13.35 -9.40
CA ALA A 63 0.23 -14.77 -9.48
C ALA A 63 -0.48 -15.57 -8.37
N ALA A 64 -0.91 -14.88 -7.29
CA ALA A 64 -1.65 -15.44 -6.15
C ALA A 64 -3.17 -15.41 -6.40
N GLY A 65 -3.62 -14.76 -7.49
CA GLY A 65 -5.04 -14.67 -7.88
C GLY A 65 -5.62 -13.25 -7.76
N PHE A 66 -4.95 -12.39 -6.96
CA PHE A 66 -5.48 -11.15 -6.37
C PHE A 66 -5.43 -9.98 -7.39
N ARG A 67 -6.28 -8.96 -7.18
CA ARG A 67 -6.41 -7.76 -8.00
C ARG A 67 -5.97 -6.49 -7.22
N PRO A 68 -5.72 -5.34 -7.89
CA PRO A 68 -5.05 -4.16 -7.32
C PRO A 68 -5.94 -3.24 -6.46
N CYS A 69 -5.57 -3.02 -5.19
CA CYS A 69 -6.24 -2.15 -4.21
C CYS A 69 -6.50 -0.75 -4.82
N LYS A 70 -7.54 -0.05 -4.35
CA LYS A 70 -8.07 1.20 -4.92
C LYS A 70 -7.35 2.43 -4.33
N ARG A 71 -6.18 2.18 -3.73
CA ARG A 71 -5.47 3.03 -2.76
C ARG A 71 -3.95 3.05 -3.08
N CYS A 72 -3.33 1.84 -2.95
CA CYS A 72 -1.89 1.61 -2.97
C CYS A 72 -1.40 1.29 -4.40
N GLN A 73 -1.91 0.20 -5.01
CA GLN A 73 -1.73 -0.11 -6.44
C GLN A 73 -2.03 1.16 -7.29
N PRO A 74 -1.14 1.57 -8.23
CA PRO A 74 -1.09 2.91 -8.84
C PRO A 74 -2.44 3.62 -9.05
N ASP A 75 -2.96 4.27 -7.99
CA ASP A 75 -3.98 5.33 -8.04
C ASP A 75 -5.28 4.81 -8.70
N LYS A 76 -5.86 3.72 -8.15
CA LYS A 76 -7.14 3.15 -8.58
C LYS A 76 -8.32 3.93 -7.97
N ALA A 77 -8.04 5.02 -7.23
CA ALA A 77 -8.98 5.72 -6.34
C ALA A 77 -9.95 6.62 -7.13
N ASN A 78 -10.99 7.14 -6.47
CA ASN A 78 -11.92 8.17 -6.97
C ASN A 78 -11.58 9.56 -6.38
N PRO A 79 -10.56 10.29 -6.91
CA PRO A 79 -9.95 11.46 -6.25
C PRO A 79 -11.00 12.54 -5.89
N ARG A 80 -11.47 12.54 -4.62
CA ARG A 80 -12.27 13.58 -3.96
C ARG A 80 -12.15 14.95 -4.66
N GLN A 81 -10.98 15.61 -4.49
CA GLN A 81 -10.62 16.91 -5.08
C GLN A 81 -11.69 17.98 -4.75
N HIS A 82 -11.51 19.20 -5.29
CA HIS A 82 -12.44 20.33 -5.16
C HIS A 82 -13.37 20.46 -6.39
N ARG A 83 -12.92 19.93 -7.55
CA ARG A 83 -13.63 19.97 -8.83
C ARG A 83 -13.76 21.43 -9.35
N LEU A 84 -12.75 21.92 -10.07
CA LEU A 84 -12.62 23.29 -10.60
C LEU A 84 -11.31 23.49 -11.40
N ASP A 85 -11.42 23.99 -12.64
CA ASP A 85 -10.35 24.02 -13.65
C ASP A 85 -10.01 25.46 -14.07
N LYS A 86 -10.77 26.02 -15.03
CA LYS A 86 -10.65 27.39 -15.53
C LYS A 86 -10.39 28.38 -14.38
N ILE A 87 -9.22 29.03 -14.37
CA ILE A 87 -8.89 30.21 -13.55
C ILE A 87 -9.11 29.86 -12.06
N THR A 88 -8.07 29.35 -11.39
CA THR A 88 -8.02 29.13 -9.94
C THR A 88 -8.13 30.47 -9.19
N HIS A 89 -8.26 30.43 -7.85
CA HIS A 89 -8.58 31.56 -6.98
C HIS A 89 -7.42 31.87 -6.01
N ALA A 90 -6.16 31.77 -6.49
CA ALA A 90 -4.94 32.10 -5.75
C ALA A 90 -4.52 33.57 -5.99
N CYS A 91 -4.43 34.37 -4.91
CA CYS A 91 -3.99 35.77 -4.92
C CYS A 91 -2.85 35.98 -3.89
N ARG A 92 -3.18 35.94 -2.58
CA ARG A 92 -2.26 36.13 -1.46
C ARG A 92 -2.50 35.06 -0.39
ZN ZN B . -4.21 -0.78 -0.15
N MET A 1 22.55 -17.85 3.36
CA MET A 1 21.45 -17.58 2.45
C MET A 1 21.05 -16.09 2.49
N LYS A 2 21.95 -15.21 2.00
CA LYS A 2 21.85 -13.74 2.11
C LYS A 2 21.63 -13.32 3.58
N LYS A 3 22.72 -12.96 4.28
CA LYS A 3 22.79 -12.80 5.74
C LYS A 3 21.98 -13.92 6.44
N ALA A 4 20.83 -13.58 7.04
CA ALA A 4 20.10 -14.40 8.01
C ALA A 4 19.16 -13.55 8.88
N THR A 5 18.87 -14.01 10.12
CA THR A 5 18.27 -13.23 11.21
C THR A 5 16.74 -13.31 11.15
N CYS A 6 16.20 -14.47 10.72
CA CYS A 6 14.80 -14.87 10.89
C CYS A 6 13.86 -13.94 10.09
N LEU A 7 13.80 -14.12 8.75
CA LEU A 7 13.05 -13.30 7.80
C LEU A 7 11.62 -13.84 7.61
N THR A 8 11.15 -14.65 8.59
CA THR A 8 9.86 -15.36 8.58
C THR A 8 8.69 -14.36 8.48
N ASP A 9 7.45 -14.88 8.28
CA ASP A 9 6.22 -14.10 8.17
C ASP A 9 5.96 -13.29 9.47
N ASP A 10 6.46 -13.78 10.61
CA ASP A 10 6.67 -13.02 11.85
C ASP A 10 7.29 -11.64 11.55
N GLN A 11 8.61 -11.62 11.25
CA GLN A 11 9.41 -10.39 11.14
C GLN A 11 9.13 -9.65 9.82
N ARG A 12 8.58 -10.36 8.81
CA ARG A 12 7.87 -9.77 7.67
C ARG A 12 6.94 -8.63 8.16
N TRP A 13 6.00 -9.02 9.06
CA TRP A 13 5.06 -8.10 9.70
C TRP A 13 5.77 -7.20 10.74
N GLN A 14 6.98 -7.56 11.19
CA GLN A 14 7.84 -6.68 12.01
C GLN A 14 8.31 -5.47 11.18
N SER A 15 8.95 -5.72 10.02
CA SER A 15 9.30 -4.71 9.00
C SER A 15 8.09 -3.81 8.63
N VAL A 16 6.89 -4.43 8.56
CA VAL A 16 5.63 -3.85 8.06
C VAL A 16 4.86 -3.18 9.22
N LEU A 17 5.05 -3.64 10.48
CA LEU A 17 4.58 -2.99 11.70
C LEU A 17 5.45 -1.76 12.04
N ALA A 18 6.78 -1.89 11.81
CA ALA A 18 7.77 -0.81 11.82
C ALA A 18 7.48 0.21 10.69
N ARG A 19 6.60 -0.17 9.73
CA ARG A 19 6.17 0.64 8.59
C ARG A 19 7.40 1.19 7.82
N ASP A 20 8.56 0.50 7.96
CA ASP A 20 9.83 0.80 7.29
C ASP A 20 9.61 1.11 5.79
N PRO A 21 9.47 2.40 5.39
CA PRO A 21 9.03 2.81 4.04
C PRO A 21 10.03 2.37 2.94
N ASN A 22 11.32 2.27 3.31
CA ASN A 22 12.48 2.03 2.43
C ASN A 22 12.57 0.56 2.00
N ALA A 23 11.65 -0.30 2.48
CA ALA A 23 11.49 -1.70 2.05
C ALA A 23 10.40 -1.83 0.96
N ASP A 24 9.96 -0.69 0.38
CA ASP A 24 8.99 -0.63 -0.73
C ASP A 24 9.44 -1.48 -1.95
N GLY A 25 10.75 -1.76 -2.03
CA GLY A 25 11.43 -2.41 -3.16
C GLY A 25 11.78 -3.88 -2.85
N GLU A 26 11.85 -4.24 -1.55
CA GLU A 26 12.16 -5.58 -1.04
C GLU A 26 10.97 -6.54 -1.26
N PHE A 27 9.72 -6.06 -1.06
CA PHE A 27 8.49 -6.87 -1.11
C PHE A 27 7.22 -6.00 -1.26
N VAL A 28 6.05 -6.68 -1.31
CA VAL A 28 4.71 -6.16 -1.07
C VAL A 28 4.03 -6.99 0.05
N PHE A 29 2.84 -6.56 0.54
CA PHE A 29 1.96 -7.36 1.41
C PHE A 29 0.48 -7.27 0.92
N ALA A 30 -0.25 -8.39 1.03
CA ALA A 30 -1.54 -8.66 0.37
C ALA A 30 -2.61 -9.10 1.39
N VAL A 31 -3.58 -8.21 1.69
CA VAL A 31 -4.74 -8.48 2.57
C VAL A 31 -5.86 -9.18 1.76
N ARG A 32 -5.88 -10.53 1.79
CA ARG A 32 -6.70 -11.38 0.92
C ARG A 32 -8.20 -11.30 1.31
N THR A 33 -8.54 -10.54 2.37
CA THR A 33 -9.90 -10.44 2.94
C THR A 33 -10.58 -9.13 2.48
N THR A 34 -9.80 -8.17 1.95
CA THR A 34 -10.26 -7.00 1.18
C THR A 34 -10.09 -7.24 -0.34
N GLY A 35 -9.13 -8.10 -0.71
CA GLY A 35 -8.54 -8.19 -2.06
C GLY A 35 -7.79 -6.89 -2.43
N ILE A 36 -6.89 -6.43 -1.54
CA ILE A 36 -5.96 -5.31 -1.74
C ILE A 36 -4.51 -5.80 -1.56
N PHE A 37 -3.53 -5.10 -2.16
CA PHE A 37 -2.09 -5.19 -1.85
C PHE A 37 -1.47 -3.79 -1.65
N CYS A 38 -0.31 -3.74 -0.96
CA CYS A 38 0.32 -2.56 -0.36
C CYS A 38 1.87 -2.64 -0.47
N ARG A 39 2.56 -1.58 -0.02
CA ARG A 39 3.98 -1.54 0.33
C ARG A 39 4.16 -1.76 1.86
N PRO A 40 5.31 -2.24 2.38
CA PRO A 40 5.51 -2.52 3.81
C PRO A 40 5.01 -1.42 4.76
N SER A 41 4.99 -0.16 4.27
CA SER A 41 4.93 1.08 5.05
C SER A 41 3.47 1.54 5.32
N CYS A 42 2.46 0.73 4.95
CA CYS A 42 1.07 1.17 4.76
C CYS A 42 0.59 2.07 5.92
N ARG A 43 0.58 3.40 5.70
CA ARG A 43 0.38 4.44 6.71
C ARG A 43 -1.07 4.42 7.24
N ALA A 44 -2.04 4.06 6.37
CA ALA A 44 -3.45 3.80 6.71
C ALA A 44 -3.58 2.62 7.69
N ARG A 45 -4.67 2.59 8.48
CA ARG A 45 -4.92 1.62 9.54
C ARG A 45 -4.67 0.18 9.07
N HIS A 46 -3.92 -0.61 9.86
CA HIS A 46 -3.38 -1.93 9.48
C HIS A 46 -4.47 -3.00 9.36
N ALA A 47 -4.33 -3.92 8.39
CA ALA A 47 -5.04 -5.20 8.32
C ALA A 47 -4.13 -6.37 8.79
N LEU A 48 -4.62 -7.19 9.73
CA LEU A 48 -3.83 -8.13 10.55
C LEU A 48 -2.83 -8.91 9.69
N ARG A 49 -1.65 -9.24 10.26
CA ARG A 49 -0.66 -10.18 9.72
C ARG A 49 -1.34 -11.47 9.20
N GLU A 50 -2.36 -11.96 9.93
CA GLU A 50 -2.97 -13.28 9.76
C GLU A 50 -3.85 -13.35 8.50
N ASN A 51 -4.22 -12.16 7.95
CA ASN A 51 -4.92 -11.98 6.68
C ASN A 51 -3.94 -11.56 5.55
N VAL A 52 -2.77 -11.01 5.95
CA VAL A 52 -1.74 -10.43 5.07
C VAL A 52 -0.69 -11.50 4.70
N SER A 53 -0.22 -11.50 3.43
CA SER A 53 0.91 -12.30 2.95
C SER A 53 1.80 -11.49 1.97
N PHE A 54 3.07 -11.93 1.84
CA PHE A 54 4.19 -11.13 1.31
C PHE A 54 4.72 -11.70 -0.04
N TYR A 55 4.87 -10.81 -1.04
CA TYR A 55 5.40 -11.03 -2.39
C TYR A 55 6.76 -10.32 -2.58
N ALA A 56 7.32 -10.45 -3.81
CA ALA A 56 8.42 -9.65 -4.34
C ALA A 56 7.95 -8.23 -4.76
N ASN A 57 6.82 -8.16 -5.48
CA ASN A 57 6.23 -6.92 -6.02
C ASN A 57 4.72 -7.08 -6.28
N ALA A 58 4.05 -6.01 -6.74
CA ALA A 58 2.59 -5.94 -6.94
C ALA A 58 2.16 -6.71 -8.20
N SER A 59 3.10 -7.08 -9.08
CA SER A 59 2.90 -7.95 -10.25
C SER A 59 2.66 -9.42 -9.85
N GLU A 60 3.38 -9.89 -8.81
CA GLU A 60 3.16 -11.18 -8.14
C GLU A 60 1.77 -11.18 -7.45
N ALA A 61 1.44 -10.03 -6.80
CA ALA A 61 0.17 -9.81 -6.11
C ALA A 61 -0.97 -9.51 -7.13
N LEU A 62 -0.62 -9.01 -8.32
CA LEU A 62 -1.47 -9.00 -9.52
C LEU A 62 -1.68 -10.45 -10.04
N ALA A 63 -0.61 -11.27 -9.98
CA ALA A 63 -0.64 -12.73 -10.18
C ALA A 63 -1.55 -13.42 -9.15
N ALA A 64 -1.77 -12.79 -7.98
CA ALA A 64 -2.75 -13.18 -6.96
C ALA A 64 -4.17 -12.69 -7.30
N GLY A 65 -4.27 -11.72 -8.23
CA GLY A 65 -5.53 -11.09 -8.68
C GLY A 65 -6.09 -10.11 -7.63
N PHE A 66 -5.25 -9.19 -7.14
CA PHE A 66 -5.59 -8.14 -6.17
C PHE A 66 -5.65 -6.75 -6.85
N ARG A 67 -6.25 -5.75 -6.17
CA ARG A 67 -6.34 -4.34 -6.61
C ARG A 67 -5.51 -3.42 -5.69
N PRO A 68 -5.07 -2.23 -6.16
CA PRO A 68 -4.09 -1.36 -5.48
C PRO A 68 -4.68 -0.41 -4.40
N CYS A 69 -4.16 -0.52 -3.17
CA CYS A 69 -4.54 0.26 -1.98
C CYS A 69 -4.60 1.76 -2.33
N LYS A 70 -5.52 2.53 -1.71
CA LYS A 70 -5.80 3.94 -2.01
C LYS A 70 -4.61 4.85 -1.62
N ARG A 71 -3.60 4.28 -0.97
CA ARG A 71 -2.54 4.93 -0.17
C ARG A 71 -1.14 4.53 -0.76
N CYS A 72 -0.96 3.18 -0.82
CA CYS A 72 0.32 2.49 -1.04
C CYS A 72 0.70 2.45 -2.54
N GLN A 73 -0.09 1.75 -3.37
CA GLN A 73 0.30 1.23 -4.69
C GLN A 73 0.27 2.34 -5.76
N PRO A 74 -0.88 3.01 -6.03
CA PRO A 74 -1.02 4.11 -7.00
C PRO A 74 -0.69 5.49 -6.41
N ASP A 75 -0.77 5.62 -5.07
CA ASP A 75 -0.84 6.89 -4.33
C ASP A 75 -2.18 7.61 -4.62
N LYS A 76 -3.31 6.95 -4.32
CA LYS A 76 -4.65 7.29 -4.84
C LYS A 76 -5.28 8.43 -4.00
N ALA A 77 -6.14 9.24 -4.63
CA ALA A 77 -6.78 10.43 -4.05
C ALA A 77 -8.12 10.06 -3.36
N ASN A 78 -8.59 10.90 -2.42
CA ASN A 78 -9.79 10.71 -1.62
C ASN A 78 -11.04 10.55 -2.52
N PRO A 79 -12.22 10.13 -2.00
CA PRO A 79 -13.48 10.03 -2.75
C PRO A 79 -13.77 11.29 -3.60
N ARG A 80 -13.64 11.17 -4.94
CA ARG A 80 -13.62 12.24 -5.94
C ARG A 80 -13.20 13.59 -5.31
N GLN A 81 -14.15 14.54 -5.19
CA GLN A 81 -13.98 15.90 -4.67
C GLN A 81 -12.57 16.45 -4.97
N HIS A 82 -12.29 16.81 -6.24
CA HIS A 82 -10.97 17.26 -6.72
C HIS A 82 -10.50 18.54 -5.99
N ARG A 83 -11.46 19.36 -5.51
CA ARG A 83 -11.24 20.75 -5.08
C ARG A 83 -10.55 21.58 -6.18
N LEU A 84 -11.33 22.36 -6.94
CA LEU A 84 -10.92 23.09 -8.16
C LEU A 84 -12.09 23.87 -8.79
N ASP A 85 -11.98 25.21 -8.83
CA ASP A 85 -12.94 26.15 -9.44
C ASP A 85 -13.04 25.91 -10.96
N LYS A 86 -13.48 26.95 -11.71
CA LYS A 86 -13.83 26.90 -13.13
C LYS A 86 -14.68 28.13 -13.54
N ILE A 87 -13.99 29.23 -13.94
CA ILE A 87 -14.58 30.54 -14.19
C ILE A 87 -14.75 30.73 -15.72
N THR A 88 -15.77 31.51 -16.14
CA THR A 88 -16.05 31.88 -17.53
C THR A 88 -15.11 33.01 -17.98
N HIS A 89 -15.40 33.64 -19.14
CA HIS A 89 -14.53 34.59 -19.84
C HIS A 89 -14.94 36.04 -19.56
N ALA A 90 -16.25 36.27 -19.31
CA ALA A 90 -16.87 37.61 -19.16
C ALA A 90 -17.77 37.65 -17.89
N CYS A 91 -17.79 38.79 -17.20
CA CYS A 91 -18.55 39.03 -15.97
C CYS A 91 -19.74 39.98 -16.26
N ARG A 92 -20.77 39.96 -15.39
CA ARG A 92 -21.93 40.86 -15.41
C ARG A 92 -21.48 42.31 -15.61
ZN ZN B . -1.85 0.28 1.96
N MET A 1 18.53 -17.13 -0.78
CA MET A 1 19.39 -17.23 0.40
C MET A 1 18.83 -16.37 1.56
N LYS A 2 19.05 -16.81 2.81
CA LYS A 2 18.48 -16.23 4.03
C LYS A 2 19.57 -16.08 5.12
N LYS A 3 19.15 -15.87 6.39
CA LYS A 3 20.02 -15.73 7.56
C LYS A 3 20.82 -14.42 7.50
N ALA A 4 20.57 -13.50 8.45
CA ALA A 4 21.07 -12.12 8.47
C ALA A 4 20.44 -11.28 7.33
N THR A 5 19.60 -10.29 7.69
CA THR A 5 18.70 -9.57 6.79
C THR A 5 17.65 -10.52 6.21
N CYS A 6 16.46 -10.58 6.83
CA CYS A 6 15.39 -11.56 6.56
C CYS A 6 14.08 -10.84 6.16
N LEU A 7 13.44 -11.30 5.05
CA LEU A 7 12.14 -10.86 4.56
C LEU A 7 10.99 -11.68 5.18
N THR A 8 11.26 -12.28 6.35
CA THR A 8 10.31 -13.02 7.19
C THR A 8 9.05 -12.16 7.47
N ASP A 9 7.88 -12.82 7.60
CA ASP A 9 6.56 -12.18 7.66
C ASP A 9 6.47 -11.17 8.82
N ASP A 10 7.32 -11.34 9.86
CA ASP A 10 7.54 -10.38 10.95
C ASP A 10 7.71 -8.95 10.41
N GLN A 11 8.84 -8.67 9.72
CA GLN A 11 9.30 -7.34 9.28
C GLN A 11 8.59 -6.90 8.00
N ARG A 12 8.05 -7.87 7.23
CA ARG A 12 6.96 -7.67 6.26
C ARG A 12 5.90 -6.72 6.87
N TRP A 13 5.29 -7.21 8.00
CA TRP A 13 4.35 -6.44 8.81
C TRP A 13 5.01 -5.47 9.81
N GLN A 14 6.26 -5.69 10.25
CA GLN A 14 6.95 -4.83 11.23
C GLN A 14 7.40 -3.53 10.55
N SER A 15 8.02 -3.65 9.35
CA SER A 15 8.15 -2.56 8.36
C SER A 15 6.79 -1.83 8.17
N VAL A 16 5.77 -2.59 7.70
CA VAL A 16 4.43 -2.09 7.38
C VAL A 16 3.75 -1.50 8.63
N LEU A 17 4.05 -2.03 9.83
CA LEU A 17 3.46 -1.59 11.12
C LEU A 17 4.08 -0.23 11.54
N ALA A 18 5.39 -0.07 11.27
CA ALA A 18 6.17 1.15 11.47
C ALA A 18 5.58 2.32 10.65
N ARG A 19 4.81 1.96 9.59
CA ARG A 19 4.22 2.90 8.62
C ARG A 19 5.29 3.44 7.65
N ASP A 20 6.33 2.62 7.39
CA ASP A 20 7.62 3.03 6.81
C ASP A 20 7.41 3.65 5.40
N PRO A 21 7.33 5.00 5.27
CA PRO A 21 6.79 5.68 4.07
C PRO A 21 7.65 5.43 2.81
N ASN A 22 8.96 5.18 3.01
CA ASN A 22 10.01 5.10 1.99
C ASN A 22 10.30 3.64 1.57
N ALA A 23 9.39 2.70 1.93
CA ALA A 23 9.36 1.32 1.43
C ALA A 23 8.29 1.14 0.34
N ASP A 24 7.85 2.24 -0.29
CA ASP A 24 7.14 2.27 -1.57
C ASP A 24 8.09 1.97 -2.75
N GLY A 25 7.86 0.85 -3.45
CA GLY A 25 8.78 0.23 -4.42
C GLY A 25 9.50 -1.00 -3.83
N GLU A 26 9.59 -1.08 -2.49
CA GLU A 26 10.21 -2.19 -1.74
C GLU A 26 9.30 -3.43 -1.77
N PHE A 27 7.99 -3.24 -1.53
CA PHE A 27 6.94 -4.26 -1.65
C PHE A 27 5.53 -3.63 -1.72
N VAL A 28 4.48 -4.48 -1.78
CA VAL A 28 3.08 -4.15 -1.49
C VAL A 28 2.53 -5.11 -0.40
N PHE A 29 1.32 -4.84 0.12
CA PHE A 29 0.55 -5.74 0.99
C PHE A 29 -0.94 -5.76 0.61
N ALA A 30 -1.61 -6.92 0.81
CA ALA A 30 -2.90 -7.28 0.20
C ALA A 30 -3.90 -7.80 1.26
N VAL A 31 -4.94 -7.01 1.58
CA VAL A 31 -5.97 -7.31 2.59
C VAL A 31 -7.18 -7.99 1.91
N ARG A 32 -7.23 -9.33 1.93
CA ARG A 32 -8.18 -10.18 1.21
C ARG A 32 -9.62 -9.66 1.36
N THR A 33 -9.93 -9.02 2.51
CA THR A 33 -11.29 -8.73 2.99
C THR A 33 -11.93 -7.58 2.19
N THR A 34 -11.12 -6.60 1.75
CA THR A 34 -11.48 -5.57 0.76
C THR A 34 -10.92 -5.92 -0.63
N GLY A 35 -10.12 -7.00 -0.73
CA GLY A 35 -9.39 -7.44 -1.95
C GLY A 35 -8.73 -6.20 -2.62
N ILE A 36 -8.31 -5.24 -1.76
CA ILE A 36 -7.45 -4.10 -2.09
C ILE A 36 -5.98 -4.46 -1.79
N PHE A 37 -5.03 -3.75 -2.43
CA PHE A 37 -3.60 -3.76 -2.13
C PHE A 37 -3.05 -2.33 -1.92
N CYS A 38 -1.90 -2.20 -1.24
CA CYS A 38 -1.35 -0.99 -0.63
C CYS A 38 0.19 -0.97 -0.75
N ARG A 39 0.82 0.13 -0.28
CA ARG A 39 2.23 0.24 0.09
C ARG A 39 2.37 0.13 1.63
N PRO A 40 3.55 -0.22 2.19
CA PRO A 40 3.75 -0.40 3.64
C PRO A 40 3.14 0.70 4.54
N SER A 41 2.99 1.91 3.97
CA SER A 41 2.81 3.18 4.69
C SER A 41 1.32 3.51 4.95
N CYS A 42 0.40 2.53 4.90
CA CYS A 42 -1.05 2.77 4.75
C CYS A 42 -1.61 3.53 5.98
N ARG A 43 -1.62 4.87 5.92
CA ARG A 43 -1.84 5.78 7.05
C ARG A 43 -3.03 5.32 7.93
N ALA A 44 -4.15 4.96 7.29
CA ALA A 44 -5.35 4.40 7.94
C ALA A 44 -4.98 3.22 8.88
N ARG A 45 -5.61 3.16 10.07
CA ARG A 45 -5.61 1.99 10.96
C ARG A 45 -5.76 0.69 10.15
N HIS A 46 -4.64 -0.05 9.94
CA HIS A 46 -4.51 -1.10 8.92
C HIS A 46 -5.48 -2.27 9.21
N ALA A 47 -5.79 -3.08 8.18
CA ALA A 47 -6.34 -4.43 8.29
C ALA A 47 -5.23 -5.43 8.70
N LEU A 48 -5.46 -6.20 9.79
CA LEU A 48 -4.45 -6.91 10.57
C LEU A 48 -3.49 -7.72 9.67
N ARG A 49 -2.28 -8.00 10.17
CA ARG A 49 -1.34 -9.02 9.68
C ARG A 49 -2.08 -10.26 9.12
N GLU A 50 -3.19 -10.66 9.78
CA GLU A 50 -3.82 -11.96 9.71
C GLU A 50 -4.61 -12.15 8.40
N ASN A 51 -5.01 -11.02 7.77
CA ASN A 51 -5.71 -10.93 6.49
C ASN A 51 -4.78 -10.42 5.37
N VAL A 52 -3.56 -9.98 5.71
CA VAL A 52 -2.63 -9.23 4.85
C VAL A 52 -1.47 -10.13 4.39
N SER A 53 -1.11 -10.08 3.10
CA SER A 53 0.06 -10.75 2.50
C SER A 53 0.77 -9.84 1.46
N PHE A 54 2.06 -10.13 1.21
CA PHE A 54 3.04 -9.22 0.60
C PHE A 54 3.51 -9.70 -0.79
N TYR A 55 3.64 -8.76 -1.74
CA TYR A 55 4.21 -8.86 -3.09
C TYR A 55 5.51 -8.02 -3.21
N ALA A 56 6.11 -8.05 -4.42
CA ALA A 56 7.10 -7.09 -4.91
C ALA A 56 6.45 -5.76 -5.35
N ASN A 57 5.37 -5.83 -6.17
CA ASN A 57 4.69 -4.67 -6.77
C ASN A 57 3.17 -4.94 -6.93
N ALA A 58 2.44 -3.93 -7.45
CA ALA A 58 0.97 -3.83 -7.48
C ALA A 58 0.38 -4.63 -8.66
N SER A 59 1.21 -4.97 -9.67
CA SER A 59 0.89 -5.87 -10.79
C SER A 59 0.78 -7.34 -10.34
N GLU A 60 1.58 -7.74 -9.33
CA GLU A 60 1.44 -8.98 -8.56
C GLU A 60 0.10 -8.99 -7.80
N ALA A 61 -0.22 -7.83 -7.15
CA ALA A 61 -1.46 -7.59 -6.41
C ALA A 61 -2.68 -7.54 -7.36
N LEU A 62 -2.46 -7.03 -8.60
CA LEU A 62 -3.37 -7.13 -9.75
C LEU A 62 -3.45 -8.58 -10.26
N ALA A 63 -2.30 -9.29 -10.22
CA ALA A 63 -2.18 -10.74 -10.38
C ALA A 63 -3.00 -11.49 -9.31
N ALA A 64 -3.30 -10.81 -8.18
CA ALA A 64 -4.15 -11.31 -7.09
C ALA A 64 -5.65 -11.08 -7.39
N GLY A 65 -5.96 -10.18 -8.36
CA GLY A 65 -7.34 -9.78 -8.69
C GLY A 65 -7.71 -8.37 -8.17
N PHE A 66 -6.87 -7.83 -7.26
CA PHE A 66 -7.19 -6.74 -6.33
C PHE A 66 -7.10 -5.37 -7.04
N ARG A 67 -7.80 -4.35 -6.46
CA ARG A 67 -7.85 -2.96 -6.93
C ARG A 67 -6.95 -2.04 -6.06
N PRO A 68 -6.52 -0.86 -6.56
CA PRO A 68 -5.60 0.07 -5.89
C PRO A 68 -6.25 0.97 -4.80
N CYS A 69 -5.82 0.79 -3.53
CA CYS A 69 -6.19 1.60 -2.36
C CYS A 69 -6.21 3.10 -2.70
N LYS A 70 -7.09 3.88 -2.04
CA LYS A 70 -7.38 5.29 -2.33
C LYS A 70 -6.39 6.21 -1.58
N ARG A 71 -5.29 5.63 -1.08
CA ARG A 71 -4.37 6.22 -0.09
C ARG A 71 -2.90 6.01 -0.50
N CYS A 72 -2.53 4.76 -0.84
CA CYS A 72 -1.17 4.31 -1.15
C CYS A 72 -0.94 4.21 -2.67
N GLN A 73 -1.85 3.51 -3.38
CA GLN A 73 -1.67 3.03 -4.76
C GLN A 73 -1.97 4.17 -5.76
N PRO A 74 -1.72 4.00 -7.09
CA PRO A 74 -2.08 4.97 -8.13
C PRO A 74 -3.58 5.34 -8.13
N ASP A 75 -3.98 6.27 -7.25
CA ASP A 75 -5.37 6.62 -6.92
C ASP A 75 -5.46 8.00 -6.23
N LYS A 76 -4.98 8.10 -4.97
CA LYS A 76 -4.66 9.37 -4.30
C LYS A 76 -3.13 9.62 -4.34
N ALA A 77 -2.64 10.22 -5.43
CA ALA A 77 -1.30 10.80 -5.56
C ALA A 77 -0.98 11.77 -4.41
N ASN A 78 0.26 12.30 -4.38
CA ASN A 78 0.71 13.38 -3.49
C ASN A 78 0.47 14.78 -4.14
N PRO A 79 -0.77 15.32 -4.11
CA PRO A 79 -1.18 16.51 -4.88
C PRO A 79 -0.72 17.84 -4.24
N ARG A 80 0.10 17.76 -3.16
CA ARG A 80 0.36 18.80 -2.15
C ARG A 80 0.10 20.23 -2.67
N GLN A 81 0.95 20.71 -3.59
CA GLN A 81 0.77 21.92 -4.42
C GLN A 81 -0.72 22.25 -4.62
N HIS A 82 -1.36 21.66 -5.65
CA HIS A 82 -2.81 21.51 -5.81
C HIS A 82 -3.14 20.21 -6.59
N ARG A 83 -2.59 20.08 -7.82
CA ARG A 83 -2.87 19.01 -8.78
C ARG A 83 -4.34 18.54 -8.67
N LEU A 84 -5.27 19.22 -9.38
CA LEU A 84 -6.73 19.13 -9.23
C LEU A 84 -7.47 20.07 -10.22
N ASP A 85 -7.82 19.53 -11.40
CA ASP A 85 -8.67 20.14 -12.43
C ASP A 85 -9.86 19.23 -12.80
N LYS A 86 -9.55 18.08 -13.46
CA LYS A 86 -10.45 16.95 -13.68
C LYS A 86 -11.47 16.82 -12.53
N ILE A 87 -12.77 16.80 -12.87
CA ILE A 87 -13.88 16.40 -12.00
C ILE A 87 -14.80 15.42 -12.77
N THR A 88 -15.54 14.56 -12.05
CA THR A 88 -16.33 13.45 -12.59
C THR A 88 -17.18 13.94 -13.79
N HIS A 89 -17.93 15.04 -13.61
CA HIS A 89 -18.67 15.76 -14.66
C HIS A 89 -17.87 16.96 -15.19
N ALA A 90 -17.73 18.03 -14.37
CA ALA A 90 -17.08 19.29 -14.71
C ALA A 90 -17.41 20.38 -13.67
N CYS A 91 -18.69 20.45 -13.24
CA CYS A 91 -19.23 21.47 -12.34
C CYS A 91 -19.85 20.81 -11.09
N ARG A 92 -20.48 21.62 -10.21
CA ARG A 92 -21.10 21.20 -8.95
C ARG A 92 -22.11 22.26 -8.47
ZN ZN B . -3.51 1.83 1.53
N MET A 1 28.38 -1.26 6.98
CA MET A 1 28.68 -0.80 5.63
C MET A 1 27.89 0.49 5.31
N LYS A 2 28.56 1.65 5.36
CA LYS A 2 28.00 2.98 5.03
C LYS A 2 27.78 3.11 3.52
N LYS A 3 28.57 2.39 2.70
CA LYS A 3 28.40 2.22 1.26
C LYS A 3 27.95 0.78 0.92
N ALA A 4 27.79 0.48 -0.38
CA ALA A 4 27.23 -0.78 -0.89
C ALA A 4 25.71 -0.87 -0.63
N THR A 5 24.90 -0.52 -1.65
CA THR A 5 23.43 -0.44 -1.56
C THR A 5 23.01 0.63 -0.55
N CYS A 6 22.39 1.73 -1.04
CA CYS A 6 21.82 2.82 -0.23
C CYS A 6 20.29 2.64 -0.09
N LEU A 7 19.85 1.68 0.76
CA LEU A 7 18.46 1.24 0.94
C LEU A 7 17.75 2.06 2.03
N THR A 8 18.31 3.25 2.33
CA THR A 8 17.87 4.17 3.39
C THR A 8 16.35 4.40 3.33
N ASP A 9 15.73 4.72 4.49
CA ASP A 9 14.31 5.09 4.62
C ASP A 9 14.00 6.37 3.82
N ASP A 10 15.03 7.20 3.55
CA ASP A 10 15.02 8.24 2.51
C ASP A 10 14.32 7.74 1.23
N GLN A 11 14.97 6.80 0.50
CA GLN A 11 14.58 6.41 -0.86
C GLN A 11 13.40 5.43 -0.85
N ARG A 12 13.16 4.74 0.30
CA ARG A 12 11.87 4.11 0.64
C ARG A 12 10.71 5.06 0.28
N TRP A 13 10.77 6.28 0.89
CA TRP A 13 9.81 7.36 0.63
C TRP A 13 10.02 8.03 -0.74
N GLN A 14 11.21 7.89 -1.37
CA GLN A 14 11.47 8.39 -2.74
C GLN A 14 10.69 7.56 -3.77
N SER A 15 10.81 6.21 -3.71
CA SER A 15 10.05 5.25 -4.53
C SER A 15 8.54 5.26 -4.20
N VAL A 16 8.19 5.67 -2.96
CA VAL A 16 6.83 5.75 -2.41
C VAL A 16 6.22 7.14 -2.69
N LEU A 17 7.05 8.19 -2.81
CA LEU A 17 6.67 9.52 -3.30
C LEU A 17 6.49 9.51 -4.84
N ALA A 18 7.41 8.81 -5.54
CA ALA A 18 7.39 8.56 -6.99
C ALA A 18 6.19 7.68 -7.39
N ARG A 19 5.46 7.15 -6.38
CA ARG A 19 4.19 6.42 -6.53
C ARG A 19 4.34 5.27 -7.55
N ASP A 20 5.59 4.82 -7.76
CA ASP A 20 5.99 3.76 -8.71
C ASP A 20 5.18 2.47 -8.46
N PRO A 21 4.05 2.24 -9.16
CA PRO A 21 3.05 1.22 -8.82
C PRO A 21 3.60 -0.23 -8.90
N ASN A 22 4.80 -0.40 -9.47
CA ASN A 22 5.44 -1.68 -9.82
C ASN A 22 6.38 -2.15 -8.69
N ALA A 23 6.24 -1.57 -7.48
CA ALA A 23 6.98 -1.93 -6.28
C ALA A 23 6.05 -2.60 -5.23
N ASP A 24 4.97 -3.23 -5.70
CA ASP A 24 4.06 -4.08 -4.92
C ASP A 24 4.71 -5.44 -4.55
N GLY A 25 5.99 -5.63 -4.89
CA GLY A 25 6.82 -6.76 -4.46
C GLY A 25 7.98 -6.32 -3.56
N GLU A 26 8.53 -5.11 -3.79
CA GLU A 26 9.81 -4.61 -3.27
C GLU A 26 9.70 -4.33 -1.75
N PHE A 27 8.50 -3.95 -1.28
CA PHE A 27 8.21 -3.59 0.13
C PHE A 27 6.72 -3.29 0.34
N VAL A 28 6.36 -2.91 1.60
CA VAL A 28 5.13 -2.20 1.97
C VAL A 28 5.48 -1.06 2.96
N PHE A 29 4.54 -0.13 3.22
CA PHE A 29 4.70 0.97 4.20
C PHE A 29 3.45 1.11 5.08
N ALA A 30 3.66 1.46 6.37
CA ALA A 30 2.72 1.29 7.49
C ALA A 30 2.50 2.61 8.27
N VAL A 31 1.35 3.27 8.10
CA VAL A 31 0.97 4.52 8.76
C VAL A 31 0.34 4.24 10.14
N ARG A 32 1.05 4.61 11.22
CA ARG A 32 0.78 4.20 12.60
C ARG A 32 -0.54 4.82 13.13
N THR A 33 -1.09 5.83 12.43
CA THR A 33 -2.15 6.72 12.91
C THR A 33 -3.53 6.23 12.41
N THR A 34 -3.57 5.56 11.24
CA THR A 34 -4.72 4.80 10.73
C THR A 34 -4.53 3.28 10.93
N GLY A 35 -3.32 2.87 11.36
CA GLY A 35 -2.88 1.45 11.51
C GLY A 35 -3.28 0.66 10.24
N ILE A 36 -3.23 1.37 9.08
CA ILE A 36 -3.31 0.80 7.73
C ILE A 36 -1.89 0.59 7.17
N PHE A 37 -1.75 -0.29 6.16
CA PHE A 37 -0.52 -0.52 5.38
C PHE A 37 -0.82 -0.59 3.87
N CYS A 38 0.13 -0.15 3.03
CA CYS A 38 0.00 0.15 1.60
C CYS A 38 1.13 -0.48 0.77
N ARG A 39 1.05 -0.34 -0.56
CA ARG A 39 2.15 -0.45 -1.53
C ARG A 39 2.70 0.98 -1.81
N PRO A 40 4.00 1.18 -2.16
CA PRO A 40 4.61 2.50 -2.38
C PRO A 40 3.75 3.51 -3.17
N SER A 41 2.81 2.99 -4.00
CA SER A 41 2.09 3.70 -5.07
C SER A 41 0.91 4.54 -4.54
N CYS A 42 0.75 4.69 -3.20
CA CYS A 42 -0.53 5.11 -2.58
C CYS A 42 -1.00 6.45 -3.19
N ARG A 43 -1.96 6.40 -4.12
CA ARG A 43 -2.29 7.45 -5.09
C ARG A 43 -2.90 8.67 -4.38
N ALA A 44 -3.94 8.47 -3.54
CA ALA A 44 -4.50 9.48 -2.64
C ALA A 44 -3.47 9.97 -1.61
N ARG A 45 -3.35 11.29 -1.43
CA ARG A 45 -2.35 11.96 -0.59
C ARG A 45 -2.15 11.21 0.74
N HIS A 46 -0.90 10.78 1.04
CA HIS A 46 -0.58 9.77 2.06
C HIS A 46 -0.09 10.43 3.37
N ALA A 47 -0.37 9.78 4.51
CA ALA A 47 0.26 10.03 5.82
C ALA A 47 1.79 10.13 5.68
N LEU A 48 2.41 11.09 6.40
CA LEU A 48 3.78 11.58 6.19
C LEU A 48 4.80 10.42 6.32
N ARG A 49 6.01 10.61 5.73
CA ARG A 49 7.23 9.84 6.00
C ARG A 49 7.34 9.48 7.49
N GLU A 50 7.18 10.50 8.37
CA GLU A 50 7.55 10.49 9.78
C GLU A 50 6.61 9.60 10.62
N ASN A 51 5.41 9.30 10.06
CA ASN A 51 4.38 8.43 10.66
C ASN A 51 4.40 7.02 10.02
N VAL A 52 4.98 6.90 8.82
CA VAL A 52 5.04 5.68 8.00
C VAL A 52 6.39 4.96 8.21
N SER A 53 6.39 3.61 8.20
CA SER A 53 7.57 2.75 8.23
C SER A 53 7.44 1.55 7.27
N PHE A 54 8.58 0.98 6.83
CA PHE A 54 8.73 0.13 5.63
C PHE A 54 9.04 -1.34 5.99
N TYR A 55 8.35 -2.27 5.33
CA TYR A 55 8.47 -3.73 5.41
C TYR A 55 8.92 -4.36 4.06
N ALA A 56 9.00 -5.72 4.06
CA ALA A 56 9.20 -6.57 2.88
C ALA A 56 7.88 -6.78 2.11
N ASN A 57 6.77 -6.98 2.86
CA ASN A 57 5.43 -7.31 2.36
C ASN A 57 4.37 -7.18 3.47
N ALA A 58 3.09 -7.41 3.12
CA ALA A 58 1.91 -7.08 3.92
C ALA A 58 1.62 -8.13 5.01
N SER A 59 2.35 -9.26 4.99
CA SER A 59 2.45 -10.24 6.09
C SER A 59 3.21 -9.64 7.29
N GLU A 60 4.24 -8.81 7.02
CA GLU A 60 4.95 -7.95 7.99
C GLU A 60 4.01 -6.86 8.53
N ALA A 61 3.18 -6.28 7.63
CA ALA A 61 2.12 -5.31 7.91
C ALA A 61 0.94 -5.98 8.67
N LEU A 62 0.72 -7.28 8.41
CA LEU A 62 -0.17 -8.18 9.17
C LEU A 62 0.45 -8.52 10.55
N ALA A 63 1.79 -8.71 10.57
CA ALA A 63 2.62 -8.92 11.76
C ALA A 63 2.57 -7.70 12.71
N ALA A 64 2.34 -6.49 12.15
CA ALA A 64 2.12 -5.24 12.89
C ALA A 64 0.67 -5.12 13.40
N GLY A 65 -0.24 -5.97 12.87
CA GLY A 65 -1.66 -6.04 13.21
C GLY A 65 -2.47 -4.91 12.54
N PHE A 66 -2.15 -4.60 11.27
CA PHE A 66 -2.75 -3.52 10.49
C PHE A 66 -3.76 -4.08 9.46
N ARG A 67 -4.69 -3.22 8.96
CA ARG A 67 -5.66 -3.53 7.91
C ARG A 67 -5.15 -3.09 6.51
N PRO A 68 -5.48 -3.81 5.42
CA PRO A 68 -5.23 -3.40 4.02
C PRO A 68 -5.96 -2.10 3.59
N CYS A 69 -5.18 -1.05 3.25
CA CYS A 69 -5.64 0.24 2.71
C CYS A 69 -6.76 0.02 1.66
N LYS A 70 -7.67 1.01 1.52
CA LYS A 70 -8.84 0.96 0.62
C LYS A 70 -8.45 1.42 -0.79
N ARG A 71 -7.13 1.45 -1.10
CA ARG A 71 -6.52 2.08 -2.27
C ARG A 71 -5.43 1.17 -2.88
N CYS A 72 -4.53 0.64 -2.03
CA CYS A 72 -3.41 -0.24 -2.41
C CYS A 72 -3.74 -1.71 -2.11
N GLN A 73 -3.71 -2.10 -0.82
CA GLN A 73 -3.61 -3.50 -0.35
C GLN A 73 -4.98 -4.20 -0.43
N PRO A 74 -5.05 -5.47 -0.92
CA PRO A 74 -6.26 -6.17 -1.35
C PRO A 74 -7.55 -5.78 -0.59
N ASP A 75 -8.23 -4.72 -1.05
CA ASP A 75 -9.42 -4.12 -0.43
C ASP A 75 -10.30 -3.41 -1.48
N LYS A 76 -9.81 -2.29 -2.05
CA LYS A 76 -10.34 -1.67 -3.28
C LYS A 76 -9.30 -1.79 -4.43
N ALA A 77 -8.40 -2.79 -4.35
CA ALA A 77 -7.56 -3.25 -5.46
C ALA A 77 -8.24 -4.38 -6.24
N ASN A 78 -8.40 -4.20 -7.57
CA ASN A 78 -8.88 -5.21 -8.53
C ASN A 78 -10.33 -5.63 -8.19
N PRO A 79 -11.36 -4.79 -8.45
CA PRO A 79 -12.77 -5.07 -8.12
C PRO A 79 -13.25 -6.42 -8.69
N ARG A 80 -12.70 -6.84 -9.83
CA ARG A 80 -13.18 -7.89 -10.75
C ARG A 80 -14.24 -8.81 -10.12
N GLN A 81 -13.84 -10.01 -9.67
CA GLN A 81 -14.69 -11.08 -9.12
C GLN A 81 -16.10 -11.08 -9.76
N HIS A 82 -16.22 -11.57 -11.00
CA HIS A 82 -17.46 -11.56 -11.81
C HIS A 82 -17.89 -10.11 -12.13
N ARG A 83 -18.59 -9.91 -13.26
CA ARG A 83 -19.42 -8.72 -13.53
C ARG A 83 -20.92 -9.11 -13.57
N LEU A 84 -21.41 -9.69 -12.45
CA LEU A 84 -22.77 -10.18 -12.22
C LEU A 84 -23.82 -9.25 -12.86
N ASP A 85 -24.80 -9.82 -13.59
CA ASP A 85 -25.94 -9.11 -14.18
C ASP A 85 -27.23 -9.29 -13.33
N LYS A 86 -28.13 -8.30 -13.36
CA LYS A 86 -29.31 -8.19 -12.50
C LYS A 86 -28.90 -8.05 -11.02
N ILE A 87 -29.24 -6.92 -10.38
CA ILE A 87 -29.15 -6.68 -8.94
C ILE A 87 -29.61 -5.23 -8.63
N THR A 88 -30.88 -5.07 -8.21
CA THR A 88 -31.55 -3.78 -7.98
C THR A 88 -31.20 -3.24 -6.58
N HIS A 89 -31.12 -4.14 -5.57
CA HIS A 89 -31.02 -3.83 -4.14
C HIS A 89 -29.57 -3.47 -3.76
N ALA A 90 -29.40 -2.59 -2.75
CA ALA A 90 -28.12 -1.98 -2.36
C ALA A 90 -27.71 -2.47 -0.94
N CYS A 91 -28.35 -1.94 0.11
CA CYS A 91 -27.98 -2.13 1.52
C CYS A 91 -28.80 -3.30 2.13
N ARG A 92 -30.06 -3.46 1.71
CA ARG A 92 -31.00 -4.49 2.18
C ARG A 92 -30.90 -5.74 1.27
ZN ZN B . -2.78 3.06 0.18
N MET A 1 27.74 0.51 5.48
CA MET A 1 27.66 1.93 5.18
C MET A 1 28.75 2.34 4.17
N LYS A 2 29.19 1.39 3.33
CA LYS A 2 30.25 1.56 2.33
C LYS A 2 30.17 0.45 1.25
N LYS A 3 30.19 0.84 -0.03
CA LYS A 3 30.06 -0.05 -1.20
C LYS A 3 28.62 -0.58 -1.33
N ALA A 4 27.63 0.31 -1.14
CA ALA A 4 26.20 -0.01 -1.04
C ALA A 4 25.36 1.22 -0.66
N THR A 5 24.23 1.45 -1.36
CA THR A 5 23.30 2.56 -1.16
C THR A 5 22.60 2.43 0.22
N CYS A 6 21.85 3.47 0.63
CA CYS A 6 21.23 3.59 1.95
C CYS A 6 19.72 3.28 1.87
N LEU A 7 19.27 2.25 2.60
CA LEU A 7 17.87 1.79 2.70
C LEU A 7 17.14 2.51 3.87
N THR A 8 17.67 3.68 4.27
CA THR A 8 17.12 4.59 5.28
C THR A 8 15.61 4.83 5.04
N ASP A 9 14.95 5.51 6.01
CA ASP A 9 13.52 5.83 5.98
C ASP A 9 13.21 6.98 5.00
N ASP A 10 14.16 7.93 4.87
CA ASP A 10 14.24 8.92 3.78
C ASP A 10 13.79 8.31 2.43
N GLN A 11 14.61 7.39 1.88
CA GLN A 11 14.50 6.91 0.49
C GLN A 11 13.39 5.85 0.38
N ARG A 12 13.10 5.12 1.48
CA ARG A 12 11.86 4.37 1.70
C ARG A 12 10.64 5.15 1.18
N TRP A 13 10.45 6.37 1.76
CA TRP A 13 9.41 7.31 1.35
C TRP A 13 9.75 8.01 0.02
N GLN A 14 11.01 7.98 -0.44
CA GLN A 14 11.40 8.50 -1.76
C GLN A 14 10.85 7.60 -2.89
N SER A 15 11.19 6.30 -2.84
CA SER A 15 10.55 5.23 -3.62
C SER A 15 9.00 5.39 -3.63
N VAL A 16 8.42 5.65 -2.43
CA VAL A 16 6.98 5.70 -2.19
C VAL A 16 6.40 7.08 -2.57
N LEU A 17 7.19 8.16 -2.51
CA LEU A 17 6.80 9.53 -2.92
C LEU A 17 6.80 9.65 -4.45
N ALA A 18 7.77 8.97 -5.10
CA ALA A 18 7.88 8.77 -6.55
C ALA A 18 6.72 7.86 -7.07
N ARG A 19 5.90 7.36 -6.14
CA ARG A 19 4.70 6.54 -6.41
C ARG A 19 5.05 5.38 -7.37
N ASP A 20 6.33 4.95 -7.33
CA ASP A 20 6.96 3.97 -8.22
C ASP A 20 6.21 2.62 -8.15
N PRO A 21 5.30 2.30 -9.11
CA PRO A 21 4.48 1.08 -9.10
C PRO A 21 5.33 -0.21 -9.14
N ASN A 22 6.62 -0.07 -9.50
CA ASN A 22 7.60 -1.15 -9.72
C ASN A 22 8.16 -1.71 -8.40
N ALA A 23 7.80 -1.10 -7.25
CA ALA A 23 8.18 -1.53 -5.90
C ALA A 23 6.99 -2.19 -5.17
N ASP A 24 6.00 -2.69 -5.94
CA ASP A 24 4.85 -3.47 -5.45
C ASP A 24 5.27 -4.86 -4.94
N GLY A 25 6.56 -5.22 -5.07
CA GLY A 25 7.14 -6.51 -4.64
C GLY A 25 8.19 -6.31 -3.53
N GLU A 26 8.89 -5.16 -3.54
CA GLU A 26 10.07 -4.85 -2.71
C GLU A 26 9.67 -4.67 -1.23
N PHE A 27 8.43 -4.19 -0.97
CA PHE A 27 7.89 -3.94 0.37
C PHE A 27 6.38 -3.61 0.34
N VAL A 28 5.80 -3.33 1.53
CA VAL A 28 4.53 -2.62 1.74
C VAL A 28 4.78 -1.41 2.66
N PHE A 29 3.76 -0.54 2.85
CA PHE A 29 3.77 0.53 3.85
C PHE A 29 2.39 0.63 4.58
N ALA A 30 2.40 1.19 5.81
CA ALA A 30 1.34 1.11 6.82
C ALA A 30 1.09 2.47 7.49
N VAL A 31 -0.11 3.06 7.31
CA VAL A 31 -0.54 4.31 7.94
C VAL A 31 -1.24 4.03 9.28
N ARG A 32 -0.48 4.16 10.40
CA ARG A 32 -0.93 3.86 11.77
C ARG A 32 -2.28 4.55 12.08
N THR A 33 -2.56 5.67 11.40
CA THR A 33 -3.60 6.65 11.75
C THR A 33 -4.97 6.24 11.17
N THR A 34 -4.97 5.48 10.05
CA THR A 34 -6.16 4.93 9.40
C THR A 34 -6.36 3.44 9.76
N GLY A 35 -5.26 2.76 10.14
CA GLY A 35 -5.17 1.30 10.27
C GLY A 35 -5.41 0.60 8.92
N ILE A 36 -4.70 1.07 7.86
CA ILE A 36 -4.58 0.43 6.54
C ILE A 36 -3.10 0.16 6.21
N PHE A 37 -2.84 -0.72 5.22
CA PHE A 37 -1.57 -0.88 4.52
C PHE A 37 -1.78 -0.96 2.98
N CYS A 38 -0.73 -0.66 2.20
CA CYS A 38 -0.73 -0.45 0.74
C CYS A 38 0.51 -1.10 0.10
N ARG A 39 0.57 -1.09 -1.24
CA ARG A 39 1.78 -1.20 -2.07
C ARG A 39 2.32 0.23 -2.37
N PRO A 40 3.65 0.49 -2.29
CA PRO A 40 4.24 1.84 -2.23
C PRO A 40 3.67 2.86 -3.23
N SER A 41 3.05 2.38 -4.33
CA SER A 41 2.55 3.13 -5.48
C SER A 41 1.23 3.89 -5.19
N CYS A 42 0.82 4.03 -3.92
CA CYS A 42 -0.57 4.37 -3.55
C CYS A 42 -1.01 5.68 -4.24
N ARG A 43 -1.81 5.54 -5.32
CA ARG A 43 -2.09 6.59 -6.33
C ARG A 43 -2.64 7.87 -5.68
N ALA A 44 -3.62 7.72 -4.77
CA ALA A 44 -4.19 8.81 -3.94
C ALA A 44 -3.08 9.55 -3.16
N ARG A 45 -3.27 10.86 -2.91
CA ARG A 45 -2.44 11.69 -2.04
C ARG A 45 -2.24 11.03 -0.66
N HIS A 46 -1.21 10.16 -0.54
CA HIS A 46 -1.03 9.20 0.56
C HIS A 46 -0.50 9.91 1.83
N ALA A 47 -1.00 9.50 3.01
CA ALA A 47 -0.57 9.98 4.34
C ALA A 47 0.96 10.03 4.45
N LEU A 48 1.50 11.09 5.10
CA LEU A 48 2.92 11.45 5.13
C LEU A 48 3.75 10.29 5.73
N ARG A 49 5.08 10.29 5.48
CA ARG A 49 6.05 9.33 6.00
C ARG A 49 5.93 9.19 7.53
N GLU A 50 5.57 10.30 8.21
CA GLU A 50 5.64 10.48 9.66
C GLU A 50 4.62 9.60 10.40
N ASN A 51 3.63 9.06 9.66
CA ASN A 51 2.64 8.07 10.12
C ASN A 51 2.80 6.74 9.36
N VAL A 52 3.56 6.74 8.25
CA VAL A 52 3.83 5.57 7.39
C VAL A 52 5.06 4.80 7.88
N SER A 53 4.98 3.45 7.91
CA SER A 53 6.10 2.53 8.12
C SER A 53 6.01 1.29 7.21
N PHE A 54 7.17 0.64 6.96
CA PHE A 54 7.40 -0.30 5.85
C PHE A 54 7.62 -1.75 6.34
N TYR A 55 7.00 -2.72 5.64
CA TYR A 55 7.13 -4.18 5.76
C TYR A 55 7.83 -4.79 4.53
N ALA A 56 7.97 -6.14 4.55
CA ALA A 56 8.26 -7.00 3.39
C ALA A 56 6.99 -7.28 2.57
N ASN A 57 5.85 -7.56 3.24
CA ASN A 57 4.58 -7.95 2.61
C ASN A 57 3.38 -7.69 3.56
N ALA A 58 2.16 -8.01 3.07
CA ALA A 58 0.86 -7.64 3.64
C ALA A 58 0.50 -8.54 4.84
N SER A 59 1.18 -9.69 5.00
CA SER A 59 1.11 -10.59 6.16
C SER A 59 1.78 -9.97 7.41
N GLU A 60 2.92 -9.27 7.20
CA GLU A 60 3.59 -8.41 8.19
C GLU A 60 2.70 -7.20 8.54
N ALA A 61 2.04 -6.63 7.51
CA ALA A 61 1.05 -5.55 7.62
C ALA A 61 -0.23 -6.05 8.32
N LEU A 62 -0.58 -7.33 8.10
CA LEU A 62 -1.56 -8.11 8.88
C LEU A 62 -1.04 -8.35 10.32
N ALA A 63 0.28 -8.61 10.43
CA ALA A 63 1.03 -8.75 11.69
C ALA A 63 1.01 -7.46 12.52
N ALA A 64 0.77 -6.31 11.86
CA ALA A 64 0.59 -4.98 12.47
C ALA A 64 -0.86 -4.78 12.98
N GLY A 65 -1.79 -5.62 12.51
CA GLY A 65 -3.24 -5.54 12.79
C GLY A 65 -3.94 -4.51 11.88
N PHE A 66 -3.52 -4.41 10.60
CA PHE A 66 -4.02 -3.43 9.62
C PHE A 66 -4.86 -4.14 8.53
N ARG A 67 -5.66 -3.36 7.78
CA ARG A 67 -6.63 -3.83 6.78
C ARG A 67 -6.26 -3.34 5.35
N PRO A 68 -6.68 -4.04 4.27
CA PRO A 68 -6.25 -3.77 2.89
C PRO A 68 -6.91 -2.54 2.22
N CYS A 69 -6.12 -1.49 1.92
CA CYS A 69 -6.51 -0.28 1.18
C CYS A 69 -7.40 -0.63 -0.03
N LYS A 70 -8.35 0.26 -0.38
CA LYS A 70 -9.39 0.06 -1.41
C LYS A 70 -8.87 0.46 -2.81
N ARG A 71 -7.53 0.49 -2.96
CA ARG A 71 -6.77 0.97 -4.12
C ARG A 71 -5.68 -0.07 -4.50
N CYS A 72 -4.72 -0.25 -3.55
CA CYS A 72 -3.53 -1.10 -3.67
C CYS A 72 -3.83 -2.55 -3.26
N GLN A 73 -4.04 -2.78 -1.94
CA GLN A 73 -4.26 -4.10 -1.34
C GLN A 73 -5.56 -4.74 -1.89
N PRO A 74 -5.51 -5.93 -2.54
CA PRO A 74 -6.60 -6.52 -3.32
C PRO A 74 -8.00 -6.31 -2.70
N ASP A 75 -8.68 -5.20 -3.08
CA ASP A 75 -9.90 -4.69 -2.46
C ASP A 75 -10.84 -4.05 -3.51
N LYS A 76 -10.47 -2.88 -4.04
CA LYS A 76 -11.02 -2.29 -5.27
C LYS A 76 -9.90 -1.82 -6.21
N ALA A 77 -9.02 -2.76 -6.63
CA ALA A 77 -8.07 -2.62 -7.74
C ALA A 77 -8.71 -3.05 -9.08
N ASN A 78 -9.60 -2.22 -9.63
CA ASN A 78 -10.51 -2.55 -10.76
C ASN A 78 -11.04 -4.00 -10.64
N PRO A 79 -11.73 -4.37 -9.53
CA PRO A 79 -12.36 -5.69 -9.34
C PRO A 79 -13.59 -5.89 -10.25
N ARG A 80 -14.38 -4.82 -10.48
CA ARG A 80 -15.71 -4.77 -11.11
C ARG A 80 -15.99 -6.01 -12.00
N GLN A 81 -15.43 -6.02 -13.22
CA GLN A 81 -15.70 -6.93 -14.34
C GLN A 81 -16.86 -7.90 -14.05
N HIS A 82 -18.11 -7.45 -14.25
CA HIS A 82 -19.35 -8.25 -14.09
C HIS A 82 -20.56 -7.54 -14.71
N ARG A 83 -21.52 -8.32 -15.25
CA ARG A 83 -22.86 -7.88 -15.66
C ARG A 83 -23.90 -8.15 -14.55
N LEU A 84 -23.94 -7.29 -13.53
CA LEU A 84 -24.84 -7.35 -12.37
C LEU A 84 -24.59 -6.19 -11.37
N ASP A 85 -25.58 -5.91 -10.50
CA ASP A 85 -25.57 -4.79 -9.53
C ASP A 85 -25.49 -5.32 -8.08
N LYS A 86 -26.58 -5.92 -7.58
CA LYS A 86 -26.67 -6.63 -6.30
C LYS A 86 -25.38 -7.44 -6.05
N ILE A 87 -24.86 -7.39 -4.80
CA ILE A 87 -23.72 -8.19 -4.31
C ILE A 87 -23.60 -8.02 -2.78
N THR A 88 -24.18 -8.96 -2.02
CA THR A 88 -24.04 -9.07 -0.56
C THR A 88 -22.66 -9.66 -0.21
N HIS A 89 -21.65 -8.78 -0.02
CA HIS A 89 -20.26 -9.14 0.27
C HIS A 89 -20.07 -9.53 1.76
N ALA A 90 -20.84 -8.89 2.66
CA ALA A 90 -20.81 -9.11 4.11
C ALA A 90 -22.16 -8.71 4.75
N CYS A 91 -22.46 -7.40 4.77
CA CYS A 91 -23.68 -6.80 5.37
C CYS A 91 -23.82 -5.33 4.93
N ARG A 92 -22.72 -4.55 5.01
CA ARG A 92 -22.67 -3.11 4.71
C ARG A 92 -22.24 -2.88 3.26
ZN ZN B . -3.34 2.38 -1.14
N MET A 1 24.28 -7.24 -9.28
CA MET A 1 23.26 -7.23 -8.23
C MET A 1 23.67 -6.29 -7.08
N LYS A 2 23.06 -5.09 -7.02
CA LYS A 2 23.20 -4.11 -5.93
C LYS A 2 21.81 -3.71 -5.39
N LYS A 3 20.96 -4.71 -5.07
CA LYS A 3 19.58 -4.54 -4.63
C LYS A 3 18.81 -3.59 -5.57
N ALA A 4 19.04 -3.73 -6.89
CA ALA A 4 18.25 -3.12 -7.98
C ALA A 4 18.07 -1.60 -7.76
N THR A 5 16.96 -1.04 -8.26
CA THR A 5 16.58 0.38 -8.11
C THR A 5 16.85 0.85 -6.66
N CYS A 6 17.32 2.10 -6.49
CA CYS A 6 17.51 2.78 -5.20
C CYS A 6 16.31 2.53 -4.29
N LEU A 7 16.56 1.97 -3.08
CA LEU A 7 15.57 1.70 -2.02
C LEU A 7 15.46 2.92 -1.06
N THR A 8 15.83 4.10 -1.56
CA THR A 8 15.71 5.42 -0.90
C THR A 8 14.26 5.65 -0.42
N ASP A 9 14.10 6.27 0.77
CA ASP A 9 12.82 6.65 1.37
C ASP A 9 12.07 7.68 0.49
N ASP A 10 12.81 8.47 -0.30
CA ASP A 10 12.31 9.25 -1.44
C ASP A 10 11.27 8.44 -2.24
N GLN A 11 11.73 7.41 -2.98
CA GLN A 11 10.94 6.71 -4.01
C GLN A 11 10.01 5.65 -3.37
N ARG A 12 10.41 5.10 -2.21
CA ARG A 12 9.52 4.40 -1.27
C ARG A 12 8.17 5.13 -1.15
N TRP A 13 8.24 6.43 -0.78
CA TRP A 13 7.06 7.31 -0.68
C TRP A 13 6.59 7.80 -2.07
N GLN A 14 7.43 7.68 -3.12
CA GLN A 14 7.02 7.96 -4.52
C GLN A 14 6.01 6.90 -5.01
N SER A 15 6.40 5.61 -4.92
CA SER A 15 5.49 4.45 -4.97
C SER A 15 4.16 4.72 -4.21
N VAL A 16 4.30 5.11 -2.92
CA VAL A 16 3.21 5.21 -1.95
C VAL A 16 2.41 6.51 -2.15
N LEU A 17 3.02 7.56 -2.75
CA LEU A 17 2.36 8.80 -3.17
C LEU A 17 1.57 8.59 -4.48
N ALA A 18 2.16 7.81 -5.40
CA ALA A 18 1.55 7.33 -6.65
C ALA A 18 0.27 6.51 -6.35
N ARG A 19 0.17 6.01 -5.10
CA ARG A 19 -0.90 5.10 -4.62
C ARG A 19 -0.87 3.77 -5.40
N ASP A 20 0.28 3.45 -6.01
CA ASP A 20 0.49 2.36 -6.98
C ASP A 20 0.00 1.01 -6.37
N PRO A 21 -1.25 0.56 -6.67
CA PRO A 21 -1.88 -0.59 -6.02
C PRO A 21 -1.11 -1.91 -6.24
N ASN A 22 -0.16 -1.92 -7.19
CA ASN A 22 0.49 -3.11 -7.76
C ASN A 22 1.81 -3.44 -7.01
N ALA A 23 2.08 -2.77 -5.87
CA ALA A 23 3.20 -3.04 -4.97
C ALA A 23 2.72 -3.74 -3.67
N ASP A 24 1.57 -4.43 -3.74
CA ASP A 24 1.12 -5.43 -2.77
C ASP A 24 1.93 -6.74 -2.90
N GLY A 25 2.64 -7.14 -1.83
CA GLY A 25 3.68 -8.18 -1.82
C GLY A 25 5.10 -7.58 -1.77
N GLU A 26 5.31 -6.43 -2.43
CA GLU A 26 6.61 -5.77 -2.61
C GLU A 26 7.12 -5.17 -1.28
N PHE A 27 6.18 -4.57 -0.50
CA PHE A 27 6.41 -4.08 0.87
C PHE A 27 5.08 -3.77 1.58
N VAL A 28 5.18 -3.25 2.83
CA VAL A 28 4.12 -2.52 3.54
C VAL A 28 4.69 -1.18 4.06
N PHE A 29 3.83 -0.28 4.58
CA PHE A 29 4.22 0.96 5.28
C PHE A 29 3.38 1.16 6.57
N ALA A 30 3.96 1.86 7.56
CA ALA A 30 3.54 1.89 8.97
C ALA A 30 3.44 3.33 9.51
N VAL A 31 2.21 3.83 9.73
CA VAL A 31 1.94 5.14 10.36
C VAL A 31 1.89 4.97 11.90
N ARG A 32 3.02 5.20 12.58
CA ARG A 32 3.24 4.95 14.01
C ARG A 32 2.19 5.68 14.87
N THR A 33 1.57 6.75 14.32
CA THR A 33 0.79 7.75 15.06
C THR A 33 -0.67 7.28 15.25
N THR A 34 -1.14 6.34 14.40
CA THR A 34 -2.39 5.60 14.56
C THR A 34 -2.14 4.18 15.12
N GLY A 35 -0.90 3.67 14.96
CA GLY A 35 -0.53 2.26 15.14
C GLY A 35 -1.21 1.35 14.09
N ILE A 36 -1.12 1.73 12.80
CA ILE A 36 -1.67 1.01 11.64
C ILE A 36 -0.55 0.74 10.62
N PHE A 37 -0.70 -0.32 9.80
CA PHE A 37 0.11 -0.58 8.60
C PHE A 37 -0.79 -0.95 7.40
N CYS A 38 -0.31 -0.65 6.17
CA CYS A 38 -1.04 -0.63 4.90
C CYS A 38 -0.22 -1.31 3.78
N ARG A 39 -0.83 -1.45 2.59
CA ARG A 39 -0.20 -1.62 1.28
C ARG A 39 -0.07 -0.23 0.60
N PRO A 40 0.98 0.06 -0.22
CA PRO A 40 1.30 1.41 -0.73
C PRO A 40 0.09 2.27 -1.15
N SER A 41 -1.00 1.62 -1.60
CA SER A 41 -2.10 2.18 -2.41
C SER A 41 -3.12 2.97 -1.58
N CYS A 42 -2.82 3.31 -0.30
CA CYS A 42 -3.83 3.70 0.70
C CYS A 42 -4.67 4.89 0.18
N ARG A 43 -5.94 4.64 -0.18
CA ARG A 43 -6.79 5.49 -1.02
C ARG A 43 -6.92 6.91 -0.43
N ALA A 44 -7.35 7.03 0.85
CA ALA A 44 -7.50 8.29 1.57
C ALA A 44 -6.13 8.90 1.93
N ARG A 45 -6.08 10.23 2.16
CA ARG A 45 -4.85 11.04 2.26
C ARG A 45 -3.88 10.44 3.30
N HIS A 46 -2.98 9.54 2.84
CA HIS A 46 -2.21 8.62 3.70
C HIS A 46 -1.17 9.39 4.54
N ALA A 47 -1.08 9.08 5.85
CA ALA A 47 -0.32 9.81 6.87
C ALA A 47 1.10 10.17 6.35
N LEU A 48 1.66 11.29 6.82
CA LEU A 48 2.85 11.94 6.26
C LEU A 48 4.00 10.91 6.09
N ARG A 49 4.86 11.12 5.08
CA ARG A 49 6.18 10.50 4.91
C ARG A 49 6.84 10.22 6.28
N GLU A 50 6.76 11.23 7.19
CA GLU A 50 7.58 11.39 8.39
C GLU A 50 7.08 10.52 9.55
N ASN A 51 5.78 10.17 9.52
CA ASN A 51 5.12 9.20 10.42
C ASN A 51 5.14 7.78 9.82
N VAL A 52 5.44 7.67 8.51
CA VAL A 52 5.34 6.42 7.73
C VAL A 52 6.74 5.82 7.51
N SER A 53 6.87 4.50 7.75
CA SER A 53 8.06 3.69 7.47
C SER A 53 7.69 2.29 6.92
N PHE A 54 8.64 1.66 6.20
CA PHE A 54 8.39 0.54 5.28
C PHE A 54 9.00 -0.80 5.79
N TYR A 55 8.22 -1.88 5.66
CA TYR A 55 8.55 -3.29 5.89
C TYR A 55 8.61 -4.09 4.56
N ALA A 56 8.90 -5.41 4.67
CA ALA A 56 8.70 -6.42 3.63
C ALA A 56 7.22 -6.86 3.55
N ASN A 57 6.55 -6.99 4.71
CA ASN A 57 5.17 -7.51 4.85
C ASN A 57 4.55 -7.08 6.19
N ALA A 58 3.28 -7.47 6.42
CA ALA A 58 2.41 -7.02 7.51
C ALA A 58 2.71 -7.76 8.82
N SER A 59 3.43 -8.90 8.74
CA SER A 59 3.98 -9.66 9.87
C SER A 59 5.19 -8.95 10.53
N GLU A 60 6.03 -8.30 9.71
CA GLU A 60 7.06 -7.34 10.14
C GLU A 60 6.40 -6.09 10.76
N ALA A 61 5.30 -5.63 10.11
CA ALA A 61 4.46 -4.51 10.58
C ALA A 61 3.71 -4.89 11.87
N LEU A 62 3.37 -6.19 12.01
CA LEU A 62 2.87 -6.83 13.24
C LEU A 62 4.00 -6.95 14.28
N ALA A 63 5.23 -7.28 13.81
CA ALA A 63 6.48 -7.24 14.57
C ALA A 63 6.76 -5.82 15.12
N ALA A 64 6.14 -4.80 14.50
CA ALA A 64 6.16 -3.40 14.95
C ALA A 64 5.09 -3.14 16.03
N GLY A 65 4.09 -4.04 16.15
CA GLY A 65 2.97 -3.93 17.10
C GLY A 65 1.63 -3.57 16.43
N PHE A 66 1.70 -3.12 15.16
CA PHE A 66 0.65 -2.37 14.45
C PHE A 66 -0.47 -3.30 13.92
N ARG A 67 -1.58 -2.69 13.45
CA ARG A 67 -2.87 -3.33 13.18
C ARG A 67 -3.33 -3.09 11.72
N PRO A 68 -3.93 -4.10 11.04
CA PRO A 68 -4.24 -4.04 9.60
C PRO A 68 -5.33 -3.02 9.19
N CYS A 69 -4.92 -1.93 8.52
CA CYS A 69 -5.76 -0.81 8.06
C CYS A 69 -7.11 -1.31 7.50
N LYS A 70 -8.16 -0.47 7.63
CA LYS A 70 -9.56 -0.79 7.30
C LYS A 70 -9.83 -0.57 5.80
N ARG A 71 -8.77 -0.43 4.99
CA ARG A 71 -8.79 0.04 3.59
C ARG A 71 -7.87 -0.82 2.70
N CYS A 72 -6.60 -1.02 3.15
CA CYS A 72 -5.57 -1.81 2.46
C CYS A 72 -5.53 -3.26 3.00
N GLN A 73 -4.98 -3.44 4.22
CA GLN A 73 -4.62 -4.75 4.80
C GLN A 73 -5.91 -5.54 5.16
N PRO A 74 -6.02 -6.84 4.82
CA PRO A 74 -7.27 -7.61 4.79
C PRO A 74 -8.22 -7.31 5.97
N ASP A 75 -9.12 -6.32 5.78
CA ASP A 75 -10.10 -5.84 6.76
C ASP A 75 -11.39 -5.34 6.09
N LYS A 76 -11.30 -4.23 5.31
CA LYS A 76 -12.37 -3.74 4.42
C LYS A 76 -11.76 -3.11 3.15
N ALA A 77 -11.66 -3.90 2.06
CA ALA A 77 -11.03 -3.52 0.79
C ALA A 77 -11.75 -2.34 0.13
N ASN A 78 -11.20 -1.82 -0.99
CA ASN A 78 -11.80 -0.81 -1.87
C ASN A 78 -13.34 -1.01 -1.97
N PRO A 79 -14.14 0.07 -2.16
CA PRO A 79 -15.61 0.00 -2.33
C PRO A 79 -16.03 -1.04 -3.41
N ARG A 80 -17.04 -1.86 -3.09
CA ARG A 80 -17.77 -2.78 -3.99
C ARG A 80 -17.63 -2.39 -5.48
N GLN A 81 -18.37 -1.33 -5.89
CA GLN A 81 -18.62 -0.88 -7.27
C GLN A 81 -17.64 -1.49 -8.29
N HIS A 82 -17.95 -2.72 -8.77
CA HIS A 82 -17.38 -3.34 -9.98
C HIS A 82 -18.36 -3.29 -11.16
N ARG A 83 -19.67 -3.47 -10.87
CA ARG A 83 -20.72 -3.85 -11.83
C ARG A 83 -20.14 -4.64 -13.02
N LEU A 84 -19.51 -5.79 -12.70
CA LEU A 84 -18.84 -6.73 -13.62
C LEU A 84 -19.61 -6.84 -14.96
N ASP A 85 -18.92 -6.64 -16.10
CA ASP A 85 -19.49 -6.72 -17.45
C ASP A 85 -18.88 -7.90 -18.24
N LYS A 86 -17.70 -7.70 -18.85
CA LYS A 86 -17.07 -8.60 -19.84
C LYS A 86 -15.99 -7.83 -20.65
N ILE A 87 -14.75 -7.76 -20.11
CA ILE A 87 -13.61 -7.08 -20.73
C ILE A 87 -13.97 -5.60 -20.98
N THR A 88 -14.43 -4.89 -19.94
CA THR A 88 -14.72 -3.44 -19.94
C THR A 88 -13.43 -2.65 -20.25
N HIS A 89 -12.41 -2.80 -19.38
CA HIS A 89 -11.05 -2.24 -19.56
C HIS A 89 -10.00 -3.36 -19.68
N ALA A 90 -8.88 -3.08 -20.37
CA ALA A 90 -7.72 -3.97 -20.53
C ALA A 90 -7.03 -4.20 -19.18
N CYS A 91 -7.24 -5.39 -18.57
CA CYS A 91 -6.81 -5.75 -17.21
C CYS A 91 -5.55 -6.65 -17.26
N ARG A 92 -5.55 -7.66 -18.14
CA ARG A 92 -4.47 -8.65 -18.31
C ARG A 92 -4.50 -9.23 -19.73
ZN ZN B . -4.48 1.87 4.35
N MET A 1 24.55 -3.18 7.45
CA MET A 1 24.25 -3.46 6.05
C MET A 1 23.50 -2.28 5.40
N LYS A 2 23.85 -1.95 4.15
CA LYS A 2 23.30 -0.81 3.37
C LYS A 2 24.12 -0.60 2.08
N LYS A 3 25.45 -0.53 2.21
CA LYS A 3 26.40 -0.22 1.12
C LYS A 3 26.04 1.14 0.49
N ALA A 4 26.61 2.23 1.03
CA ALA A 4 26.41 3.62 0.56
C ALA A 4 24.91 3.96 0.44
N THR A 5 24.57 4.92 -0.45
CA THR A 5 23.22 5.39 -0.78
C THR A 5 22.43 5.72 0.51
N CYS A 6 21.13 6.00 0.38
CA CYS A 6 20.25 6.52 1.44
C CYS A 6 18.86 5.85 1.38
N LEU A 7 18.60 4.88 2.27
CA LEU A 7 17.30 4.23 2.50
C LEU A 7 16.48 4.99 3.57
N THR A 8 16.80 6.29 3.75
CA THR A 8 16.09 7.25 4.60
C THR A 8 14.59 7.28 4.27
N ASP A 9 13.80 8.10 5.00
CA ASP A 9 12.33 8.14 4.93
C ASP A 9 11.87 8.94 3.69
N ASP A 10 12.73 9.88 3.22
CA ASP A 10 12.67 10.52 1.90
C ASP A 10 12.25 9.50 0.82
N GLN A 11 13.10 8.50 0.53
CA GLN A 11 13.03 7.61 -0.63
C GLN A 11 12.13 6.39 -0.34
N ARG A 12 11.94 6.05 0.95
CA ARG A 12 10.80 5.28 1.44
C ARG A 12 9.50 5.77 0.75
N TRP A 13 9.22 7.09 0.98
CA TRP A 13 8.10 7.80 0.36
C TRP A 13 8.41 8.32 -1.06
N GLN A 14 9.67 8.56 -1.45
CA GLN A 14 10.03 9.04 -2.80
C GLN A 14 9.90 7.89 -3.82
N SER A 15 10.45 6.71 -3.49
CA SER A 15 10.09 5.42 -4.10
C SER A 15 8.55 5.28 -4.24
N VAL A 16 7.85 5.34 -3.09
CA VAL A 16 6.40 5.16 -2.95
C VAL A 16 5.62 6.29 -3.65
N LEU A 17 6.20 7.51 -3.73
CA LEU A 17 5.61 8.67 -4.42
C LEU A 17 5.77 8.53 -5.95
N ALA A 18 6.91 7.95 -6.37
CA ALA A 18 7.18 7.49 -7.74
C ALA A 18 6.10 6.47 -8.19
N ARG A 19 5.41 5.88 -7.19
CA ARG A 19 4.35 4.88 -7.39
C ARG A 19 4.92 3.54 -7.89
N ASP A 20 6.10 3.16 -7.37
CA ASP A 20 7.00 2.15 -7.97
C ASP A 20 6.29 0.78 -8.06
N PRO A 21 5.96 0.30 -9.29
CA PRO A 21 5.29 -0.99 -9.52
C PRO A 21 6.08 -2.18 -8.91
N ASN A 22 7.29 -2.38 -9.48
CA ASN A 22 8.19 -3.54 -9.29
C ASN A 22 8.98 -3.40 -7.97
N ALA A 23 8.55 -2.45 -7.10
CA ALA A 23 8.91 -2.38 -5.68
C ALA A 23 7.96 -3.24 -4.82
N ASP A 24 7.08 -4.03 -5.46
CA ASP A 24 6.32 -5.14 -4.88
C ASP A 24 7.22 -6.35 -4.59
N GLY A 25 7.43 -6.68 -3.30
CA GLY A 25 8.46 -7.62 -2.82
C GLY A 25 9.55 -6.89 -2.00
N GLU A 26 9.92 -5.66 -2.41
CA GLU A 26 10.99 -4.85 -1.81
C GLU A 26 10.57 -4.37 -0.40
N PHE A 27 9.27 -4.00 -0.24
CA PHE A 27 8.65 -3.62 1.03
C PHE A 27 7.11 -3.60 0.93
N VAL A 28 6.44 -3.28 2.05
CA VAL A 28 5.06 -2.77 2.13
C VAL A 28 5.04 -1.44 2.91
N PHE A 29 3.90 -0.70 2.90
CA PHE A 29 3.70 0.49 3.72
C PHE A 29 2.26 0.54 4.30
N ALA A 30 2.11 1.18 5.48
CA ALA A 30 0.99 1.04 6.41
C ALA A 30 0.46 2.42 6.86
N VAL A 31 -0.78 2.77 6.46
CA VAL A 31 -1.48 3.99 6.88
C VAL A 31 -2.35 3.71 8.13
N ARG A 32 -1.82 4.05 9.32
CA ARG A 32 -2.37 3.68 10.65
C ARG A 32 -3.79 4.24 10.84
N THR A 33 -4.21 5.22 10.01
CA THR A 33 -5.41 6.05 10.20
C THR A 33 -6.62 5.41 9.49
N THR A 34 -6.38 4.50 8.52
CA THR A 34 -7.38 3.60 7.93
C THR A 34 -7.27 2.18 8.55
N GLY A 35 -6.10 1.83 9.08
CA GLY A 35 -5.68 0.46 9.38
C GLY A 35 -5.62 -0.41 8.10
N ILE A 36 -4.95 0.11 7.05
CA ILE A 36 -4.61 -0.59 5.81
C ILE A 36 -3.08 -0.69 5.66
N PHE A 37 -2.60 -1.65 4.86
CA PHE A 37 -1.24 -1.69 4.29
C PHE A 37 -1.30 -1.90 2.75
N CYS A 38 -0.17 -1.63 2.06
CA CYS A 38 -0.07 -1.37 0.62
C CYS A 38 1.26 -1.94 0.07
N ARG A 39 1.46 -1.83 -1.26
CA ARG A 39 2.76 -1.90 -1.95
C ARG A 39 3.16 -0.49 -2.44
N PRO A 40 4.47 -0.15 -2.61
CA PRO A 40 4.93 1.16 -3.08
C PRO A 40 4.11 1.77 -4.25
N SER A 41 3.43 0.91 -5.03
CA SER A 41 2.79 1.20 -6.32
C SER A 41 1.38 1.81 -6.16
N CYS A 42 0.98 2.27 -4.96
CA CYS A 42 -0.42 2.54 -4.61
C CYS A 42 -1.00 3.67 -5.49
N ARG A 43 -1.73 3.30 -6.56
CA ARG A 43 -2.04 4.15 -7.72
C ARG A 43 -2.94 5.33 -7.32
N ALA A 44 -4.05 5.06 -6.60
CA ALA A 44 -4.94 6.06 -5.98
C ALA A 44 -4.12 7.14 -5.24
N ARG A 45 -4.77 8.26 -4.85
CA ARG A 45 -4.26 9.26 -3.92
C ARG A 45 -4.12 8.67 -2.50
N HIS A 46 -2.88 8.67 -1.95
CA HIS A 46 -2.50 7.97 -0.73
C HIS A 46 -2.72 8.86 0.51
N ALA A 47 -2.60 8.26 1.72
CA ALA A 47 -2.40 8.97 3.00
C ALA A 47 -0.91 9.32 3.21
N LEU A 48 -0.61 10.55 3.65
CA LEU A 48 0.71 11.19 3.60
C LEU A 48 1.77 10.28 4.25
N ARG A 49 3.06 10.51 3.92
CA ARG A 49 4.24 9.91 4.56
C ARG A 49 4.13 9.91 6.09
N GLU A 50 3.45 10.94 6.65
CA GLU A 50 3.46 11.33 8.06
C GLU A 50 2.56 10.41 8.92
N ASN A 51 1.64 9.67 8.26
CA ASN A 51 0.76 8.65 8.84
C ASN A 51 1.12 7.24 8.31
N VAL A 52 2.27 7.12 7.63
CA VAL A 52 2.67 5.97 6.79
C VAL A 52 4.03 5.41 7.28
N SER A 53 4.14 4.08 7.45
CA SER A 53 5.37 3.38 7.83
C SER A 53 5.56 2.06 7.05
N PHE A 54 6.82 1.60 6.93
CA PHE A 54 7.28 0.63 5.92
C PHE A 54 7.81 -0.67 6.58
N TYR A 55 7.47 -1.82 5.97
CA TYR A 55 7.84 -3.20 6.31
C TYR A 55 8.65 -3.88 5.18
N ALA A 56 9.00 -5.16 5.41
CA ALA A 56 9.51 -6.11 4.41
C ALA A 56 8.37 -6.67 3.53
N ASN A 57 7.24 -7.08 4.13
CA ASN A 57 6.05 -7.58 3.44
C ASN A 57 4.79 -7.46 4.31
N ALA A 58 3.63 -7.89 3.76
CA ALA A 58 2.27 -7.70 4.31
C ALA A 58 1.99 -8.68 5.47
N SER A 59 2.91 -9.62 5.73
CA SER A 59 2.94 -10.49 6.92
C SER A 59 3.40 -9.71 8.18
N GLU A 60 4.40 -8.83 8.02
CA GLU A 60 4.82 -7.81 8.99
C GLU A 60 3.67 -6.80 9.24
N ALA A 61 2.98 -6.44 8.14
CA ALA A 61 1.80 -5.56 8.12
C ALA A 61 0.58 -6.28 8.75
N LEU A 62 0.48 -7.60 8.55
CA LEU A 62 -0.39 -8.53 9.28
C LEU A 62 0.03 -8.62 10.77
N ALA A 63 1.36 -8.59 11.01
CA ALA A 63 2.00 -8.52 12.33
C ALA A 63 1.63 -7.22 13.07
N ALA A 64 1.23 -6.17 12.33
CA ALA A 64 0.62 -4.93 12.85
C ALA A 64 -0.88 -5.14 13.17
N GLY A 65 -1.48 -6.20 12.61
CA GLY A 65 -2.92 -6.50 12.66
C GLY A 65 -3.75 -5.56 11.76
N PHE A 66 -3.25 -5.27 10.55
CA PHE A 66 -3.88 -4.42 9.52
C PHE A 66 -4.65 -5.30 8.50
N ARG A 67 -5.42 -4.66 7.60
CA ARG A 67 -6.18 -5.29 6.50
C ARG A 67 -5.60 -4.90 5.12
N PRO A 68 -5.75 -5.72 4.06
CA PRO A 68 -5.17 -5.53 2.73
C PRO A 68 -5.86 -4.46 1.86
N CYS A 69 -5.11 -3.42 1.43
CA CYS A 69 -5.60 -2.29 0.62
C CYS A 69 -6.50 -2.78 -0.54
N LYS A 70 -7.43 -1.94 -1.00
CA LYS A 70 -8.44 -2.25 -2.03
C LYS A 70 -7.83 -2.09 -3.44
N ARG A 71 -6.50 -1.91 -3.53
CA ARG A 71 -5.77 -1.37 -4.69
C ARG A 71 -4.46 -2.16 -4.93
N CYS A 72 -3.66 -2.35 -3.86
CA CYS A 72 -2.33 -2.99 -3.89
C CYS A 72 -2.44 -4.49 -3.57
N GLN A 73 -2.77 -4.84 -2.31
CA GLN A 73 -2.88 -6.21 -1.80
C GLN A 73 -4.12 -6.90 -2.42
N PRO A 74 -3.98 -8.06 -3.11
CA PRO A 74 -4.98 -8.64 -4.01
C PRO A 74 -6.44 -8.47 -3.53
N ASP A 75 -7.09 -7.36 -3.93
CA ASP A 75 -8.47 -6.98 -3.57
C ASP A 75 -9.23 -6.44 -4.80
N LYS A 76 -8.79 -5.30 -5.37
CA LYS A 76 -9.14 -4.84 -6.71
C LYS A 76 -7.94 -5.02 -7.67
N ALA A 77 -7.88 -6.18 -8.36
CA ALA A 77 -7.03 -6.45 -9.52
C ALA A 77 -7.66 -5.90 -10.83
N ASN A 78 -6.95 -6.10 -11.97
CA ASN A 78 -7.40 -5.84 -13.34
C ASN A 78 -8.95 -5.86 -13.48
N PRO A 79 -9.63 -6.88 -12.91
CA PRO A 79 -11.09 -7.01 -12.87
C PRO A 79 -11.81 -5.68 -12.55
N ARG A 80 -12.14 -4.89 -13.59
CA ARG A 80 -12.48 -3.46 -13.59
C ARG A 80 -12.91 -2.93 -12.20
N GLN A 81 -14.21 -2.72 -11.99
CA GLN A 81 -14.86 -2.12 -10.80
C GLN A 81 -16.25 -1.53 -11.13
N HIS A 82 -17.02 -1.15 -10.09
CA HIS A 82 -18.18 -0.25 -10.18
C HIS A 82 -18.34 0.57 -8.88
N ARG A 83 -18.15 1.90 -8.97
CA ARG A 83 -18.51 2.89 -7.95
C ARG A 83 -20.03 2.86 -7.67
N LEU A 84 -20.42 2.43 -6.45
CA LEU A 84 -21.80 2.19 -6.01
C LEU A 84 -21.86 1.68 -4.55
N ASP A 85 -22.84 2.19 -3.76
CA ASP A 85 -22.90 2.09 -2.30
C ASP A 85 -23.27 0.64 -1.86
N LYS A 86 -24.53 0.24 -2.08
CA LYS A 86 -25.10 -1.06 -1.73
C LYS A 86 -24.08 -2.20 -2.01
N ILE A 87 -23.41 -2.68 -0.95
CA ILE A 87 -22.26 -3.61 -1.02
C ILE A 87 -22.77 -5.05 -0.81
N THR A 88 -22.12 -6.03 -1.47
CA THR A 88 -22.50 -7.45 -1.48
C THR A 88 -22.18 -8.10 -0.12
N HIS A 89 -21.09 -7.65 0.54
CA HIS A 89 -20.59 -8.16 1.82
C HIS A 89 -21.13 -7.33 3.01
N ALA A 90 -22.44 -7.45 3.29
CA ALA A 90 -23.18 -6.63 4.27
C ALA A 90 -22.54 -6.75 5.67
N CYS A 91 -22.93 -7.79 6.45
CA CYS A 91 -22.55 -7.99 7.85
C CYS A 91 -21.18 -8.69 7.94
N ARG A 92 -20.80 -9.46 6.90
CA ARG A 92 -19.55 -10.21 6.80
C ARG A 92 -19.30 -10.63 5.35
ZN ZN B . -2.70 0.69 -1.70
N MET A 1 -17.37 6.68 -1.23
CA MET A 1 -17.16 6.89 0.21
C MET A 1 -18.17 6.05 1.03
N LYS A 2 -17.69 5.42 2.11
CA LYS A 2 -18.45 4.50 2.98
C LYS A 2 -18.38 4.97 4.44
N LYS A 3 -17.49 4.35 5.25
CA LYS A 3 -17.41 4.49 6.70
C LYS A 3 -16.10 5.20 7.10
N ALA A 4 -16.19 6.47 7.55
CA ALA A 4 -15.09 7.30 8.05
C ALA A 4 -15.59 8.69 8.47
N THR A 5 -15.81 9.58 7.49
CA THR A 5 -16.10 11.02 7.63
C THR A 5 -15.03 11.70 8.51
N CYS A 6 -14.20 12.55 7.89
CA CYS A 6 -12.92 13.11 8.38
C CYS A 6 -11.74 12.26 7.83
N LEU A 7 -11.56 12.28 6.50
CA LEU A 7 -10.59 11.47 5.74
C LEU A 7 -9.24 12.21 5.60
N THR A 8 -9.07 13.27 6.42
CA THR A 8 -8.05 14.31 6.25
C THR A 8 -6.64 13.67 6.16
N ASP A 9 -5.69 14.37 5.49
CA ASP A 9 -4.41 13.84 5.00
C ASP A 9 -3.43 13.57 6.16
N ASP A 10 -3.65 14.22 7.32
CA ASP A 10 -3.10 13.84 8.62
C ASP A 10 -3.16 12.31 8.82
N GLN A 11 -4.38 11.78 9.07
CA GLN A 11 -4.59 10.40 9.52
C GLN A 11 -4.53 9.41 8.33
N ARG A 12 -4.66 9.91 7.09
CA ARG A 12 -4.21 9.23 5.87
C ARG A 12 -2.78 8.64 6.11
N TRP A 13 -1.86 9.57 6.46
CA TRP A 13 -0.46 9.23 6.77
C TRP A 13 -0.36 8.50 8.13
N GLN A 14 -1.39 8.61 9.00
CA GLN A 14 -1.50 7.77 10.21
C GLN A 14 -1.69 6.29 9.82
N SER A 15 -2.74 5.97 9.03
CA SER A 15 -3.03 4.62 8.53
C SER A 15 -1.87 4.05 7.66
N VAL A 16 -1.08 4.96 7.05
CA VAL A 16 0.04 4.68 6.15
C VAL A 16 1.35 4.53 6.96
N LEU A 17 1.46 5.25 8.09
CA LEU A 17 2.52 5.10 9.11
C LEU A 17 2.32 3.81 9.93
N ALA A 18 1.05 3.48 10.25
CA ALA A 18 0.59 2.23 10.86
C ALA A 18 0.86 1.03 9.93
N ARG A 19 1.29 1.32 8.69
CA ARG A 19 1.81 0.34 7.71
C ARG A 19 0.75 -0.73 7.39
N ASP A 20 -0.54 -0.40 7.59
CA ASP A 20 -1.69 -1.31 7.51
C ASP A 20 -1.80 -1.93 6.09
N PRO A 21 -1.25 -3.15 5.84
CA PRO A 21 -1.04 -3.70 4.49
C PRO A 21 -2.36 -3.95 3.73
N ASN A 22 -3.50 -3.89 4.43
CA ASN A 22 -4.84 -4.31 3.99
C ASN A 22 -5.66 -3.10 3.50
N ALA A 23 -4.99 -1.96 3.22
CA ALA A 23 -5.58 -0.71 2.74
C ALA A 23 -5.29 -0.50 1.23
N ASP A 24 -4.95 -1.59 0.52
CA ASP A 24 -4.68 -1.59 -0.93
C ASP A 24 -5.95 -1.29 -1.77
N GLY A 25 -7.11 -1.13 -1.10
CA GLY A 25 -8.40 -0.77 -1.70
C GLY A 25 -8.99 0.52 -1.07
N GLU A 26 -8.59 0.84 0.17
CA GLU A 26 -9.02 2.02 0.93
C GLU A 26 -8.48 3.31 0.28
N PHE A 27 -7.27 3.24 -0.31
CA PHE A 27 -6.62 4.32 -1.04
C PHE A 27 -5.27 3.86 -1.67
N VAL A 28 -4.58 4.80 -2.33
CA VAL A 28 -3.15 4.75 -2.67
C VAL A 28 -2.47 6.08 -2.27
N PHE A 29 -1.12 6.14 -2.26
CA PHE A 29 -0.34 7.36 -1.98
C PHE A 29 0.83 7.51 -2.98
N ALA A 30 1.21 8.77 -3.27
CA ALA A 30 1.99 9.19 -4.45
C ALA A 30 3.14 10.14 -4.05
N VAL A 31 4.40 9.66 -4.12
CA VAL A 31 5.63 10.44 -3.92
C VAL A 31 6.03 11.14 -5.22
N ARG A 32 5.77 12.47 -5.32
CA ARG A 32 5.86 13.26 -6.55
C ARG A 32 7.27 13.22 -7.15
N THR A 33 8.30 13.08 -6.29
CA THR A 33 9.72 13.35 -6.60
C THR A 33 10.34 12.16 -7.37
N THR A 34 9.84 10.93 -7.12
CA THR A 34 10.05 9.73 -7.96
C THR A 34 8.83 9.47 -8.86
N GLY A 35 7.76 10.26 -8.71
CA GLY A 35 6.46 10.14 -9.43
C GLY A 35 6.02 8.65 -9.44
N ILE A 36 6.38 7.95 -8.33
CA ILE A 36 5.89 6.61 -7.96
C ILE A 36 4.59 6.73 -7.13
N PHE A 37 3.73 5.69 -7.15
CA PHE A 37 2.61 5.51 -6.21
C PHE A 37 2.65 4.11 -5.57
N CYS A 38 1.93 3.94 -4.44
CA CYS A 38 2.10 2.89 -3.43
C CYS A 38 0.75 2.51 -2.80
N ARG A 39 0.76 1.55 -1.85
CA ARG A 39 -0.26 1.30 -0.83
C ARG A 39 0.27 1.78 0.55
N PRO A 40 -0.57 2.21 1.51
CA PRO A 40 -0.15 2.67 2.85
C PRO A 40 1.03 1.90 3.48
N SER A 41 1.20 0.62 3.09
CA SER A 41 2.05 -0.39 3.75
C SER A 41 3.55 -0.22 3.42
N CYS A 42 3.93 0.81 2.63
CA CYS A 42 5.23 0.85 1.92
C CYS A 42 6.39 0.63 2.92
N ARG A 43 6.90 -0.60 3.01
CA ARG A 43 7.72 -1.10 4.13
C ARG A 43 9.05 -0.33 4.25
N ALA A 44 9.82 -0.23 3.14
CA ALA A 44 11.10 0.49 3.05
C ALA A 44 10.98 1.91 3.62
N ARG A 45 12.10 2.50 4.08
CA ARG A 45 12.16 3.76 4.83
C ARG A 45 11.28 4.84 4.16
N HIS A 46 10.24 5.31 4.89
CA HIS A 46 9.15 6.15 4.36
C HIS A 46 9.70 7.43 3.68
N ALA A 47 9.14 7.80 2.51
CA ALA A 47 9.23 9.13 1.91
C ALA A 47 8.13 10.06 2.45
N LEU A 48 8.54 11.19 3.07
CA LEU A 48 7.73 12.02 3.98
C LEU A 48 6.33 12.28 3.38
N ARG A 49 5.32 12.44 4.25
CA ARG A 49 3.98 12.98 3.92
C ARG A 49 4.08 14.20 2.99
N GLU A 50 5.17 14.99 3.12
CA GLU A 50 5.32 16.33 2.56
C GLU A 50 5.53 16.29 1.04
N ASN A 51 5.98 15.12 0.52
CA ASN A 51 6.09 14.77 -0.90
C ASN A 51 4.92 13.86 -1.33
N VAL A 52 4.28 13.17 -0.36
CA VAL A 52 3.32 12.07 -0.57
C VAL A 52 1.88 12.63 -0.56
N SER A 53 1.05 12.21 -1.53
CA SER A 53 -0.38 12.56 -1.64
C SER A 53 -1.24 11.34 -2.06
N PHE A 54 -2.54 11.37 -1.70
CA PHE A 54 -3.43 10.20 -1.61
C PHE A 54 -4.54 10.22 -2.69
N TYR A 55 -4.83 9.03 -3.26
CA TYR A 55 -5.91 8.68 -4.18
C TYR A 55 -6.91 7.69 -3.54
N ALA A 56 -7.95 7.32 -4.32
CA ALA A 56 -8.88 6.22 -4.06
C ALA A 56 -8.29 4.85 -4.46
N ASN A 57 -7.50 4.82 -5.56
CA ASN A 57 -6.85 3.61 -6.10
C ASN A 57 -5.67 3.98 -7.02
N ALA A 58 -5.01 2.95 -7.60
CA ALA A 58 -3.79 3.06 -8.40
C ALA A 58 -4.04 3.79 -9.73
N SER A 59 -5.09 3.39 -10.48
CA SER A 59 -5.48 3.93 -11.79
C SER A 59 -5.81 5.45 -11.69
N GLU A 60 -5.96 5.95 -10.46
CA GLU A 60 -6.00 7.39 -10.11
C GLU A 60 -4.59 8.00 -10.17
N ALA A 61 -3.63 7.36 -9.46
CA ALA A 61 -2.20 7.68 -9.47
C ALA A 61 -1.59 7.45 -10.87
N LEU A 62 -2.24 6.59 -11.67
CA LEU A 62 -2.03 6.40 -13.12
C LEU A 62 -2.47 7.66 -13.90
N ALA A 63 -3.64 8.21 -13.52
CA ALA A 63 -4.20 9.49 -13.98
C ALA A 63 -3.29 10.68 -13.60
N ALA A 64 -2.44 10.51 -12.58
CA ALA A 64 -1.38 11.45 -12.18
C ALA A 64 -0.13 11.30 -13.08
N GLY A 65 -0.05 10.17 -13.83
CA GLY A 65 1.04 9.83 -14.75
C GLY A 65 2.26 9.25 -13.99
N PHE A 66 2.01 8.37 -13.01
CA PHE A 66 3.02 7.74 -12.13
C PHE A 66 3.22 6.26 -12.52
N ARG A 67 4.30 5.63 -11.99
CA ARG A 67 4.65 4.22 -12.18
C ARG A 67 4.53 3.42 -10.86
N PRO A 68 4.26 2.10 -10.91
CA PRO A 68 3.98 1.24 -9.74
C PRO A 68 5.23 0.79 -8.96
N CYS A 69 5.33 1.21 -7.68
CA CYS A 69 6.47 1.00 -6.76
C CYS A 69 6.96 -0.46 -6.83
N LYS A 70 8.27 -0.72 -6.64
CA LYS A 70 8.93 -2.01 -6.81
C LYS A 70 8.69 -2.93 -5.59
N ARG A 71 7.77 -2.53 -4.69
CA ARG A 71 7.57 -3.05 -3.33
C ARG A 71 6.06 -3.17 -3.00
N CYS A 72 5.31 -2.08 -3.28
CA CYS A 72 3.87 -1.90 -3.02
C CYS A 72 3.02 -2.53 -4.14
N GLN A 73 2.99 -1.87 -5.31
CA GLN A 73 2.12 -2.15 -6.46
C GLN A 73 2.67 -3.37 -7.25
N PRO A 74 1.97 -4.52 -7.29
CA PRO A 74 2.49 -5.84 -7.68
C PRO A 74 3.66 -5.81 -8.70
N ASP A 75 4.89 -5.64 -8.18
CA ASP A 75 6.15 -5.47 -8.93
C ASP A 75 7.24 -6.43 -8.39
N LYS A 76 7.63 -6.28 -7.11
CA LYS A 76 8.32 -7.29 -6.31
C LYS A 76 7.40 -7.81 -5.19
N ALA A 77 6.24 -8.38 -5.56
CA ALA A 77 5.36 -9.19 -4.70
C ALA A 77 5.73 -10.68 -4.77
N ASN A 78 6.48 -11.18 -3.77
CA ASN A 78 7.11 -12.51 -3.75
C ASN A 78 6.05 -13.62 -3.61
N PRO A 79 5.55 -14.22 -4.72
CA PRO A 79 4.36 -15.08 -4.74
C PRO A 79 4.60 -16.45 -4.07
N ARG A 80 5.50 -17.26 -4.66
CA ARG A 80 5.68 -18.70 -4.46
C ARG A 80 4.46 -19.35 -3.77
N GLN A 81 4.65 -19.89 -2.55
CA GLN A 81 3.69 -20.66 -1.76
C GLN A 81 2.65 -21.38 -2.67
N HIS A 82 1.51 -20.71 -2.94
CA HIS A 82 0.38 -21.22 -3.73
C HIS A 82 -0.84 -20.27 -3.63
N ARG A 83 -1.70 -20.27 -4.66
CA ARG A 83 -3.05 -19.67 -4.65
C ARG A 83 -4.14 -20.76 -4.66
N LEU A 84 -4.81 -20.98 -3.53
CA LEU A 84 -5.79 -22.06 -3.27
C LEU A 84 -6.35 -22.00 -1.83
N ASP A 85 -7.66 -21.72 -1.70
CA ASP A 85 -8.39 -21.56 -0.43
C ASP A 85 -7.95 -22.62 0.60
N LYS A 86 -8.09 -23.92 0.25
CA LYS A 86 -7.72 -25.07 1.09
C LYS A 86 -8.33 -24.94 2.50
N ILE A 87 -7.91 -25.81 3.44
CA ILE A 87 -8.39 -25.90 4.82
C ILE A 87 -7.47 -25.05 5.72
N THR A 88 -8.02 -24.51 6.83
CA THR A 88 -7.30 -23.70 7.83
C THR A 88 -6.57 -24.62 8.83
N HIS A 89 -5.30 -24.29 9.15
CA HIS A 89 -4.40 -25.08 10.00
C HIS A 89 -3.60 -24.19 10.96
N ALA A 90 -3.04 -23.07 10.45
CA ALA A 90 -2.06 -22.21 11.13
C ALA A 90 -2.52 -21.90 12.57
N CYS A 91 -1.91 -22.59 13.56
CA CYS A 91 -2.02 -22.29 15.00
C CYS A 91 -3.46 -22.54 15.49
N ARG A 92 -3.80 -22.03 16.68
CA ARG A 92 -5.12 -22.13 17.31
C ARG A 92 -5.74 -20.74 17.49
ZN ZN B . 6.02 1.63 -2.05
#